data_7ZFV
# 
_entry.id   7ZFV 
# 
_audit_conform.dict_name       mmcif_pdbx.dic 
_audit_conform.dict_version    5.384 
_audit_conform.dict_location   http://mmcif.pdb.org/dictionaries/ascii/mmcif_pdbx.dic 
# 
loop_
_database_2.database_id 
_database_2.database_code 
_database_2.pdbx_database_accession 
_database_2.pdbx_DOI 
PDB   7ZFV         pdb_00007zfv 10.2210/pdb7zfv/pdb 
WWPDB D_1292122184 ?            ?                   
# 
loop_
_pdbx_audit_revision_history.ordinal 
_pdbx_audit_revision_history.data_content_type 
_pdbx_audit_revision_history.major_revision 
_pdbx_audit_revision_history.minor_revision 
_pdbx_audit_revision_history.revision_date 
1 'Structure model' 1 0 2022-11-23 
2 'Structure model' 1 1 2022-12-07 
3 'Structure model' 1 2 2024-01-31 
# 
_pdbx_audit_revision_details.ordinal             1 
_pdbx_audit_revision_details.revision_ordinal    1 
_pdbx_audit_revision_details.data_content_type   'Structure model' 
_pdbx_audit_revision_details.provider            repository 
_pdbx_audit_revision_details.type                'Initial release' 
_pdbx_audit_revision_details.description         ? 
_pdbx_audit_revision_details.details             ? 
# 
loop_
_pdbx_audit_revision_group.ordinal 
_pdbx_audit_revision_group.revision_ordinal 
_pdbx_audit_revision_group.data_content_type 
_pdbx_audit_revision_group.group 
1 2 'Structure model' 'Database references'    
2 3 'Structure model' 'Data collection'        
3 3 'Structure model' 'Refinement description' 
# 
loop_
_pdbx_audit_revision_category.ordinal 
_pdbx_audit_revision_category.revision_ordinal 
_pdbx_audit_revision_category.data_content_type 
_pdbx_audit_revision_category.category 
1 2 'Structure model' citation                      
2 2 'Structure model' citation_author               
3 3 'Structure model' chem_comp_atom                
4 3 'Structure model' chem_comp_bond                
5 3 'Structure model' pdbx_initial_refinement_model 
# 
loop_
_pdbx_audit_revision_item.ordinal 
_pdbx_audit_revision_item.revision_ordinal 
_pdbx_audit_revision_item.data_content_type 
_pdbx_audit_revision_item.item 
1 2 'Structure model' '_citation.journal_volume'          
2 2 'Structure model' '_citation.page_first'              
3 2 'Structure model' '_citation.page_last'               
4 2 'Structure model' '_citation_author.identifier_ORCID' 
# 
_pdbx_database_status.status_code                     REL 
_pdbx_database_status.status_code_sf                  REL 
_pdbx_database_status.status_code_mr                  ? 
_pdbx_database_status.entry_id                        7ZFV 
_pdbx_database_status.recvd_initial_deposition_date   2022-04-01 
_pdbx_database_status.SG_entry                        N 
_pdbx_database_status.deposit_site                    PDBE 
_pdbx_database_status.process_site                    PDBE 
_pdbx_database_status.status_code_cs                  ? 
_pdbx_database_status.status_code_nmr_data            ? 
_pdbx_database_status.methods_development_category    ? 
_pdbx_database_status.pdb_format_compatible           Y 
# 
_pdbx_contact_author.id                 2 
_pdbx_contact_author.email              martin.noble@ncl.ac.uk 
_pdbx_contact_author.name_first         Martin 
_pdbx_contact_author.name_last          Noble 
_pdbx_contact_author.name_mi            E.M. 
_pdbx_contact_author.role               'principal investigator/group leader' 
_pdbx_contact_author.identifier_ORCID   0000-0002-3595-9807 
# 
loop_
_audit_author.name 
_audit_author.pdbx_ordinal 
_audit_author.identifier_ORCID 
'Turberville, S.' 1 0000-0003-2173-9675 
'Martin, M.P.'    2 0000-0003-4810-3351 
'Hope, I.'        3 ?                   
'Noble, M.E.M.'   4 0000-0002-3595-9807 
# 
_citation.abstract                  ? 
_citation.abstract_id_CAS           ? 
_citation.book_id_ISBN              ? 
_citation.book_publisher            ? 
_citation.book_publisher_city       ? 
_citation.book_title                ? 
_citation.coordinate_linkage        ? 
_citation.country                   US 
_citation.database_id_Medline       ? 
_citation.details                   ? 
_citation.id                        primary 
_citation.journal_abbrev            J.Med.Chem. 
_citation.journal_id_ASTM           JMCMAR 
_citation.journal_id_CSD            0151 
_citation.journal_id_ISSN           0022-2623 
_citation.journal_full              ? 
_citation.journal_issue             ? 
_citation.journal_volume            65 
_citation.language                  ? 
_citation.page_first                15416 
_citation.page_last                 15432 
_citation.title                     
;Mapping Ligand Interactions of Bromodomains BRD4 and ATAD2 with FragLites and PepLites&#9472;Halogenated Probes of Druglike and Peptide-like Molecular Interactions.
;
_citation.year                      2022 
_citation.database_id_CSD           ? 
_citation.pdbx_database_id_DOI      10.1021/acs.jmedchem.2c01357 
_citation.pdbx_database_id_PubMed   36367089 
_citation.pdbx_database_id_patent   ? 
_citation.unpublished_flag          ? 
# 
loop_
_citation_author.citation_id 
_citation_author.name 
_citation_author.ordinal 
_citation_author.identifier_ORCID 
primary 'Davison, G.'       1  ? 
primary 'Martin, M.P.'      2  ? 
primary 'Turberville, S.'   3  ? 
primary 'Dormen, S.'        4  ? 
primary 'Heath, R.'         5  ? 
primary 'Heptinstall, A.B.' 6  ? 
primary 'Lawson, M.'        7  ? 
primary 'Miller, D.C.'      8  ? 
primary 'Ng, Y.M.'          9  ? 
primary 'Sanderson, J.N.'   10 ? 
primary 'Hope, I.'          11 ? 
primary 'Wood, D.J.'        12 ? 
primary 'Cano, C.'          13 ? 
primary 'Endicott, J.A.'    14 ? 
primary 'Hardcastle, I.R.'  15 ? 
primary 'Noble, M.E.M.'     16 ? 
primary 'Waring, M.J.'      17 ? 
# 
loop_
_entity.id 
_entity.type 
_entity.src_method 
_entity.pdbx_description 
_entity.formula_weight 
_entity.pdbx_number_of_molecules 
_entity.pdbx_ec 
_entity.pdbx_mutation 
_entity.pdbx_fragment 
_entity.details 
1 polymer     man 'Bromodomain-containing protein 4'                            15294.578 1   ? ? ? ? 
2 non-polymer syn GLYCEROL                                                      92.094    1   ? ? ? ? 
3 non-polymer syn '(2~{S})-2-acetamido-~{N}-(3-bromanylprop-2-ynyl)propanamide' 247.089   1   ? ? ? ? 
4 water       nat water                                                         18.015    158 ? ? ? ? 
# 
_entity_name_com.entity_id   1 
_entity_name_com.name        'Protein HUNK1' 
# 
_entity_poly.entity_id                      1 
_entity_poly.type                           'polypeptide(L)' 
_entity_poly.nstd_linkage                   no 
_entity_poly.nstd_monomer                   no 
_entity_poly.pdbx_seq_one_letter_code       
;GSHMNPPPPETSNPNKPKRQTNQLQYLLRVVLKTLWKHQFAWPFQQPVDAVKLNLPDYYKIIKTPMDMGTIKKRLENNYY
WNAQECIQDFNTMFTNCYIYNKPGDDIVLMAEALEKLFLQKINELPTEE
;
_entity_poly.pdbx_seq_one_letter_code_can   
;GSHMNPPPPETSNPNKPKRQTNQLQYLLRVVLKTLWKHQFAWPFQQPVDAVKLNLPDYYKIIKTPMDMGTIKKRLENNYY
WNAQECIQDFNTMFTNCYIYNKPGDDIVLMAEALEKLFLQKINELPTEE
;
_entity_poly.pdbx_strand_id                 A 
_entity_poly.pdbx_target_identifier         ? 
# 
loop_
_pdbx_entity_nonpoly.entity_id 
_pdbx_entity_nonpoly.name 
_pdbx_entity_nonpoly.comp_id 
2 GLYCEROL                                                      GOL 
3 '(2~{S})-2-acetamido-~{N}-(3-bromanylprop-2-ynyl)propanamide' IJR 
4 water                                                         HOH 
# 
loop_
_entity_poly_seq.entity_id 
_entity_poly_seq.num 
_entity_poly_seq.mon_id 
_entity_poly_seq.hetero 
1 1   GLY n 
1 2   SER n 
1 3   HIS n 
1 4   MET n 
1 5   ASN n 
1 6   PRO n 
1 7   PRO n 
1 8   PRO n 
1 9   PRO n 
1 10  GLU n 
1 11  THR n 
1 12  SER n 
1 13  ASN n 
1 14  PRO n 
1 15  ASN n 
1 16  LYS n 
1 17  PRO n 
1 18  LYS n 
1 19  ARG n 
1 20  GLN n 
1 21  THR n 
1 22  ASN n 
1 23  GLN n 
1 24  LEU n 
1 25  GLN n 
1 26  TYR n 
1 27  LEU n 
1 28  LEU n 
1 29  ARG n 
1 30  VAL n 
1 31  VAL n 
1 32  LEU n 
1 33  LYS n 
1 34  THR n 
1 35  LEU n 
1 36  TRP n 
1 37  LYS n 
1 38  HIS n 
1 39  GLN n 
1 40  PHE n 
1 41  ALA n 
1 42  TRP n 
1 43  PRO n 
1 44  PHE n 
1 45  GLN n 
1 46  GLN n 
1 47  PRO n 
1 48  VAL n 
1 49  ASP n 
1 50  ALA n 
1 51  VAL n 
1 52  LYS n 
1 53  LEU n 
1 54  ASN n 
1 55  LEU n 
1 56  PRO n 
1 57  ASP n 
1 58  TYR n 
1 59  TYR n 
1 60  LYS n 
1 61  ILE n 
1 62  ILE n 
1 63  LYS n 
1 64  THR n 
1 65  PRO n 
1 66  MET n 
1 67  ASP n 
1 68  MET n 
1 69  GLY n 
1 70  THR n 
1 71  ILE n 
1 72  LYS n 
1 73  LYS n 
1 74  ARG n 
1 75  LEU n 
1 76  GLU n 
1 77  ASN n 
1 78  ASN n 
1 79  TYR n 
1 80  TYR n 
1 81  TRP n 
1 82  ASN n 
1 83  ALA n 
1 84  GLN n 
1 85  GLU n 
1 86  CYS n 
1 87  ILE n 
1 88  GLN n 
1 89  ASP n 
1 90  PHE n 
1 91  ASN n 
1 92  THR n 
1 93  MET n 
1 94  PHE n 
1 95  THR n 
1 96  ASN n 
1 97  CYS n 
1 98  TYR n 
1 99  ILE n 
1 100 TYR n 
1 101 ASN n 
1 102 LYS n 
1 103 PRO n 
1 104 GLY n 
1 105 ASP n 
1 106 ASP n 
1 107 ILE n 
1 108 VAL n 
1 109 LEU n 
1 110 MET n 
1 111 ALA n 
1 112 GLU n 
1 113 ALA n 
1 114 LEU n 
1 115 GLU n 
1 116 LYS n 
1 117 LEU n 
1 118 PHE n 
1 119 LEU n 
1 120 GLN n 
1 121 LYS n 
1 122 ILE n 
1 123 ASN n 
1 124 GLU n 
1 125 LEU n 
1 126 PRO n 
1 127 THR n 
1 128 GLU n 
1 129 GLU n 
# 
_entity_src_gen.entity_id                          1 
_entity_src_gen.pdbx_src_id                        1 
_entity_src_gen.pdbx_alt_source_flag               sample 
_entity_src_gen.pdbx_seq_type                      'Biological sequence' 
_entity_src_gen.pdbx_beg_seq_num                   1 
_entity_src_gen.pdbx_end_seq_num                   129 
_entity_src_gen.gene_src_common_name               human 
_entity_src_gen.gene_src_genus                     ? 
_entity_src_gen.pdbx_gene_src_gene                 'BRD4, HUNK1' 
_entity_src_gen.gene_src_species                   ? 
_entity_src_gen.gene_src_strain                    ? 
_entity_src_gen.gene_src_tissue                    ? 
_entity_src_gen.gene_src_tissue_fraction           ? 
_entity_src_gen.gene_src_details                   ? 
_entity_src_gen.pdbx_gene_src_fragment             ? 
_entity_src_gen.pdbx_gene_src_scientific_name      'Homo sapiens' 
_entity_src_gen.pdbx_gene_src_ncbi_taxonomy_id     9606 
_entity_src_gen.pdbx_gene_src_variant              ? 
_entity_src_gen.pdbx_gene_src_cell_line            ? 
_entity_src_gen.pdbx_gene_src_atcc                 ? 
_entity_src_gen.pdbx_gene_src_organ                ? 
_entity_src_gen.pdbx_gene_src_organelle            ? 
_entity_src_gen.pdbx_gene_src_cell                 ? 
_entity_src_gen.pdbx_gene_src_cellular_location    ? 
_entity_src_gen.host_org_common_name               ? 
_entity_src_gen.pdbx_host_org_scientific_name      'Escherichia coli BL21(DE3)' 
_entity_src_gen.pdbx_host_org_ncbi_taxonomy_id     469008 
_entity_src_gen.host_org_genus                     ? 
_entity_src_gen.pdbx_host_org_gene                 ? 
_entity_src_gen.pdbx_host_org_organ                ? 
_entity_src_gen.host_org_species                   ? 
_entity_src_gen.pdbx_host_org_tissue               ? 
_entity_src_gen.pdbx_host_org_tissue_fraction      ? 
_entity_src_gen.pdbx_host_org_strain               ? 
_entity_src_gen.pdbx_host_org_variant              ? 
_entity_src_gen.pdbx_host_org_cell_line            ? 
_entity_src_gen.pdbx_host_org_atcc                 ? 
_entity_src_gen.pdbx_host_org_culture_collection   ? 
_entity_src_gen.pdbx_host_org_cell                 ? 
_entity_src_gen.pdbx_host_org_organelle            ? 
_entity_src_gen.pdbx_host_org_cellular_location    ? 
_entity_src_gen.pdbx_host_org_vector_type          ? 
_entity_src_gen.pdbx_host_org_vector               ? 
_entity_src_gen.host_org_details                   ? 
_entity_src_gen.expression_system_id               ? 
_entity_src_gen.plasmid_name                       pET28b 
_entity_src_gen.plasmid_details                    ? 
_entity_src_gen.pdbx_description                   ? 
# 
loop_
_chem_comp.id 
_chem_comp.type 
_chem_comp.mon_nstd_flag 
_chem_comp.name 
_chem_comp.pdbx_synonyms 
_chem_comp.formula 
_chem_comp.formula_weight 
ALA 'L-peptide linking' y ALANINE                                                       ?                               
'C3 H7 N O2'      89.093  
ARG 'L-peptide linking' y ARGININE                                                      ?                               
'C6 H15 N4 O2 1'  175.209 
ASN 'L-peptide linking' y ASPARAGINE                                                    ?                               
'C4 H8 N2 O3'     132.118 
ASP 'L-peptide linking' y 'ASPARTIC ACID'                                               ?                               
'C4 H7 N O4'      133.103 
CYS 'L-peptide linking' y CYSTEINE                                                      ?                               
'C3 H7 N O2 S'    121.158 
GLN 'L-peptide linking' y GLUTAMINE                                                     ?                               
'C5 H10 N2 O3'    146.144 
GLU 'L-peptide linking' y 'GLUTAMIC ACID'                                               ?                               
'C5 H9 N O4'      147.129 
GLY 'peptide linking'   y GLYCINE                                                       ?                               
'C2 H5 N O2'      75.067  
GOL non-polymer         . GLYCEROL                                                      'GLYCERIN; PROPANE-1,2,3-TRIOL' 'C3 H8 O3' 
92.094  
HIS 'L-peptide linking' y HISTIDINE                                                     ?                               
'C6 H10 N3 O2 1'  156.162 
HOH non-polymer         . WATER                                                         ?                               'H2 O' 
18.015  
IJR non-polymer         . '(2~{S})-2-acetamido-~{N}-(3-bromanylprop-2-ynyl)propanamide' ?                               
'C8 H11 Br N2 O2' 247.089 
ILE 'L-peptide linking' y ISOLEUCINE                                                    ?                               
'C6 H13 N O2'     131.173 
LEU 'L-peptide linking' y LEUCINE                                                       ?                               
'C6 H13 N O2'     131.173 
LYS 'L-peptide linking' y LYSINE                                                        ?                               
'C6 H15 N2 O2 1'  147.195 
MET 'L-peptide linking' y METHIONINE                                                    ?                               
'C5 H11 N O2 S'   149.211 
PHE 'L-peptide linking' y PHENYLALANINE                                                 ?                               
'C9 H11 N O2'     165.189 
PRO 'L-peptide linking' y PROLINE                                                       ?                               
'C5 H9 N O2'      115.130 
SER 'L-peptide linking' y SERINE                                                        ?                               
'C3 H7 N O3'      105.093 
THR 'L-peptide linking' y THREONINE                                                     ?                               
'C4 H9 N O3'      119.119 
TRP 'L-peptide linking' y TRYPTOPHAN                                                    ?                               
'C11 H12 N2 O2'   204.225 
TYR 'L-peptide linking' y TYROSINE                                                      ?                               
'C9 H11 N O3'     181.189 
VAL 'L-peptide linking' y VALINE                                                        ?                               
'C5 H11 N O2'     117.146 
# 
loop_
_pdbx_poly_seq_scheme.asym_id 
_pdbx_poly_seq_scheme.entity_id 
_pdbx_poly_seq_scheme.seq_id 
_pdbx_poly_seq_scheme.mon_id 
_pdbx_poly_seq_scheme.ndb_seq_num 
_pdbx_poly_seq_scheme.pdb_seq_num 
_pdbx_poly_seq_scheme.auth_seq_num 
_pdbx_poly_seq_scheme.pdb_mon_id 
_pdbx_poly_seq_scheme.auth_mon_id 
_pdbx_poly_seq_scheme.pdb_strand_id 
_pdbx_poly_seq_scheme.pdb_ins_code 
_pdbx_poly_seq_scheme.hetero 
A 1 1   GLY 1   40  40  GLY GLY A . n 
A 1 2   SER 2   41  41  SER SER A . n 
A 1 3   HIS 3   42  42  HIS HIS A . n 
A 1 4   MET 4   43  43  MET MET A . n 
A 1 5   ASN 5   44  44  ASN ASN A . n 
A 1 6   PRO 6   45  45  PRO PRO A . n 
A 1 7   PRO 7   46  46  PRO PRO A . n 
A 1 8   PRO 8   47  47  PRO PRO A . n 
A 1 9   PRO 9   48  48  PRO PRO A . n 
A 1 10  GLU 10  49  49  GLU GLU A . n 
A 1 11  THR 11  50  50  THR THR A . n 
A 1 12  SER 12  51  51  SER SER A . n 
A 1 13  ASN 13  52  52  ASN ASN A . n 
A 1 14  PRO 14  53  53  PRO PRO A . n 
A 1 15  ASN 15  54  54  ASN ASN A . n 
A 1 16  LYS 16  55  55  LYS LYS A . n 
A 1 17  PRO 17  56  56  PRO PRO A . n 
A 1 18  LYS 18  57  57  LYS LYS A . n 
A 1 19  ARG 19  58  58  ARG ARG A . n 
A 1 20  GLN 20  59  59  GLN GLN A . n 
A 1 21  THR 21  60  60  THR THR A . n 
A 1 22  ASN 22  61  61  ASN ASN A . n 
A 1 23  GLN 23  62  62  GLN GLN A . n 
A 1 24  LEU 24  63  63  LEU LEU A . n 
A 1 25  GLN 25  64  64  GLN GLN A . n 
A 1 26  TYR 26  65  65  TYR TYR A . n 
A 1 27  LEU 27  66  66  LEU LEU A . n 
A 1 28  LEU 28  67  67  LEU LEU A . n 
A 1 29  ARG 29  68  68  ARG ARG A . n 
A 1 30  VAL 30  69  69  VAL VAL A . n 
A 1 31  VAL 31  70  70  VAL VAL A . n 
A 1 32  LEU 32  71  71  LEU LEU A . n 
A 1 33  LYS 33  72  72  LYS LYS A . n 
A 1 34  THR 34  73  73  THR THR A . n 
A 1 35  LEU 35  74  74  LEU LEU A . n 
A 1 36  TRP 36  75  75  TRP TRP A . n 
A 1 37  LYS 37  76  76  LYS LYS A . n 
A 1 38  HIS 38  77  77  HIS HIS A . n 
A 1 39  GLN 39  78  78  GLN GLN A . n 
A 1 40  PHE 40  79  79  PHE PHE A . n 
A 1 41  ALA 41  80  80  ALA ALA A . n 
A 1 42  TRP 42  81  81  TRP TRP A . n 
A 1 43  PRO 43  82  82  PRO PRO A . n 
A 1 44  PHE 44  83  83  PHE PHE A . n 
A 1 45  GLN 45  84  84  GLN GLN A . n 
A 1 46  GLN 46  85  85  GLN GLN A . n 
A 1 47  PRO 47  86  86  PRO PRO A . n 
A 1 48  VAL 48  87  87  VAL VAL A . n 
A 1 49  ASP 49  88  88  ASP ASP A . n 
A 1 50  ALA 50  89  89  ALA ALA A . n 
A 1 51  VAL 51  90  90  VAL VAL A . n 
A 1 52  LYS 52  91  91  LYS LYS A . n 
A 1 53  LEU 53  92  92  LEU LEU A . n 
A 1 54  ASN 54  93  93  ASN ASN A . n 
A 1 55  LEU 55  94  94  LEU LEU A . n 
A 1 56  PRO 56  95  95  PRO PRO A . n 
A 1 57  ASP 57  96  96  ASP ASP A . n 
A 1 58  TYR 58  97  97  TYR TYR A . n 
A 1 59  TYR 59  98  98  TYR TYR A . n 
A 1 60  LYS 60  99  99  LYS LYS A . n 
A 1 61  ILE 61  100 100 ILE ILE A . n 
A 1 62  ILE 62  101 101 ILE ILE A . n 
A 1 63  LYS 63  102 102 LYS LYS A . n 
A 1 64  THR 64  103 103 THR THR A . n 
A 1 65  PRO 65  104 104 PRO PRO A . n 
A 1 66  MET 66  105 105 MET MET A . n 
A 1 67  ASP 67  106 106 ASP ASP A . n 
A 1 68  MET 68  107 107 MET MET A . n 
A 1 69  GLY 69  108 108 GLY GLY A . n 
A 1 70  THR 70  109 109 THR THR A . n 
A 1 71  ILE 71  110 110 ILE ILE A . n 
A 1 72  LYS 72  111 111 LYS LYS A . n 
A 1 73  LYS 73  112 112 LYS LYS A . n 
A 1 74  ARG 74  113 113 ARG ARG A . n 
A 1 75  LEU 75  114 114 LEU LEU A . n 
A 1 76  GLU 76  115 115 GLU GLU A . n 
A 1 77  ASN 77  116 116 ASN ASN A . n 
A 1 78  ASN 78  117 117 ASN ASN A . n 
A 1 79  TYR 79  118 118 TYR TYR A . n 
A 1 80  TYR 80  119 119 TYR TYR A . n 
A 1 81  TRP 81  120 120 TRP TRP A . n 
A 1 82  ASN 82  121 121 ASN ASN A . n 
A 1 83  ALA 83  122 122 ALA ALA A . n 
A 1 84  GLN 84  123 123 GLN GLN A . n 
A 1 85  GLU 85  124 124 GLU GLU A . n 
A 1 86  CYS 86  125 125 CYS CYS A . n 
A 1 87  ILE 87  126 126 ILE ILE A . n 
A 1 88  GLN 88  127 127 GLN GLN A . n 
A 1 89  ASP 89  128 128 ASP ASP A . n 
A 1 90  PHE 90  129 129 PHE PHE A . n 
A 1 91  ASN 91  130 130 ASN ASN A . n 
A 1 92  THR 92  131 131 THR THR A . n 
A 1 93  MET 93  132 132 MET MET A . n 
A 1 94  PHE 94  133 133 PHE PHE A . n 
A 1 95  THR 95  134 134 THR THR A . n 
A 1 96  ASN 96  135 135 ASN ASN A . n 
A 1 97  CYS 97  136 136 CYS CYS A . n 
A 1 98  TYR 98  137 137 TYR TYR A . n 
A 1 99  ILE 99  138 138 ILE ILE A . n 
A 1 100 TYR 100 139 139 TYR TYR A . n 
A 1 101 ASN 101 140 140 ASN ASN A . n 
A 1 102 LYS 102 141 141 LYS LYS A . n 
A 1 103 PRO 103 142 142 PRO PRO A . n 
A 1 104 GLY 104 143 143 GLY GLY A . n 
A 1 105 ASP 105 144 144 ASP ASP A . n 
A 1 106 ASP 106 145 145 ASP ASP A . n 
A 1 107 ILE 107 146 146 ILE ILE A . n 
A 1 108 VAL 108 147 147 VAL VAL A . n 
A 1 109 LEU 109 148 148 LEU LEU A . n 
A 1 110 MET 110 149 149 MET MET A . n 
A 1 111 ALA 111 150 150 ALA ALA A . n 
A 1 112 GLU 112 151 151 GLU GLU A . n 
A 1 113 ALA 113 152 152 ALA ALA A . n 
A 1 114 LEU 114 153 153 LEU LEU A . n 
A 1 115 GLU 115 154 154 GLU GLU A . n 
A 1 116 LYS 116 155 155 LYS LYS A . n 
A 1 117 LEU 117 156 156 LEU LEU A . n 
A 1 118 PHE 118 157 157 PHE PHE A . n 
A 1 119 LEU 119 158 158 LEU LEU A . n 
A 1 120 GLN 120 159 159 GLN GLN A . n 
A 1 121 LYS 121 160 160 LYS LYS A . n 
A 1 122 ILE 122 161 161 ILE ILE A . n 
A 1 123 ASN 123 162 162 ASN ASN A . n 
A 1 124 GLU 124 163 163 GLU GLU A . n 
A 1 125 LEU 125 164 164 LEU LEU A . n 
A 1 126 PRO 126 165 165 PRO PRO A . n 
A 1 127 THR 127 166 166 THR THR A . n 
A 1 128 GLU 128 167 167 GLU GLU A . n 
A 1 129 GLU 129 168 168 GLU GLU A . n 
# 
loop_
_pdbx_nonpoly_scheme.asym_id 
_pdbx_nonpoly_scheme.entity_id 
_pdbx_nonpoly_scheme.mon_id 
_pdbx_nonpoly_scheme.ndb_seq_num 
_pdbx_nonpoly_scheme.pdb_seq_num 
_pdbx_nonpoly_scheme.auth_seq_num 
_pdbx_nonpoly_scheme.pdb_mon_id 
_pdbx_nonpoly_scheme.auth_mon_id 
_pdbx_nonpoly_scheme.pdb_strand_id 
_pdbx_nonpoly_scheme.pdb_ins_code 
B 2 GOL 1   301 301 GOL GOL A . 
C 3 IJR 1   302 501 IJR DRG A . 
D 4 HOH 1   401 208 HOH HOH A . 
D 4 HOH 2   402 183 HOH HOH A . 
D 4 HOH 3   403 135 HOH HOH A . 
D 4 HOH 4   404 222 HOH HOH A . 
D 4 HOH 5   405 211 HOH HOH A . 
D 4 HOH 6   406 136 HOH HOH A . 
D 4 HOH 7   407 81  HOH HOH A . 
D 4 HOH 8   408 121 HOH HOH A . 
D 4 HOH 9   409 128 HOH HOH A . 
D 4 HOH 10  410 88  HOH HOH A . 
D 4 HOH 11  411 71  HOH HOH A . 
D 4 HOH 12  412 14  HOH HOH A . 
D 4 HOH 13  413 200 HOH HOH A . 
D 4 HOH 14  414 94  HOH HOH A . 
D 4 HOH 15  415 112 HOH HOH A . 
D 4 HOH 16  416 165 HOH HOH A . 
D 4 HOH 17  417 27  HOH HOH A . 
D 4 HOH 18  418 10  HOH HOH A . 
D 4 HOH 19  419 25  HOH HOH A . 
D 4 HOH 20  420 83  HOH HOH A . 
D 4 HOH 21  421 185 HOH HOH A . 
D 4 HOH 22  422 4   HOH HOH A . 
D 4 HOH 23  423 82  HOH HOH A . 
D 4 HOH 24  424 139 HOH HOH A . 
D 4 HOH 25  425 172 HOH HOH A . 
D 4 HOH 26  426 175 HOH HOH A . 
D 4 HOH 27  427 206 HOH HOH A . 
D 4 HOH 28  428 26  HOH HOH A . 
D 4 HOH 29  429 199 HOH HOH A . 
D 4 HOH 30  430 11  HOH HOH A . 
D 4 HOH 31  431 37  HOH HOH A . 
D 4 HOH 32  432 19  HOH HOH A . 
D 4 HOH 33  433 223 HOH HOH A . 
D 4 HOH 34  434 47  HOH HOH A . 
D 4 HOH 35  435 210 HOH HOH A . 
D 4 HOH 36  436 170 HOH HOH A . 
D 4 HOH 37  437 168 HOH HOH A . 
D 4 HOH 38  438 49  HOH HOH A . 
D 4 HOH 39  439 148 HOH HOH A . 
D 4 HOH 40  440 90  HOH HOH A . 
D 4 HOH 41  441 2   HOH HOH A . 
D 4 HOH 42  442 22  HOH HOH A . 
D 4 HOH 43  443 50  HOH HOH A . 
D 4 HOH 44  444 218 HOH HOH A . 
D 4 HOH 45  445 53  HOH HOH A . 
D 4 HOH 46  446 17  HOH HOH A . 
D 4 HOH 47  447 58  HOH HOH A . 
D 4 HOH 48  448 140 HOH HOH A . 
D 4 HOH 49  449 164 HOH HOH A . 
D 4 HOH 50  450 63  HOH HOH A . 
D 4 HOH 51  451 51  HOH HOH A . 
D 4 HOH 52  452 122 HOH HOH A . 
D 4 HOH 53  453 43  HOH HOH A . 
D 4 HOH 54  454 62  HOH HOH A . 
D 4 HOH 55  455 201 HOH HOH A . 
D 4 HOH 56  456 12  HOH HOH A . 
D 4 HOH 57  457 171 HOH HOH A . 
D 4 HOH 58  458 195 HOH HOH A . 
D 4 HOH 59  459 70  HOH HOH A . 
D 4 HOH 60  460 209 HOH HOH A . 
D 4 HOH 61  461 6   HOH HOH A . 
D 4 HOH 62  462 8   HOH HOH A . 
D 4 HOH 63  463 74  HOH HOH A . 
D 4 HOH 64  464 1   HOH HOH A . 
D 4 HOH 65  465 38  HOH HOH A . 
D 4 HOH 66  466 212 HOH HOH A . 
D 4 HOH 67  467 36  HOH HOH A . 
D 4 HOH 68  468 207 HOH HOH A . 
D 4 HOH 69  469 150 HOH HOH A . 
D 4 HOH 70  470 202 HOH HOH A . 
D 4 HOH 71  471 20  HOH HOH A . 
D 4 HOH 72  472 21  HOH HOH A . 
D 4 HOH 73  473 13  HOH HOH A . 
D 4 HOH 74  474 92  HOH HOH A . 
D 4 HOH 75  475 9   HOH HOH A . 
D 4 HOH 76  476 69  HOH HOH A . 
D 4 HOH 77  477 33  HOH HOH A . 
D 4 HOH 78  478 204 HOH HOH A . 
D 4 HOH 79  479 215 HOH HOH A . 
D 4 HOH 80  480 23  HOH HOH A . 
D 4 HOH 81  481 104 HOH HOH A . 
D 4 HOH 82  482 198 HOH HOH A . 
D 4 HOH 83  483 154 HOH HOH A . 
D 4 HOH 84  484 95  HOH HOH A . 
D 4 HOH 85  485 125 HOH HOH A . 
D 4 HOH 86  486 197 HOH HOH A . 
D 4 HOH 87  487 5   HOH HOH A . 
D 4 HOH 88  488 3   HOH HOH A . 
D 4 HOH 89  489 7   HOH HOH A . 
D 4 HOH 90  490 77  HOH HOH A . 
D 4 HOH 91  491 153 HOH HOH A . 
D 4 HOH 92  492 39  HOH HOH A . 
D 4 HOH 93  493 35  HOH HOH A . 
D 4 HOH 94  494 18  HOH HOH A . 
D 4 HOH 95  495 41  HOH HOH A . 
D 4 HOH 96  496 216 HOH HOH A . 
D 4 HOH 97  497 34  HOH HOH A . 
D 4 HOH 98  498 45  HOH HOH A . 
D 4 HOH 99  499 86  HOH HOH A . 
D 4 HOH 100 500 67  HOH HOH A . 
D 4 HOH 101 501 114 HOH HOH A . 
D 4 HOH 102 502 221 HOH HOH A . 
D 4 HOH 103 503 44  HOH HOH A . 
D 4 HOH 104 504 174 HOH HOH A . 
D 4 HOH 105 505 31  HOH HOH A . 
D 4 HOH 106 506 196 HOH HOH A . 
D 4 HOH 107 507 141 HOH HOH A . 
D 4 HOH 108 508 214 HOH HOH A . 
D 4 HOH 109 509 15  HOH HOH A . 
D 4 HOH 110 510 137 HOH HOH A . 
D 4 HOH 111 511 101 HOH HOH A . 
D 4 HOH 112 512 66  HOH HOH A . 
D 4 HOH 113 513 203 HOH HOH A . 
D 4 HOH 114 514 115 HOH HOH A . 
D 4 HOH 115 515 110 HOH HOH A . 
D 4 HOH 116 516 48  HOH HOH A . 
D 4 HOH 117 517 75  HOH HOH A . 
D 4 HOH 118 518 161 HOH HOH A . 
D 4 HOH 119 519 162 HOH HOH A . 
D 4 HOH 120 520 117 HOH HOH A . 
D 4 HOH 121 521 32  HOH HOH A . 
D 4 HOH 122 522 182 HOH HOH A . 
D 4 HOH 123 523 151 HOH HOH A . 
D 4 HOH 124 524 133 HOH HOH A . 
D 4 HOH 125 525 181 HOH HOH A . 
D 4 HOH 126 526 98  HOH HOH A . 
D 4 HOH 127 527 100 HOH HOH A . 
D 4 HOH 128 528 217 HOH HOH A . 
D 4 HOH 129 529 134 HOH HOH A . 
D 4 HOH 130 530 160 HOH HOH A . 
D 4 HOH 131 531 142 HOH HOH A . 
D 4 HOH 132 532 220 HOH HOH A . 
D 4 HOH 133 533 186 HOH HOH A . 
D 4 HOH 134 534 73  HOH HOH A . 
D 4 HOH 135 535 126 HOH HOH A . 
D 4 HOH 136 536 192 HOH HOH A . 
D 4 HOH 137 537 61  HOH HOH A . 
D 4 HOH 138 538 76  HOH HOH A . 
D 4 HOH 139 539 219 HOH HOH A . 
D 4 HOH 140 540 159 HOH HOH A . 
D 4 HOH 141 541 72  HOH HOH A . 
D 4 HOH 142 542 205 HOH HOH A . 
D 4 HOH 143 543 131 HOH HOH A . 
D 4 HOH 144 544 145 HOH HOH A . 
D 4 HOH 145 545 29  HOH HOH A . 
D 4 HOH 146 546 191 HOH HOH A . 
D 4 HOH 147 547 132 HOH HOH A . 
D 4 HOH 148 548 123 HOH HOH A . 
D 4 HOH 149 549 60  HOH HOH A . 
D 4 HOH 150 550 78  HOH HOH A . 
D 4 HOH 151 551 84  HOH HOH A . 
D 4 HOH 152 552 163 HOH HOH A . 
D 4 HOH 153 553 187 HOH HOH A . 
D 4 HOH 154 554 189 HOH HOH A . 
D 4 HOH 155 555 213 HOH HOH A . 
D 4 HOH 156 556 138 HOH HOH A . 
D 4 HOH 157 557 194 HOH HOH A . 
D 4 HOH 158 558 85  HOH HOH A . 
# 
loop_
_software.citation_id 
_software.classification 
_software.compiler_name 
_software.compiler_version 
_software.contact_author 
_software.contact_author_email 
_software.date 
_software.description 
_software.dependencies 
_software.hardware 
_software.language 
_software.location 
_software.mods 
_software.name 
_software.os 
_software.os_version 
_software.type 
_software.version 
_software.pdbx_ordinal 
? refinement       ? ? ? ? ? ? ? ? ? ? ? REFMAC  ? ? ? 5.8.0314 1 
? refinement       ? ? ? ? ? ? ? ? ? ? ? REFMAC  ? ? ? 5.8.0314 2 
? 'data scaling'   ? ? ? ? ? ? ? ? ? ? ? Aimless ? ? ? 0.7.4    3 
? 'data reduction' ? ? ? ? ? ? ? ? ? ? ? xia2    ? ? ? .        4 
? phasing          ? ? ? ? ? ? ? ? ? ? ? PHASER  ? ? ? .        5 
# 
_cell.angle_alpha                  90.000 
_cell.angle_alpha_esd              ? 
_cell.angle_beta                   90.000 
_cell.angle_beta_esd               ? 
_cell.angle_gamma                  90.000 
_cell.angle_gamma_esd              ? 
_cell.entry_id                     7ZFV 
_cell.details                      ? 
_cell.formula_units_Z              ? 
_cell.length_a                     37.890 
_cell.length_a_esd                 ? 
_cell.length_b                     43.309 
_cell.length_b_esd                 ? 
_cell.length_c                     79.154 
_cell.length_c_esd                 ? 
_cell.volume                       ? 
_cell.volume_esd                   ? 
_cell.Z_PDB                        4 
_cell.reciprocal_angle_alpha       ? 
_cell.reciprocal_angle_beta        ? 
_cell.reciprocal_angle_gamma       ? 
_cell.reciprocal_angle_alpha_esd   ? 
_cell.reciprocal_angle_beta_esd    ? 
_cell.reciprocal_angle_gamma_esd   ? 
_cell.reciprocal_length_a          ? 
_cell.reciprocal_length_b          ? 
_cell.reciprocal_length_c          ? 
_cell.reciprocal_length_a_esd      ? 
_cell.reciprocal_length_b_esd      ? 
_cell.reciprocal_length_c_esd      ? 
_cell.pdbx_unique_axis             ? 
# 
_symmetry.entry_id                         7ZFV 
_symmetry.cell_setting                     ? 
_symmetry.Int_Tables_number                19 
_symmetry.space_group_name_Hall            ? 
_symmetry.space_group_name_H-M             'P 21 21 21' 
_symmetry.pdbx_full_space_group_name_H-M   ? 
# 
_exptl.absorpt_coefficient_mu     ? 
_exptl.absorpt_correction_T_max   ? 
_exptl.absorpt_correction_T_min   ? 
_exptl.absorpt_correction_type    ? 
_exptl.absorpt_process_details    ? 
_exptl.entry_id                   7ZFV 
_exptl.crystals_number            1 
_exptl.details                    ? 
_exptl.method                     'X-RAY DIFFRACTION' 
_exptl.method_details             ? 
# 
_exptl_crystal.colour                      ? 
_exptl_crystal.density_diffrn              ? 
_exptl_crystal.density_Matthews            2.12 
_exptl_crystal.density_method              ? 
_exptl_crystal.density_percent_sol         42.07 
_exptl_crystal.description                 ? 
_exptl_crystal.F_000                       ? 
_exptl_crystal.id                          1 
_exptl_crystal.preparation                 ? 
_exptl_crystal.size_max                    ? 
_exptl_crystal.size_mid                    ? 
_exptl_crystal.size_min                    ? 
_exptl_crystal.size_rad                    ? 
_exptl_crystal.colour_lustre               ? 
_exptl_crystal.colour_modifier             ? 
_exptl_crystal.colour_primary              ? 
_exptl_crystal.density_meas                ? 
_exptl_crystal.density_meas_esd            ? 
_exptl_crystal.density_meas_gt             ? 
_exptl_crystal.density_meas_lt             ? 
_exptl_crystal.density_meas_temp           ? 
_exptl_crystal.density_meas_temp_esd       ? 
_exptl_crystal.density_meas_temp_gt        ? 
_exptl_crystal.density_meas_temp_lt        ? 
_exptl_crystal.pdbx_crystal_image_url      ? 
_exptl_crystal.pdbx_crystal_image_format   ? 
_exptl_crystal.pdbx_mosaicity              ? 
_exptl_crystal.pdbx_mosaicity_esd          ? 
# 
_exptl_crystal_grow.apparatus       ? 
_exptl_crystal_grow.atmosphere      ? 
_exptl_crystal_grow.crystal_id      1 
_exptl_crystal_grow.details         ? 
_exptl_crystal_grow.method          'VAPOR DIFFUSION, SITTING DROP' 
_exptl_crystal_grow.method_ref      ? 
_exptl_crystal_grow.pH              8.5 
_exptl_crystal_grow.pressure        ? 
_exptl_crystal_grow.pressure_esd    ? 
_exptl_crystal_grow.seeding         ? 
_exptl_crystal_grow.seeding_ref     ? 
_exptl_crystal_grow.temp            293 
_exptl_crystal_grow.temp_details    ? 
_exptl_crystal_grow.temp_esd        ? 
_exptl_crystal_grow.time            ? 
_exptl_crystal_grow.pdbx_details    
;0.1 M Buffer system 3 (1 M Tris, 1 M BICINE, pH 8.5), 34-44% Precipitant Solution 3 (20% PEG 4000, 40%) and 60-80 mM Halogens Mix (NaF, NaBr and NaI) solution
;
_exptl_crystal_grow.pdbx_pH_range   ? 
# 
_diffrn.ambient_environment              ? 
_diffrn.ambient_temp                     100 
_diffrn.ambient_temp_details             ? 
_diffrn.ambient_temp_esd                 ? 
_diffrn.crystal_id                       1 
_diffrn.crystal_support                  ? 
_diffrn.crystal_treatment                ? 
_diffrn.details                          ? 
_diffrn.id                               1 
_diffrn.ambient_pressure                 ? 
_diffrn.ambient_pressure_esd             ? 
_diffrn.ambient_pressure_gt              ? 
_diffrn.ambient_pressure_lt              ? 
_diffrn.ambient_temp_gt                  ? 
_diffrn.ambient_temp_lt                  ? 
_diffrn.pdbx_serial_crystal_experiment   N 
# 
_diffrn_detector.details                      ? 
_diffrn_detector.detector                     PIXEL 
_diffrn_detector.diffrn_id                    1 
_diffrn_detector.type                         'DECTRIS PILATUS 6M' 
_diffrn_detector.area_resol_mean              ? 
_diffrn_detector.dtime                        ? 
_diffrn_detector.pdbx_frames_total            ? 
_diffrn_detector.pdbx_collection_time_total   ? 
_diffrn_detector.pdbx_collection_date         2019-07-28 
_diffrn_detector.pdbx_frequency               ? 
# 
_diffrn_radiation.collimation                      ? 
_diffrn_radiation.diffrn_id                        1 
_diffrn_radiation.filter_edge                      ? 
_diffrn_radiation.inhomogeneity                    ? 
_diffrn_radiation.monochromator                    ? 
_diffrn_radiation.polarisn_norm                    ? 
_diffrn_radiation.polarisn_ratio                   ? 
_diffrn_radiation.probe                            ? 
_diffrn_radiation.type                             ? 
_diffrn_radiation.xray_symbol                      ? 
_diffrn_radiation.wavelength_id                    1 
_diffrn_radiation.pdbx_monochromatic_or_laue_m_l   M 
_diffrn_radiation.pdbx_wavelength_list             ? 
_diffrn_radiation.pdbx_wavelength                  ? 
_diffrn_radiation.pdbx_diffrn_protocol             'SINGLE WAVELENGTH' 
_diffrn_radiation.pdbx_analyzer                    ? 
_diffrn_radiation.pdbx_scattering_type             x-ray 
# 
_diffrn_radiation_wavelength.id           1 
_diffrn_radiation_wavelength.wavelength   0.976230 
_diffrn_radiation_wavelength.wt           1.0 
# 
_diffrn_source.current                     ? 
_diffrn_source.details                     ? 
_diffrn_source.diffrn_id                   1 
_diffrn_source.power                       ? 
_diffrn_source.size                        ? 
_diffrn_source.source                      SYNCHROTRON 
_diffrn_source.target                      ? 
_diffrn_source.type                        'DIAMOND BEAMLINE I04-1' 
_diffrn_source.voltage                     ? 
_diffrn_source.take-off_angle              ? 
_diffrn_source.pdbx_wavelength_list        0.976230 
_diffrn_source.pdbx_wavelength             ? 
_diffrn_source.pdbx_synchrotron_beamline   I04-1 
_diffrn_source.pdbx_synchrotron_site       Diamond 
# 
_reflns.B_iso_Wilson_estimate                          ? 
_reflns.entry_id                                       7ZFV 
_reflns.data_reduction_details                         ? 
_reflns.data_reduction_method                          ? 
_reflns.d_resolution_high                              1.37 
_reflns.d_resolution_low                               37.99 
_reflns.details                                        ? 
_reflns.limit_h_max                                    ? 
_reflns.limit_h_min                                    ? 
_reflns.limit_k_max                                    ? 
_reflns.limit_k_min                                    ? 
_reflns.limit_l_max                                    ? 
_reflns.limit_l_min                                    ? 
_reflns.number_all                                     ? 
_reflns.number_obs                                     23860 
_reflns.observed_criterion                             ? 
_reflns.observed_criterion_F_max                       ? 
_reflns.observed_criterion_F_min                       ? 
_reflns.observed_criterion_I_max                       ? 
_reflns.observed_criterion_I_min                       ? 
_reflns.observed_criterion_sigma_F                     ? 
_reflns.observed_criterion_sigma_I                     ? 
_reflns.percent_possible_obs                           84.7 
_reflns.R_free_details                                 ? 
_reflns.Rmerge_F_all                                   ? 
_reflns.Rmerge_F_obs                                   ? 
_reflns.Friedel_coverage                               ? 
_reflns.number_gt                                      ? 
_reflns.threshold_expression                           ? 
_reflns.pdbx_redundancy                                6.5 
_reflns.pdbx_Rmerge_I_obs                              0.075 
_reflns.pdbx_Rmerge_I_all                              ? 
_reflns.pdbx_Rsym_value                                ? 
_reflns.pdbx_netI_over_av_sigmaI                       ? 
_reflns.pdbx_netI_over_sigmaI                          10.9 
_reflns.pdbx_res_netI_over_av_sigmaI_2                 ? 
_reflns.pdbx_res_netI_over_sigmaI_2                    ? 
_reflns.pdbx_chi_squared                               ? 
_reflns.pdbx_scaling_rejects                           ? 
_reflns.pdbx_d_res_high_opt                            ? 
_reflns.pdbx_d_res_low_opt                             ? 
_reflns.pdbx_d_res_opt_method                          ? 
_reflns.phase_calculation_details                      ? 
_reflns.pdbx_Rrim_I_all                                0.086 
_reflns.pdbx_Rpim_I_all                                0.042 
_reflns.pdbx_d_opt                                     ? 
_reflns.pdbx_number_measured_all                       ? 
_reflns.pdbx_diffrn_id                                 1 
_reflns.pdbx_ordinal                                   1 
_reflns.pdbx_CC_half                                   0.997 
_reflns.pdbx_CC_star                                   ? 
_reflns.pdbx_R_split                                   ? 
_reflns.pdbx_aniso_diffraction_limit_axis_1_ortho[1]   ? 
_reflns.pdbx_aniso_diffraction_limit_axis_1_ortho[2]   ? 
_reflns.pdbx_aniso_diffraction_limit_axis_1_ortho[3]   ? 
_reflns.pdbx_aniso_diffraction_limit_axis_2_ortho[1]   ? 
_reflns.pdbx_aniso_diffraction_limit_axis_2_ortho[2]   ? 
_reflns.pdbx_aniso_diffraction_limit_axis_2_ortho[3]   ? 
_reflns.pdbx_aniso_diffraction_limit_axis_3_ortho[1]   ? 
_reflns.pdbx_aniso_diffraction_limit_axis_3_ortho[2]   ? 
_reflns.pdbx_aniso_diffraction_limit_axis_3_ortho[3]   ? 
_reflns.pdbx_aniso_diffraction_limit_1                 ? 
_reflns.pdbx_aniso_diffraction_limit_2                 ? 
_reflns.pdbx_aniso_diffraction_limit_3                 ? 
_reflns.pdbx_aniso_B_tensor_eigenvector_1_ortho[1]     ? 
_reflns.pdbx_aniso_B_tensor_eigenvector_1_ortho[2]     ? 
_reflns.pdbx_aniso_B_tensor_eigenvector_1_ortho[3]     ? 
_reflns.pdbx_aniso_B_tensor_eigenvector_2_ortho[1]     ? 
_reflns.pdbx_aniso_B_tensor_eigenvector_2_ortho[2]     ? 
_reflns.pdbx_aniso_B_tensor_eigenvector_2_ortho[3]     ? 
_reflns.pdbx_aniso_B_tensor_eigenvector_3_ortho[1]     ? 
_reflns.pdbx_aniso_B_tensor_eigenvector_3_ortho[2]     ? 
_reflns.pdbx_aniso_B_tensor_eigenvector_3_ortho[3]     ? 
_reflns.pdbx_aniso_B_tensor_eigenvalue_1               ? 
_reflns.pdbx_aniso_B_tensor_eigenvalue_2               ? 
_reflns.pdbx_aniso_B_tensor_eigenvalue_3               ? 
_reflns.pdbx_orthogonalization_convention              ? 
_reflns.pdbx_percent_possible_ellipsoidal              ? 
_reflns.pdbx_percent_possible_spherical                ? 
_reflns.pdbx_percent_possible_ellipsoidal_anomalous    ? 
_reflns.pdbx_percent_possible_spherical_anomalous      ? 
_reflns.pdbx_redundancy_anomalous                      ? 
_reflns.pdbx_CC_half_anomalous                         ? 
_reflns.pdbx_absDiff_over_sigma_anomalous              ? 
_reflns.pdbx_percent_possible_anomalous                ? 
_reflns.pdbx_observed_signal_threshold                 ? 
_reflns.pdbx_signal_type                               ? 
_reflns.pdbx_signal_details                            ? 
_reflns.pdbx_signal_software_id                        ? 
# 
loop_
_reflns_shell.d_res_high 
_reflns_shell.d_res_low 
_reflns_shell.meanI_over_sigI_all 
_reflns_shell.meanI_over_sigI_obs 
_reflns_shell.number_measured_all 
_reflns_shell.number_measured_obs 
_reflns_shell.number_possible 
_reflns_shell.number_unique_all 
_reflns_shell.number_unique_obs 
_reflns_shell.percent_possible_all 
_reflns_shell.percent_possible_obs 
_reflns_shell.Rmerge_F_all 
_reflns_shell.Rmerge_F_obs 
_reflns_shell.Rmerge_I_all 
_reflns_shell.Rmerge_I_obs 
_reflns_shell.meanI_over_sigI_gt 
_reflns_shell.meanI_over_uI_all 
_reflns_shell.meanI_over_uI_gt 
_reflns_shell.number_measured_gt 
_reflns_shell.number_unique_gt 
_reflns_shell.percent_possible_gt 
_reflns_shell.Rmerge_F_gt 
_reflns_shell.Rmerge_I_gt 
_reflns_shell.pdbx_redundancy 
_reflns_shell.pdbx_Rsym_value 
_reflns_shell.pdbx_chi_squared 
_reflns_shell.pdbx_netI_over_sigmaI_all 
_reflns_shell.pdbx_netI_over_sigmaI_obs 
_reflns_shell.pdbx_Rrim_I_all 
_reflns_shell.pdbx_Rpim_I_all 
_reflns_shell.pdbx_rejects 
_reflns_shell.pdbx_ordinal 
_reflns_shell.pdbx_diffrn_id 
_reflns_shell.pdbx_CC_half 
_reflns_shell.pdbx_CC_star 
_reflns_shell.pdbx_R_split 
_reflns_shell.pdbx_percent_possible_ellipsoidal 
_reflns_shell.pdbx_percent_possible_spherical 
_reflns_shell.pdbx_percent_possible_ellipsoidal_anomalous 
_reflns_shell.pdbx_percent_possible_spherical_anomalous 
_reflns_shell.pdbx_redundancy_anomalous 
_reflns_shell.pdbx_CC_half_anomalous 
_reflns_shell.pdbx_absDiff_over_sigma_anomalous 
_reflns_shell.pdbx_percent_possible_anomalous 
7.50 37.99 ? ? ? ? ? ? 216 ? ? ? ? ? 0.080 ? ? ? ? ? ? ? ? 6.0 ? ? ? ? 0.093 0.046 ? 1 1 0.985 ? ? ? ? ? ? ? ? ? ? 
1.37 1.39  ? ? ? ? ? ? 407 ? ? ? ? ? 1.056 ? ? ? ? ? ? ? ? 3.7 ? ? ? ? 1.371 0.866 ? 2 1 0.475 ? ? ? ? ? ? ? ? ? ? 
# 
_refine.aniso_B[1][1]                            0.385 
_refine.aniso_B[1][2]                            0.000 
_refine.aniso_B[1][3]                            -0.000 
_refine.aniso_B[2][2]                            -0.231 
_refine.aniso_B[2][3]                            0.000 
_refine.aniso_B[3][3]                            -0.154 
_refine.B_iso_max                                ? 
_refine.B_iso_mean                               23.055 
_refine.B_iso_min                                ? 
_refine.correlation_coeff_Fo_to_Fc               0.964 
_refine.correlation_coeff_Fo_to_Fc_free          0.954 
_refine.details                                  'Hydrogens have not been used' 
_refine.diff_density_max                         ? 
_refine.diff_density_max_esd                     ? 
_refine.diff_density_min                         ? 
_refine.diff_density_min_esd                     ? 
_refine.diff_density_rms                         ? 
_refine.diff_density_rms_esd                     ? 
_refine.entry_id                                 7ZFV 
_refine.pdbx_refine_id                           'X-RAY DIFFRACTION' 
_refine.ls_abs_structure_details                 ? 
_refine.ls_abs_structure_Flack                   ? 
_refine.ls_abs_structure_Flack_esd               ? 
_refine.ls_abs_structure_Rogers                  ? 
_refine.ls_abs_structure_Rogers_esd              ? 
_refine.ls_d_res_high                            1.370 
_refine.ls_d_res_low                             37.99 
_refine.ls_extinction_coef                       ? 
_refine.ls_extinction_coef_esd                   ? 
_refine.ls_extinction_expression                 ? 
_refine.ls_extinction_method                     ? 
_refine.ls_goodness_of_fit_all                   ? 
_refine.ls_goodness_of_fit_all_esd               ? 
_refine.ls_goodness_of_fit_obs                   ? 
_refine.ls_goodness_of_fit_obs_esd               ? 
_refine.ls_hydrogen_treatment                    ? 
_refine.ls_matrix_type                           ? 
_refine.ls_number_constraints                    ? 
_refine.ls_number_parameters                     ? 
_refine.ls_number_reflns_all                     ? 
_refine.ls_number_reflns_obs                     23810 
_refine.ls_number_reflns_R_free                  1164 
_refine.ls_number_reflns_R_work                  22646 
_refine.ls_number_restraints                     ? 
_refine.ls_percent_reflns_obs                    84.748 
_refine.ls_percent_reflns_R_free                 4.889 
_refine.ls_R_factor_all                          0.192 
_refine.ls_R_factor_obs                          ? 
_refine.ls_R_factor_R_free                       0.2229 
_refine.ls_R_factor_R_free_error                 ? 
_refine.ls_R_factor_R_free_error_details         ? 
_refine.ls_R_factor_R_work                       0.1902 
_refine.ls_R_Fsqd_factor_obs                     ? 
_refine.ls_R_I_factor_obs                        ? 
_refine.ls_redundancy_reflns_all                 ? 
_refine.ls_redundancy_reflns_obs                 ? 
_refine.ls_restrained_S_all                      ? 
_refine.ls_restrained_S_obs                      ? 
_refine.ls_shift_over_esd_max                    ? 
_refine.ls_shift_over_esd_mean                   ? 
_refine.ls_structure_factor_coef                 ? 
_refine.ls_weighting_details                     ? 
_refine.ls_weighting_scheme                      ? 
_refine.ls_wR_factor_all                         ? 
_refine.ls_wR_factor_obs                         ? 
_refine.ls_wR_factor_R_free                      ? 
_refine.ls_wR_factor_R_work                      ? 
_refine.occupancy_max                            ? 
_refine.occupancy_min                            ? 
_refine.solvent_model_details                    'MASK BULK SOLVENT' 
_refine.solvent_model_param_bsol                 ? 
_refine.solvent_model_param_ksol                 ? 
_refine.pdbx_R_complete                          ? 
_refine.ls_R_factor_gt                           ? 
_refine.ls_goodness_of_fit_gt                    ? 
_refine.ls_goodness_of_fit_ref                   ? 
_refine.ls_shift_over_su_max                     ? 
_refine.ls_shift_over_su_max_lt                  ? 
_refine.ls_shift_over_su_mean                    ? 
_refine.ls_shift_over_su_mean_lt                 ? 
_refine.pdbx_ls_sigma_I                          ? 
_refine.pdbx_ls_sigma_F                          ? 
_refine.pdbx_ls_sigma_Fsqd                       ? 
_refine.pdbx_data_cutoff_high_absF               ? 
_refine.pdbx_data_cutoff_high_rms_absF           ? 
_refine.pdbx_data_cutoff_low_absF                ? 
_refine.pdbx_isotropic_thermal_model             ? 
_refine.pdbx_ls_cross_valid_method               'FREE R-VALUE' 
_refine.pdbx_method_to_determine_struct          'MOLECULAR REPLACEMENT' 
_refine.pdbx_starting_model                      5LRQ 
_refine.pdbx_stereochemistry_target_values       ? 
_refine.pdbx_R_Free_selection_details            ? 
_refine.pdbx_stereochem_target_val_spec_case     ? 
_refine.pdbx_overall_ESU_R                       0.075 
_refine.pdbx_overall_ESU_R_Free                  0.078 
_refine.pdbx_solvent_vdw_probe_radii             1.200 
_refine.pdbx_solvent_ion_probe_radii             0.800 
_refine.pdbx_solvent_shrinkage_radii             0.800 
_refine.pdbx_real_space_R                        ? 
_refine.pdbx_density_correlation                 ? 
_refine.pdbx_pd_number_of_powder_patterns        ? 
_refine.pdbx_pd_number_of_points                 ? 
_refine.pdbx_pd_meas_number_of_points            ? 
_refine.pdbx_pd_proc_ls_prof_R_factor            ? 
_refine.pdbx_pd_proc_ls_prof_wR_factor           ? 
_refine.pdbx_pd_Marquardt_correlation_coeff      ? 
_refine.pdbx_pd_Fsqrd_R_factor                   ? 
_refine.pdbx_pd_ls_matrix_band_width             ? 
_refine.pdbx_overall_phase_error                 ? 
_refine.pdbx_overall_SU_R_free_Cruickshank_DPI   ? 
_refine.pdbx_overall_SU_R_free_Blow_DPI          ? 
_refine.pdbx_overall_SU_R_Blow_DPI               ? 
_refine.pdbx_TLS_residual_ADP_flag               ? 
_refine.pdbx_diffrn_id                           1 
_refine.overall_SU_B                             1.284 
_refine.overall_SU_ML                            0.050 
_refine.overall_SU_R_Cruickshank_DPI             ? 
_refine.overall_SU_R_free                        ? 
_refine.overall_FOM_free_R_set                   ? 
_refine.overall_FOM_work_R_set                   ? 
_refine.pdbx_average_fsc_overall                 ? 
_refine.pdbx_average_fsc_work                    ? 
_refine.pdbx_average_fsc_free                    ? 
# 
_refine_hist.pdbx_refine_id                   'X-RAY DIFFRACTION' 
_refine_hist.cycle_id                         LAST 
_refine_hist.details                          ? 
_refine_hist.d_res_high                       1.370 
_refine_hist.d_res_low                        37.99 
_refine_hist.number_atoms_solvent             158 
_refine_hist.number_atoms_total               1253 
_refine_hist.number_reflns_all                ? 
_refine_hist.number_reflns_obs                ? 
_refine_hist.number_reflns_R_free             ? 
_refine_hist.number_reflns_R_work             ? 
_refine_hist.R_factor_all                     ? 
_refine_hist.R_factor_obs                     ? 
_refine_hist.R_factor_R_free                  ? 
_refine_hist.R_factor_R_work                  ? 
_refine_hist.pdbx_number_residues_total       ? 
_refine_hist.pdbx_B_iso_mean_ligand           ? 
_refine_hist.pdbx_B_iso_mean_solvent          ? 
_refine_hist.pdbx_number_atoms_protein        1076 
_refine_hist.pdbx_number_atoms_nucleic_acid   0 
_refine_hist.pdbx_number_atoms_ligand         19 
_refine_hist.pdbx_number_atoms_lipid          ? 
_refine_hist.pdbx_number_atoms_carb           ? 
_refine_hist.pdbx_pseudo_atom_details         ? 
# 
loop_
_refine_ls_restr.pdbx_refine_id 
_refine_ls_restr.criterion 
_refine_ls_restr.dev_ideal 
_refine_ls_restr.dev_ideal_target 
_refine_ls_restr.number 
_refine_ls_restr.rejects 
_refine_ls_restr.type 
_refine_ls_restr.weight 
_refine_ls_restr.pdbx_restraint_function 
'X-RAY DIFFRACTION' ? 0.014  0.012  1147 ? r_bond_refined_d               ? ? 
'X-RAY DIFFRACTION' ? 2.274  1.656  1562 ? r_angle_refined_deg            ? ? 
'X-RAY DIFFRACTION' ? 6.376  5.000  134  ? r_dihedral_angle_1_deg         ? ? 
'X-RAY DIFFRACTION' ? 21.501 10.000 5    ? r_dihedral_angle_2_deg         ? ? 
'X-RAY DIFFRACTION' ? 0.111  0.200  147  ? r_chiral_restr                 ? ? 
'X-RAY DIFFRACTION' ? 0.011  0.020  888  ? r_gen_planes_refined           ? ? 
'X-RAY DIFFRACTION' ? 0.258  0.200  510  ? r_nbd_refined                  ? ? 
'X-RAY DIFFRACTION' ? 0.322  0.200  782  ? r_nbtor_refined                ? ? 
'X-RAY DIFFRACTION' ? 0.275  0.200  99   ? r_xyhbond_nbd_refined          ? ? 
'X-RAY DIFFRACTION' ? 0.238  0.200  30   ? r_symmetry_nbd_refined         ? ? 
'X-RAY DIFFRACTION' ? 0.187  0.200  19   ? r_symmetry_xyhbond_nbd_refined ? ? 
'X-RAY DIFFRACTION' ? 1.745  1.837  527  ? r_mcbond_it                    ? ? 
'X-RAY DIFFRACTION' ? 2.621  2.748  661  ? r_mcangle_it                   ? ? 
'X-RAY DIFFRACTION' ? 3.974  2.239  620  ? r_scbond_it                    ? ? 
'X-RAY DIFFRACTION' ? 5.622  3.195  900  ? r_scangle_it                   ? ? 
'X-RAY DIFFRACTION' ? 7.143  43.749 1692 ? r_lrange_it                    ? ? 
# 
loop_
_refine_ls_shell.pdbx_refine_id 
_refine_ls_shell.d_res_high 
_refine_ls_shell.d_res_low 
_refine_ls_shell.number_reflns_all 
_refine_ls_shell.number_reflns_obs 
_refine_ls_shell.number_reflns_R_free 
_refine_ls_shell.number_reflns_R_work 
_refine_ls_shell.percent_reflns_obs 
_refine_ls_shell.percent_reflns_R_free 
_refine_ls_shell.R_factor_all 
_refine_ls_shell.R_factor_obs 
_refine_ls_shell.R_factor_R_free 
_refine_ls_shell.R_factor_R_free_error 
_refine_ls_shell.R_factor_R_work 
_refine_ls_shell.redundancy_reflns_all 
_refine_ls_shell.redundancy_reflns_obs 
_refine_ls_shell.wR_factor_all 
_refine_ls_shell.wR_factor_obs 
_refine_ls_shell.wR_factor_R_free 
_refine_ls_shell.wR_factor_R_work 
_refine_ls_shell.pdbx_R_complete 
_refine_ls_shell.pdbx_total_number_of_bins_used 
_refine_ls_shell.pdbx_phase_error 
_refine_ls_shell.pdbx_fsc_work 
_refine_ls_shell.pdbx_fsc_free 
'X-RAY DIFFRACTION' 1.370 1.406 . . 32 623  32.2343  . . . 0.362 . 0.342 . . . . . . . . . . . 
'X-RAY DIFFRACTION' 1.406 1.444 . . 34 818  43.1830  . . . 0.296 . 0.322 . . . . . . . . . . . 
'X-RAY DIFFRACTION' 1.444 1.486 . . 44 1047 56.3533  . . . 0.244 . 0.267 . . . . . . . . . . . 
'X-RAY DIFFRACTION' 1.486 1.531 . . 77 1221 69.0425  . . . 0.238 . 0.227 . . . . . . . . . . . 
'X-RAY DIFFRACTION' 1.531 1.582 . . 64 1460 83.0518  . . . 0.253 . 0.226 . . . . . . . . . . . 
'X-RAY DIFFRACTION' 1.582 1.637 . . 87 1655 98.5294  . . . 0.242 . 0.202 . . . . . . . . . . . 
'X-RAY DIFFRACTION' 1.637 1.699 . . 71 1610 99.4086  . . . 0.240 . 0.191 . . . . . . . . . . . 
'X-RAY DIFFRACTION' 1.699 1.768 . . 85 1582 100.0000 . . . 0.261 . 0.181 . . . . . . . . . . . 
'X-RAY DIFFRACTION' 1.768 1.846 . . 71 1515 100.0000 . . . 0.224 . 0.174 . . . . . . . . . . . 
'X-RAY DIFFRACTION' 1.846 1.936 . . 63 1454 100.0000 . . . 0.237 . 0.186 . . . . . . . . . . . 
'X-RAY DIFFRACTION' 1.936 2.041 . . 73 1387 100.0000 . . . 0.216 . 0.191 . . . . . . . . . . . 
'X-RAY DIFFRACTION' 2.041 2.164 . . 67 1305 99.9272  . . . 0.254 . 0.198 . . . . . . . . . . . 
'X-RAY DIFFRACTION' 2.164 2.313 . . 62 1242 100.0000 . . . 0.240 . 0.196 . . . . . . . . . . . 
'X-RAY DIFFRACTION' 2.313 2.497 . . 75 1139 100.0000 . . . 0.235 . 0.185 . . . . . . . . . . . 
'X-RAY DIFFRACTION' 2.497 2.735 . . 55 1078 100.0000 . . . 0.241 . 0.189 . . . . . . . . . . . 
'X-RAY DIFFRACTION' 2.735 3.055 . . 54 950  99.9005  . . . 0.232 . 0.185 . . . . . . . . . . . 
'X-RAY DIFFRACTION' 3.055 3.524 . . 48 864  100.0000 . . . 0.174 . 0.170 . . . . . . . . . . . 
'X-RAY DIFFRACTION' 3.524 4.307 . . 44 743  99.8731  . . . 0.203 . 0.156 . . . . . . . . . . . 
'X-RAY DIFFRACTION' 4.307 6.052 . . 35 594  100.0000 . . . 0.179 . 0.186 . . . . . . . . . . . 
'X-RAY DIFFRACTION' 6.052 37.99 . . 23 359  99.4792  . . . 0.267 . 0.263 . . . . . . . . . . . 
# 
_struct.entry_id                     7ZFV 
_struct.title                        'BRD4 in complex with PepLite-Ala' 
_struct.pdbx_model_details           ? 
_struct.pdbx_formula_weight          ? 
_struct.pdbx_formula_weight_method   ? 
_struct.pdbx_model_type_details      ? 
_struct.pdbx_CASP_flag               N 
# 
_struct_keywords.entry_id        7ZFV 
_struct_keywords.text            'FragLites, anomalous, BRD4, Fragment screening, TRANSCRIPTION' 
_struct_keywords.pdbx_keywords   TRANSCRIPTION 
# 
loop_
_struct_asym.id 
_struct_asym.pdbx_blank_PDB_chainid_flag 
_struct_asym.pdbx_modified 
_struct_asym.entity_id 
_struct_asym.details 
A N N 1 ? 
B N N 2 ? 
C N N 3 ? 
D N N 4 ? 
# 
_struct_ref.id                         1 
_struct_ref.db_name                    UNP 
_struct_ref.db_code                    BRD4_HUMAN 
_struct_ref.pdbx_db_accession          O60885 
_struct_ref.pdbx_db_isoform            ? 
_struct_ref.entity_id                  1 
_struct_ref.pdbx_seq_one_letter_code   
;NPPPPETSNPNKPKRQTNQLQYLLRVVLKTLWKHQFAWPFQQPVDAVKLNLPDYYKIIKTPMDMGTIKKRLENNYYWNAQ
ECIQDFNTMFTNCYIYNKPGDDIVLMAEALEKLFLQKINELPTEE
;
_struct_ref.pdbx_align_begin           44 
# 
_struct_ref_seq.align_id                      1 
_struct_ref_seq.ref_id                        1 
_struct_ref_seq.pdbx_PDB_id_code              7ZFV 
_struct_ref_seq.pdbx_strand_id                A 
_struct_ref_seq.seq_align_beg                 5 
_struct_ref_seq.pdbx_seq_align_beg_ins_code   ? 
_struct_ref_seq.seq_align_end                 129 
_struct_ref_seq.pdbx_seq_align_end_ins_code   ? 
_struct_ref_seq.pdbx_db_accession             O60885 
_struct_ref_seq.db_align_beg                  44 
_struct_ref_seq.pdbx_db_align_beg_ins_code    ? 
_struct_ref_seq.db_align_end                  168 
_struct_ref_seq.pdbx_db_align_end_ins_code    ? 
_struct_ref_seq.pdbx_auth_seq_align_beg       44 
_struct_ref_seq.pdbx_auth_seq_align_end       168 
# 
loop_
_struct_ref_seq_dif.align_id 
_struct_ref_seq_dif.pdbx_pdb_id_code 
_struct_ref_seq_dif.mon_id 
_struct_ref_seq_dif.pdbx_pdb_strand_id 
_struct_ref_seq_dif.seq_num 
_struct_ref_seq_dif.pdbx_pdb_ins_code 
_struct_ref_seq_dif.pdbx_seq_db_name 
_struct_ref_seq_dif.pdbx_seq_db_accession_code 
_struct_ref_seq_dif.db_mon_id 
_struct_ref_seq_dif.pdbx_seq_db_seq_num 
_struct_ref_seq_dif.details 
_struct_ref_seq_dif.pdbx_auth_seq_num 
_struct_ref_seq_dif.pdbx_ordinal 
1 7ZFV GLY A 1 ? UNP O60885 ? ? 'expression tag' 40 1 
1 7ZFV SER A 2 ? UNP O60885 ? ? 'expression tag' 41 2 
1 7ZFV HIS A 3 ? UNP O60885 ? ? 'expression tag' 42 3 
1 7ZFV MET A 4 ? UNP O60885 ? ? 'expression tag' 43 4 
# 
_pdbx_struct_assembly.id                   1 
_pdbx_struct_assembly.details              author_and_software_defined_assembly 
_pdbx_struct_assembly.method_details       PISA 
_pdbx_struct_assembly.oligomeric_details   monomeric 
_pdbx_struct_assembly.oligomeric_count     1 
# 
loop_
_pdbx_struct_assembly_prop.biol_id 
_pdbx_struct_assembly_prop.type 
_pdbx_struct_assembly_prop.value 
_pdbx_struct_assembly_prop.details 
1 'ABSA (A^2)' 240  ? 
1 MORE         0    ? 
1 'SSA (A^2)'  7790 ? 
# 
_pdbx_struct_assembly_gen.assembly_id       1 
_pdbx_struct_assembly_gen.oper_expression   1 
_pdbx_struct_assembly_gen.asym_id_list      A,B,C,D 
# 
_pdbx_struct_assembly_auth_evidence.id                     1 
_pdbx_struct_assembly_auth_evidence.assembly_id            1 
_pdbx_struct_assembly_auth_evidence.experimental_support   'gel filtration' 
_pdbx_struct_assembly_auth_evidence.details                ? 
# 
_pdbx_struct_oper_list.id                   1 
_pdbx_struct_oper_list.type                 'identity operation' 
_pdbx_struct_oper_list.name                 1_555 
_pdbx_struct_oper_list.symmetry_operation   x,y,z 
_pdbx_struct_oper_list.matrix[1][1]         1.0000000000 
_pdbx_struct_oper_list.matrix[1][2]         0.0000000000 
_pdbx_struct_oper_list.matrix[1][3]         0.0000000000 
_pdbx_struct_oper_list.vector[1]            0.0000000000 
_pdbx_struct_oper_list.matrix[2][1]         0.0000000000 
_pdbx_struct_oper_list.matrix[2][2]         1.0000000000 
_pdbx_struct_oper_list.matrix[2][3]         0.0000000000 
_pdbx_struct_oper_list.vector[2]            0.0000000000 
_pdbx_struct_oper_list.matrix[3][1]         0.0000000000 
_pdbx_struct_oper_list.matrix[3][2]         0.0000000000 
_pdbx_struct_oper_list.matrix[3][3]         1.0000000000 
_pdbx_struct_oper_list.vector[3]            0.0000000000 
# 
loop_
_struct_conf.conf_type_id 
_struct_conf.id 
_struct_conf.pdbx_PDB_helix_id 
_struct_conf.beg_label_comp_id 
_struct_conf.beg_label_asym_id 
_struct_conf.beg_label_seq_id 
_struct_conf.pdbx_beg_PDB_ins_code 
_struct_conf.end_label_comp_id 
_struct_conf.end_label_asym_id 
_struct_conf.end_label_seq_id 
_struct_conf.pdbx_end_PDB_ins_code 
_struct_conf.beg_auth_comp_id 
_struct_conf.beg_auth_asym_id 
_struct_conf.beg_auth_seq_id 
_struct_conf.end_auth_comp_id 
_struct_conf.end_auth_asym_id 
_struct_conf.end_auth_seq_id 
_struct_conf.pdbx_PDB_helix_class 
_struct_conf.details 
_struct_conf.pdbx_PDB_helix_length 
HELX_P HELX_P1 AA1 THR A 21  ? VAL A 30  ? THR A 60  VAL A 69  1 ? 10 
HELX_P HELX_P2 AA2 VAL A 30  ? LYS A 37  ? VAL A 69  LYS A 76  1 ? 8  
HELX_P HELX_P3 AA3 ALA A 41  ? GLN A 45  ? ALA A 80  GLN A 84  5 ? 5  
HELX_P HELX_P4 AA4 ASP A 57  ? ILE A 62  ? ASP A 96  ILE A 101 1 ? 6  
HELX_P HELX_P5 AA5 ASP A 67  ? ASN A 77  ? ASP A 106 ASN A 116 1 ? 11 
HELX_P HELX_P6 AA6 ASN A 82  ? ASN A 101 ? ASN A 121 ASN A 140 1 ? 20 
HELX_P HELX_P7 AA7 ASP A 105 ? GLU A 124 ? ASP A 144 GLU A 163 1 ? 20 
# 
_struct_conf_type.id          HELX_P 
_struct_conf_type.criteria    ? 
_struct_conf_type.reference   ? 
# 
loop_
_pdbx_validate_close_contact.id 
_pdbx_validate_close_contact.PDB_model_num 
_pdbx_validate_close_contact.auth_atom_id_1 
_pdbx_validate_close_contact.auth_asym_id_1 
_pdbx_validate_close_contact.auth_comp_id_1 
_pdbx_validate_close_contact.auth_seq_id_1 
_pdbx_validate_close_contact.PDB_ins_code_1 
_pdbx_validate_close_contact.label_alt_id_1 
_pdbx_validate_close_contact.auth_atom_id_2 
_pdbx_validate_close_contact.auth_asym_id_2 
_pdbx_validate_close_contact.auth_comp_id_2 
_pdbx_validate_close_contact.auth_seq_id_2 
_pdbx_validate_close_contact.PDB_ins_code_2 
_pdbx_validate_close_contact.label_alt_id_2 
_pdbx_validate_close_contact.dist 
1 1 CD  A GLU 124 ? ? O   A HOH 401 ? ? 1.71 
2 1 O   A HOH 412 ? ? O   A HOH 429 ? ? 1.72 
3 1 OE1 A GLU 124 ? ? O   A HOH 401 ? ? 1.90 
4 1 O   A HOH 512 ? ? O   A HOH 521 ? ? 1.93 
5 1 NE2 A GLN 59  ? ? OD1 A ASN 117 ? B 2.03 
6 1 NE2 A GLN 127 ? ? O   A HOH 402 ? ? 2.11 
7 1 OE1 A GLU 115 ? ? O   A HOH 403 ? ? 2.14 
8 1 O   A HOH 479 ? ? O   A HOH 518 ? ? 2.15 
# 
_pdbx_validate_symm_contact.id                1 
_pdbx_validate_symm_contact.PDB_model_num     1 
_pdbx_validate_symm_contact.auth_atom_id_1    CE 
_pdbx_validate_symm_contact.auth_asym_id_1    A 
_pdbx_validate_symm_contact.auth_comp_id_1    LYS 
_pdbx_validate_symm_contact.auth_seq_id_1     91 
_pdbx_validate_symm_contact.PDB_ins_code_1    ? 
_pdbx_validate_symm_contact.label_alt_id_1    ? 
_pdbx_validate_symm_contact.site_symmetry_1   1_555 
_pdbx_validate_symm_contact.auth_atom_id_2    O 
_pdbx_validate_symm_contact.auth_asym_id_2    A 
_pdbx_validate_symm_contact.auth_comp_id_2    HOH 
_pdbx_validate_symm_contact.auth_seq_id_2     435 
_pdbx_validate_symm_contact.PDB_ins_code_2    ? 
_pdbx_validate_symm_contact.label_alt_id_2    ? 
_pdbx_validate_symm_contact.site_symmetry_2   4_545 
_pdbx_validate_symm_contact.dist              2.09 
# 
_pdbx_validate_rmsd_bond.id                        1 
_pdbx_validate_rmsd_bond.PDB_model_num             1 
_pdbx_validate_rmsd_bond.auth_atom_id_1            CD 
_pdbx_validate_rmsd_bond.auth_asym_id_1            A 
_pdbx_validate_rmsd_bond.auth_comp_id_1            GLU 
_pdbx_validate_rmsd_bond.auth_seq_id_1             124 
_pdbx_validate_rmsd_bond.PDB_ins_code_1            ? 
_pdbx_validate_rmsd_bond.label_alt_id_1            ? 
_pdbx_validate_rmsd_bond.auth_atom_id_2            OE2 
_pdbx_validate_rmsd_bond.auth_asym_id_2            A 
_pdbx_validate_rmsd_bond.auth_comp_id_2            GLU 
_pdbx_validate_rmsd_bond.auth_seq_id_2             124 
_pdbx_validate_rmsd_bond.PDB_ins_code_2            ? 
_pdbx_validate_rmsd_bond.label_alt_id_2            ? 
_pdbx_validate_rmsd_bond.bond_value                1.165 
_pdbx_validate_rmsd_bond.bond_target_value         1.252 
_pdbx_validate_rmsd_bond.bond_deviation            -0.087 
_pdbx_validate_rmsd_bond.bond_standard_deviation   0.011 
_pdbx_validate_rmsd_bond.linker_flag               N 
# 
_pdbx_validate_rmsd_angle.id                         1 
_pdbx_validate_rmsd_angle.PDB_model_num              1 
_pdbx_validate_rmsd_angle.auth_atom_id_1             NE 
_pdbx_validate_rmsd_angle.auth_asym_id_1             A 
_pdbx_validate_rmsd_angle.auth_comp_id_1             ARG 
_pdbx_validate_rmsd_angle.auth_seq_id_1              113 
_pdbx_validate_rmsd_angle.PDB_ins_code_1             ? 
_pdbx_validate_rmsd_angle.label_alt_id_1             ? 
_pdbx_validate_rmsd_angle.auth_atom_id_2             CZ 
_pdbx_validate_rmsd_angle.auth_asym_id_2             A 
_pdbx_validate_rmsd_angle.auth_comp_id_2             ARG 
_pdbx_validate_rmsd_angle.auth_seq_id_2              113 
_pdbx_validate_rmsd_angle.PDB_ins_code_2             ? 
_pdbx_validate_rmsd_angle.label_alt_id_2             ? 
_pdbx_validate_rmsd_angle.auth_atom_id_3             NH1 
_pdbx_validate_rmsd_angle.auth_asym_id_3             A 
_pdbx_validate_rmsd_angle.auth_comp_id_3             ARG 
_pdbx_validate_rmsd_angle.auth_seq_id_3              113 
_pdbx_validate_rmsd_angle.PDB_ins_code_3             ? 
_pdbx_validate_rmsd_angle.label_alt_id_3             ? 
_pdbx_validate_rmsd_angle.angle_value                123.40 
_pdbx_validate_rmsd_angle.angle_target_value         120.30 
_pdbx_validate_rmsd_angle.angle_deviation            3.10 
_pdbx_validate_rmsd_angle.angle_standard_deviation   0.50 
_pdbx_validate_rmsd_angle.linker_flag                N 
# 
loop_
_pdbx_validate_torsion.id 
_pdbx_validate_torsion.PDB_model_num 
_pdbx_validate_torsion.auth_comp_id 
_pdbx_validate_torsion.auth_asym_id 
_pdbx_validate_torsion.auth_seq_id 
_pdbx_validate_torsion.PDB_ins_code 
_pdbx_validate_torsion.label_alt_id 
_pdbx_validate_torsion.phi 
_pdbx_validate_torsion.psi 
1 1 ASN A 117 ? A -5.47 90.07 
2 1 ASN A 117 ? B 47.96 73.95 
# 
_pdbx_validate_peptide_omega.id               1 
_pdbx_validate_peptide_omega.PDB_model_num    1 
_pdbx_validate_peptide_omega.auth_comp_id_1   GLY 
_pdbx_validate_peptide_omega.auth_asym_id_1   A 
_pdbx_validate_peptide_omega.auth_seq_id_1    143 
_pdbx_validate_peptide_omega.PDB_ins_code_1   ? 
_pdbx_validate_peptide_omega.label_alt_id_1   ? 
_pdbx_validate_peptide_omega.auth_comp_id_2   ASP 
_pdbx_validate_peptide_omega.auth_asym_id_2   A 
_pdbx_validate_peptide_omega.auth_seq_id_2    144 
_pdbx_validate_peptide_omega.PDB_ins_code_2   ? 
_pdbx_validate_peptide_omega.label_alt_id_2   ? 
_pdbx_validate_peptide_omega.omega            -147.71 
# 
_pdbx_entry_details.entry_id                 7ZFV 
_pdbx_entry_details.has_ligand_of_interest   Y 
_pdbx_entry_details.compound_details         ? 
_pdbx_entry_details.source_details           ? 
_pdbx_entry_details.nonpolymer_details       ? 
_pdbx_entry_details.sequence_details         ? 
# 
loop_
_chem_comp_atom.comp_id 
_chem_comp_atom.atom_id 
_chem_comp_atom.type_symbol 
_chem_comp_atom.pdbx_aromatic_flag 
_chem_comp_atom.pdbx_stereo_config 
_chem_comp_atom.pdbx_ordinal 
ALA N    N  N N 1   
ALA CA   C  N S 2   
ALA C    C  N N 3   
ALA O    O  N N 4   
ALA CB   C  N N 5   
ALA OXT  O  N N 6   
ALA H    H  N N 7   
ALA H2   H  N N 8   
ALA HA   H  N N 9   
ALA HB1  H  N N 10  
ALA HB2  H  N N 11  
ALA HB3  H  N N 12  
ALA HXT  H  N N 13  
ARG N    N  N N 14  
ARG CA   C  N S 15  
ARG C    C  N N 16  
ARG O    O  N N 17  
ARG CB   C  N N 18  
ARG CG   C  N N 19  
ARG CD   C  N N 20  
ARG NE   N  N N 21  
ARG CZ   C  N N 22  
ARG NH1  N  N N 23  
ARG NH2  N  N N 24  
ARG OXT  O  N N 25  
ARG H    H  N N 26  
ARG H2   H  N N 27  
ARG HA   H  N N 28  
ARG HB2  H  N N 29  
ARG HB3  H  N N 30  
ARG HG2  H  N N 31  
ARG HG3  H  N N 32  
ARG HD2  H  N N 33  
ARG HD3  H  N N 34  
ARG HE   H  N N 35  
ARG HH11 H  N N 36  
ARG HH12 H  N N 37  
ARG HH21 H  N N 38  
ARG HH22 H  N N 39  
ARG HXT  H  N N 40  
ASN N    N  N N 41  
ASN CA   C  N S 42  
ASN C    C  N N 43  
ASN O    O  N N 44  
ASN CB   C  N N 45  
ASN CG   C  N N 46  
ASN OD1  O  N N 47  
ASN ND2  N  N N 48  
ASN OXT  O  N N 49  
ASN H    H  N N 50  
ASN H2   H  N N 51  
ASN HA   H  N N 52  
ASN HB2  H  N N 53  
ASN HB3  H  N N 54  
ASN HD21 H  N N 55  
ASN HD22 H  N N 56  
ASN HXT  H  N N 57  
ASP N    N  N N 58  
ASP CA   C  N S 59  
ASP C    C  N N 60  
ASP O    O  N N 61  
ASP CB   C  N N 62  
ASP CG   C  N N 63  
ASP OD1  O  N N 64  
ASP OD2  O  N N 65  
ASP OXT  O  N N 66  
ASP H    H  N N 67  
ASP H2   H  N N 68  
ASP HA   H  N N 69  
ASP HB2  H  N N 70  
ASP HB3  H  N N 71  
ASP HD2  H  N N 72  
ASP HXT  H  N N 73  
CYS N    N  N N 74  
CYS CA   C  N R 75  
CYS C    C  N N 76  
CYS O    O  N N 77  
CYS CB   C  N N 78  
CYS SG   S  N N 79  
CYS OXT  O  N N 80  
CYS H    H  N N 81  
CYS H2   H  N N 82  
CYS HA   H  N N 83  
CYS HB2  H  N N 84  
CYS HB3  H  N N 85  
CYS HG   H  N N 86  
CYS HXT  H  N N 87  
GLN N    N  N N 88  
GLN CA   C  N S 89  
GLN C    C  N N 90  
GLN O    O  N N 91  
GLN CB   C  N N 92  
GLN CG   C  N N 93  
GLN CD   C  N N 94  
GLN OE1  O  N N 95  
GLN NE2  N  N N 96  
GLN OXT  O  N N 97  
GLN H    H  N N 98  
GLN H2   H  N N 99  
GLN HA   H  N N 100 
GLN HB2  H  N N 101 
GLN HB3  H  N N 102 
GLN HG2  H  N N 103 
GLN HG3  H  N N 104 
GLN HE21 H  N N 105 
GLN HE22 H  N N 106 
GLN HXT  H  N N 107 
GLU N    N  N N 108 
GLU CA   C  N S 109 
GLU C    C  N N 110 
GLU O    O  N N 111 
GLU CB   C  N N 112 
GLU CG   C  N N 113 
GLU CD   C  N N 114 
GLU OE1  O  N N 115 
GLU OE2  O  N N 116 
GLU OXT  O  N N 117 
GLU H    H  N N 118 
GLU H2   H  N N 119 
GLU HA   H  N N 120 
GLU HB2  H  N N 121 
GLU HB3  H  N N 122 
GLU HG2  H  N N 123 
GLU HG3  H  N N 124 
GLU HE2  H  N N 125 
GLU HXT  H  N N 126 
GLY N    N  N N 127 
GLY CA   C  N N 128 
GLY C    C  N N 129 
GLY O    O  N N 130 
GLY OXT  O  N N 131 
GLY H    H  N N 132 
GLY H2   H  N N 133 
GLY HA2  H  N N 134 
GLY HA3  H  N N 135 
GLY HXT  H  N N 136 
GOL C1   C  N N 137 
GOL O1   O  N N 138 
GOL C2   C  N N 139 
GOL O2   O  N N 140 
GOL C3   C  N N 141 
GOL O3   O  N N 142 
GOL H11  H  N N 143 
GOL H12  H  N N 144 
GOL HO1  H  N N 145 
GOL H2   H  N N 146 
GOL HO2  H  N N 147 
GOL H31  H  N N 148 
GOL H32  H  N N 149 
GOL HO3  H  N N 150 
HIS N    N  N N 151 
HIS CA   C  N S 152 
HIS C    C  N N 153 
HIS O    O  N N 154 
HIS CB   C  N N 155 
HIS CG   C  Y N 156 
HIS ND1  N  Y N 157 
HIS CD2  C  Y N 158 
HIS CE1  C  Y N 159 
HIS NE2  N  Y N 160 
HIS OXT  O  N N 161 
HIS H    H  N N 162 
HIS H2   H  N N 163 
HIS HA   H  N N 164 
HIS HB2  H  N N 165 
HIS HB3  H  N N 166 
HIS HD1  H  N N 167 
HIS HD2  H  N N 168 
HIS HE1  H  N N 169 
HIS HE2  H  N N 170 
HIS HXT  H  N N 171 
HOH O    O  N N 172 
HOH H1   H  N N 173 
HOH H2   H  N N 174 
IJR C4   C  N N 175 
IJR C5   C  N N 176 
IJR C6   C  N N 177 
IJR C7   C  N N 178 
IJR C8   C  N N 179 
IJR N1   N  N N 180 
IJR N2   N  N N 181 
IJR C3   C  N S 182 
IJR C1   C  N N 183 
IJR C2   C  N N 184 
IJR O1   O  N N 185 
IJR O2   O  N N 186 
IJR BR1  BR N N 187 
IJR H8   H  N N 188 
IJR H6   H  N N 189 
IJR H7   H  N N 190 
IJR H11  H  N N 191 
IJR H10  H  N N 192 
IJR H4   H  N N 193 
IJR H9   H  N N 194 
IJR H5   H  N N 195 
IJR H1   H  N N 196 
IJR H2   H  N N 197 
IJR H3   H  N N 198 
ILE N    N  N N 199 
ILE CA   C  N S 200 
ILE C    C  N N 201 
ILE O    O  N N 202 
ILE CB   C  N S 203 
ILE CG1  C  N N 204 
ILE CG2  C  N N 205 
ILE CD1  C  N N 206 
ILE OXT  O  N N 207 
ILE H    H  N N 208 
ILE H2   H  N N 209 
ILE HA   H  N N 210 
ILE HB   H  N N 211 
ILE HG12 H  N N 212 
ILE HG13 H  N N 213 
ILE HG21 H  N N 214 
ILE HG22 H  N N 215 
ILE HG23 H  N N 216 
ILE HD11 H  N N 217 
ILE HD12 H  N N 218 
ILE HD13 H  N N 219 
ILE HXT  H  N N 220 
LEU N    N  N N 221 
LEU CA   C  N S 222 
LEU C    C  N N 223 
LEU O    O  N N 224 
LEU CB   C  N N 225 
LEU CG   C  N N 226 
LEU CD1  C  N N 227 
LEU CD2  C  N N 228 
LEU OXT  O  N N 229 
LEU H    H  N N 230 
LEU H2   H  N N 231 
LEU HA   H  N N 232 
LEU HB2  H  N N 233 
LEU HB3  H  N N 234 
LEU HG   H  N N 235 
LEU HD11 H  N N 236 
LEU HD12 H  N N 237 
LEU HD13 H  N N 238 
LEU HD21 H  N N 239 
LEU HD22 H  N N 240 
LEU HD23 H  N N 241 
LEU HXT  H  N N 242 
LYS N    N  N N 243 
LYS CA   C  N S 244 
LYS C    C  N N 245 
LYS O    O  N N 246 
LYS CB   C  N N 247 
LYS CG   C  N N 248 
LYS CD   C  N N 249 
LYS CE   C  N N 250 
LYS NZ   N  N N 251 
LYS OXT  O  N N 252 
LYS H    H  N N 253 
LYS H2   H  N N 254 
LYS HA   H  N N 255 
LYS HB2  H  N N 256 
LYS HB3  H  N N 257 
LYS HG2  H  N N 258 
LYS HG3  H  N N 259 
LYS HD2  H  N N 260 
LYS HD3  H  N N 261 
LYS HE2  H  N N 262 
LYS HE3  H  N N 263 
LYS HZ1  H  N N 264 
LYS HZ2  H  N N 265 
LYS HZ3  H  N N 266 
LYS HXT  H  N N 267 
MET N    N  N N 268 
MET CA   C  N S 269 
MET C    C  N N 270 
MET O    O  N N 271 
MET CB   C  N N 272 
MET CG   C  N N 273 
MET SD   S  N N 274 
MET CE   C  N N 275 
MET OXT  O  N N 276 
MET H    H  N N 277 
MET H2   H  N N 278 
MET HA   H  N N 279 
MET HB2  H  N N 280 
MET HB3  H  N N 281 
MET HG2  H  N N 282 
MET HG3  H  N N 283 
MET HE1  H  N N 284 
MET HE2  H  N N 285 
MET HE3  H  N N 286 
MET HXT  H  N N 287 
PHE N    N  N N 288 
PHE CA   C  N S 289 
PHE C    C  N N 290 
PHE O    O  N N 291 
PHE CB   C  N N 292 
PHE CG   C  Y N 293 
PHE CD1  C  Y N 294 
PHE CD2  C  Y N 295 
PHE CE1  C  Y N 296 
PHE CE2  C  Y N 297 
PHE CZ   C  Y N 298 
PHE OXT  O  N N 299 
PHE H    H  N N 300 
PHE H2   H  N N 301 
PHE HA   H  N N 302 
PHE HB2  H  N N 303 
PHE HB3  H  N N 304 
PHE HD1  H  N N 305 
PHE HD2  H  N N 306 
PHE HE1  H  N N 307 
PHE HE2  H  N N 308 
PHE HZ   H  N N 309 
PHE HXT  H  N N 310 
PRO N    N  N N 311 
PRO CA   C  N S 312 
PRO C    C  N N 313 
PRO O    O  N N 314 
PRO CB   C  N N 315 
PRO CG   C  N N 316 
PRO CD   C  N N 317 
PRO OXT  O  N N 318 
PRO H    H  N N 319 
PRO HA   H  N N 320 
PRO HB2  H  N N 321 
PRO HB3  H  N N 322 
PRO HG2  H  N N 323 
PRO HG3  H  N N 324 
PRO HD2  H  N N 325 
PRO HD3  H  N N 326 
PRO HXT  H  N N 327 
SER N    N  N N 328 
SER CA   C  N S 329 
SER C    C  N N 330 
SER O    O  N N 331 
SER CB   C  N N 332 
SER OG   O  N N 333 
SER OXT  O  N N 334 
SER H    H  N N 335 
SER H2   H  N N 336 
SER HA   H  N N 337 
SER HB2  H  N N 338 
SER HB3  H  N N 339 
SER HG   H  N N 340 
SER HXT  H  N N 341 
THR N    N  N N 342 
THR CA   C  N S 343 
THR C    C  N N 344 
THR O    O  N N 345 
THR CB   C  N R 346 
THR OG1  O  N N 347 
THR CG2  C  N N 348 
THR OXT  O  N N 349 
THR H    H  N N 350 
THR H2   H  N N 351 
THR HA   H  N N 352 
THR HB   H  N N 353 
THR HG1  H  N N 354 
THR HG21 H  N N 355 
THR HG22 H  N N 356 
THR HG23 H  N N 357 
THR HXT  H  N N 358 
TRP N    N  N N 359 
TRP CA   C  N S 360 
TRP C    C  N N 361 
TRP O    O  N N 362 
TRP CB   C  N N 363 
TRP CG   C  Y N 364 
TRP CD1  C  Y N 365 
TRP CD2  C  Y N 366 
TRP NE1  N  Y N 367 
TRP CE2  C  Y N 368 
TRP CE3  C  Y N 369 
TRP CZ2  C  Y N 370 
TRP CZ3  C  Y N 371 
TRP CH2  C  Y N 372 
TRP OXT  O  N N 373 
TRP H    H  N N 374 
TRP H2   H  N N 375 
TRP HA   H  N N 376 
TRP HB2  H  N N 377 
TRP HB3  H  N N 378 
TRP HD1  H  N N 379 
TRP HE1  H  N N 380 
TRP HE3  H  N N 381 
TRP HZ2  H  N N 382 
TRP HZ3  H  N N 383 
TRP HH2  H  N N 384 
TRP HXT  H  N N 385 
TYR N    N  N N 386 
TYR CA   C  N S 387 
TYR C    C  N N 388 
TYR O    O  N N 389 
TYR CB   C  N N 390 
TYR CG   C  Y N 391 
TYR CD1  C  Y N 392 
TYR CD2  C  Y N 393 
TYR CE1  C  Y N 394 
TYR CE2  C  Y N 395 
TYR CZ   C  Y N 396 
TYR OH   O  N N 397 
TYR OXT  O  N N 398 
TYR H    H  N N 399 
TYR H2   H  N N 400 
TYR HA   H  N N 401 
TYR HB2  H  N N 402 
TYR HB3  H  N N 403 
TYR HD1  H  N N 404 
TYR HD2  H  N N 405 
TYR HE1  H  N N 406 
TYR HE2  H  N N 407 
TYR HH   H  N N 408 
TYR HXT  H  N N 409 
VAL N    N  N N 410 
VAL CA   C  N S 411 
VAL C    C  N N 412 
VAL O    O  N N 413 
VAL CB   C  N N 414 
VAL CG1  C  N N 415 
VAL CG2  C  N N 416 
VAL OXT  O  N N 417 
VAL H    H  N N 418 
VAL H2   H  N N 419 
VAL HA   H  N N 420 
VAL HB   H  N N 421 
VAL HG11 H  N N 422 
VAL HG12 H  N N 423 
VAL HG13 H  N N 424 
VAL HG21 H  N N 425 
VAL HG22 H  N N 426 
VAL HG23 H  N N 427 
VAL HXT  H  N N 428 
# 
loop_
_chem_comp_bond.comp_id 
_chem_comp_bond.atom_id_1 
_chem_comp_bond.atom_id_2 
_chem_comp_bond.value_order 
_chem_comp_bond.pdbx_aromatic_flag 
_chem_comp_bond.pdbx_stereo_config 
_chem_comp_bond.pdbx_ordinal 
ALA N   CA   sing N N 1   
ALA N   H    sing N N 2   
ALA N   H2   sing N N 3   
ALA CA  C    sing N N 4   
ALA CA  CB   sing N N 5   
ALA CA  HA   sing N N 6   
ALA C   O    doub N N 7   
ALA C   OXT  sing N N 8   
ALA CB  HB1  sing N N 9   
ALA CB  HB2  sing N N 10  
ALA CB  HB3  sing N N 11  
ALA OXT HXT  sing N N 12  
ARG N   CA   sing N N 13  
ARG N   H    sing N N 14  
ARG N   H2   sing N N 15  
ARG CA  C    sing N N 16  
ARG CA  CB   sing N N 17  
ARG CA  HA   sing N N 18  
ARG C   O    doub N N 19  
ARG C   OXT  sing N N 20  
ARG CB  CG   sing N N 21  
ARG CB  HB2  sing N N 22  
ARG CB  HB3  sing N N 23  
ARG CG  CD   sing N N 24  
ARG CG  HG2  sing N N 25  
ARG CG  HG3  sing N N 26  
ARG CD  NE   sing N N 27  
ARG CD  HD2  sing N N 28  
ARG CD  HD3  sing N N 29  
ARG NE  CZ   sing N N 30  
ARG NE  HE   sing N N 31  
ARG CZ  NH1  sing N N 32  
ARG CZ  NH2  doub N N 33  
ARG NH1 HH11 sing N N 34  
ARG NH1 HH12 sing N N 35  
ARG NH2 HH21 sing N N 36  
ARG NH2 HH22 sing N N 37  
ARG OXT HXT  sing N N 38  
ASN N   CA   sing N N 39  
ASN N   H    sing N N 40  
ASN N   H2   sing N N 41  
ASN CA  C    sing N N 42  
ASN CA  CB   sing N N 43  
ASN CA  HA   sing N N 44  
ASN C   O    doub N N 45  
ASN C   OXT  sing N N 46  
ASN CB  CG   sing N N 47  
ASN CB  HB2  sing N N 48  
ASN CB  HB3  sing N N 49  
ASN CG  OD1  doub N N 50  
ASN CG  ND2  sing N N 51  
ASN ND2 HD21 sing N N 52  
ASN ND2 HD22 sing N N 53  
ASN OXT HXT  sing N N 54  
ASP N   CA   sing N N 55  
ASP N   H    sing N N 56  
ASP N   H2   sing N N 57  
ASP CA  C    sing N N 58  
ASP CA  CB   sing N N 59  
ASP CA  HA   sing N N 60  
ASP C   O    doub N N 61  
ASP C   OXT  sing N N 62  
ASP CB  CG   sing N N 63  
ASP CB  HB2  sing N N 64  
ASP CB  HB3  sing N N 65  
ASP CG  OD1  doub N N 66  
ASP CG  OD2  sing N N 67  
ASP OD2 HD2  sing N N 68  
ASP OXT HXT  sing N N 69  
CYS N   CA   sing N N 70  
CYS N   H    sing N N 71  
CYS N   H2   sing N N 72  
CYS CA  C    sing N N 73  
CYS CA  CB   sing N N 74  
CYS CA  HA   sing N N 75  
CYS C   O    doub N N 76  
CYS C   OXT  sing N N 77  
CYS CB  SG   sing N N 78  
CYS CB  HB2  sing N N 79  
CYS CB  HB3  sing N N 80  
CYS SG  HG   sing N N 81  
CYS OXT HXT  sing N N 82  
GLN N   CA   sing N N 83  
GLN N   H    sing N N 84  
GLN N   H2   sing N N 85  
GLN CA  C    sing N N 86  
GLN CA  CB   sing N N 87  
GLN CA  HA   sing N N 88  
GLN C   O    doub N N 89  
GLN C   OXT  sing N N 90  
GLN CB  CG   sing N N 91  
GLN CB  HB2  sing N N 92  
GLN CB  HB3  sing N N 93  
GLN CG  CD   sing N N 94  
GLN CG  HG2  sing N N 95  
GLN CG  HG3  sing N N 96  
GLN CD  OE1  doub N N 97  
GLN CD  NE2  sing N N 98  
GLN NE2 HE21 sing N N 99  
GLN NE2 HE22 sing N N 100 
GLN OXT HXT  sing N N 101 
GLU N   CA   sing N N 102 
GLU N   H    sing N N 103 
GLU N   H2   sing N N 104 
GLU CA  C    sing N N 105 
GLU CA  CB   sing N N 106 
GLU CA  HA   sing N N 107 
GLU C   O    doub N N 108 
GLU C   OXT  sing N N 109 
GLU CB  CG   sing N N 110 
GLU CB  HB2  sing N N 111 
GLU CB  HB3  sing N N 112 
GLU CG  CD   sing N N 113 
GLU CG  HG2  sing N N 114 
GLU CG  HG3  sing N N 115 
GLU CD  OE1  doub N N 116 
GLU CD  OE2  sing N N 117 
GLU OE2 HE2  sing N N 118 
GLU OXT HXT  sing N N 119 
GLY N   CA   sing N N 120 
GLY N   H    sing N N 121 
GLY N   H2   sing N N 122 
GLY CA  C    sing N N 123 
GLY CA  HA2  sing N N 124 
GLY CA  HA3  sing N N 125 
GLY C   O    doub N N 126 
GLY C   OXT  sing N N 127 
GLY OXT HXT  sing N N 128 
GOL C1  O1   sing N N 129 
GOL C1  C2   sing N N 130 
GOL C1  H11  sing N N 131 
GOL C1  H12  sing N N 132 
GOL O1  HO1  sing N N 133 
GOL C2  O2   sing N N 134 
GOL C2  C3   sing N N 135 
GOL C2  H2   sing N N 136 
GOL O2  HO2  sing N N 137 
GOL C3  O3   sing N N 138 
GOL C3  H31  sing N N 139 
GOL C3  H32  sing N N 140 
GOL O3  HO3  sing N N 141 
HIS N   CA   sing N N 142 
HIS N   H    sing N N 143 
HIS N   H2   sing N N 144 
HIS CA  C    sing N N 145 
HIS CA  CB   sing N N 146 
HIS CA  HA   sing N N 147 
HIS C   O    doub N N 148 
HIS C   OXT  sing N N 149 
HIS CB  CG   sing N N 150 
HIS CB  HB2  sing N N 151 
HIS CB  HB3  sing N N 152 
HIS CG  ND1  sing Y N 153 
HIS CG  CD2  doub Y N 154 
HIS ND1 CE1  doub Y N 155 
HIS ND1 HD1  sing N N 156 
HIS CD2 NE2  sing Y N 157 
HIS CD2 HD2  sing N N 158 
HIS CE1 NE2  sing Y N 159 
HIS CE1 HE1  sing N N 160 
HIS NE2 HE2  sing N N 161 
HIS OXT HXT  sing N N 162 
HOH O   H1   sing N N 163 
HOH O   H2   sing N N 164 
IJR BR1 C8   sing N N 165 
IJR C8  C7   trip N N 166 
IJR C7  C6   sing N N 167 
IJR C6  N2   sing N N 168 
IJR C1  C2   sing N N 169 
IJR N2  C5   sing N N 170 
IJR C2  N1   sing N N 171 
IJR C2  O1   doub N N 172 
IJR N1  C3   sing N N 173 
IJR C5  O2   doub N N 174 
IJR C5  C3   sing N N 175 
IJR C3  C4   sing N N 176 
IJR C4  H8   sing N N 177 
IJR C4  H6   sing N N 178 
IJR C4  H7   sing N N 179 
IJR C6  H11  sing N N 180 
IJR C6  H10  sing N N 181 
IJR N1  H4   sing N N 182 
IJR N2  H9   sing N N 183 
IJR C3  H5   sing N N 184 
IJR C1  H1   sing N N 185 
IJR C1  H2   sing N N 186 
IJR C1  H3   sing N N 187 
ILE N   CA   sing N N 188 
ILE N   H    sing N N 189 
ILE N   H2   sing N N 190 
ILE CA  C    sing N N 191 
ILE CA  CB   sing N N 192 
ILE CA  HA   sing N N 193 
ILE C   O    doub N N 194 
ILE C   OXT  sing N N 195 
ILE CB  CG1  sing N N 196 
ILE CB  CG2  sing N N 197 
ILE CB  HB   sing N N 198 
ILE CG1 CD1  sing N N 199 
ILE CG1 HG12 sing N N 200 
ILE CG1 HG13 sing N N 201 
ILE CG2 HG21 sing N N 202 
ILE CG2 HG22 sing N N 203 
ILE CG2 HG23 sing N N 204 
ILE CD1 HD11 sing N N 205 
ILE CD1 HD12 sing N N 206 
ILE CD1 HD13 sing N N 207 
ILE OXT HXT  sing N N 208 
LEU N   CA   sing N N 209 
LEU N   H    sing N N 210 
LEU N   H2   sing N N 211 
LEU CA  C    sing N N 212 
LEU CA  CB   sing N N 213 
LEU CA  HA   sing N N 214 
LEU C   O    doub N N 215 
LEU C   OXT  sing N N 216 
LEU CB  CG   sing N N 217 
LEU CB  HB2  sing N N 218 
LEU CB  HB3  sing N N 219 
LEU CG  CD1  sing N N 220 
LEU CG  CD2  sing N N 221 
LEU CG  HG   sing N N 222 
LEU CD1 HD11 sing N N 223 
LEU CD1 HD12 sing N N 224 
LEU CD1 HD13 sing N N 225 
LEU CD2 HD21 sing N N 226 
LEU CD2 HD22 sing N N 227 
LEU CD2 HD23 sing N N 228 
LEU OXT HXT  sing N N 229 
LYS N   CA   sing N N 230 
LYS N   H    sing N N 231 
LYS N   H2   sing N N 232 
LYS CA  C    sing N N 233 
LYS CA  CB   sing N N 234 
LYS CA  HA   sing N N 235 
LYS C   O    doub N N 236 
LYS C   OXT  sing N N 237 
LYS CB  CG   sing N N 238 
LYS CB  HB2  sing N N 239 
LYS CB  HB3  sing N N 240 
LYS CG  CD   sing N N 241 
LYS CG  HG2  sing N N 242 
LYS CG  HG3  sing N N 243 
LYS CD  CE   sing N N 244 
LYS CD  HD2  sing N N 245 
LYS CD  HD3  sing N N 246 
LYS CE  NZ   sing N N 247 
LYS CE  HE2  sing N N 248 
LYS CE  HE3  sing N N 249 
LYS NZ  HZ1  sing N N 250 
LYS NZ  HZ2  sing N N 251 
LYS NZ  HZ3  sing N N 252 
LYS OXT HXT  sing N N 253 
MET N   CA   sing N N 254 
MET N   H    sing N N 255 
MET N   H2   sing N N 256 
MET CA  C    sing N N 257 
MET CA  CB   sing N N 258 
MET CA  HA   sing N N 259 
MET C   O    doub N N 260 
MET C   OXT  sing N N 261 
MET CB  CG   sing N N 262 
MET CB  HB2  sing N N 263 
MET CB  HB3  sing N N 264 
MET CG  SD   sing N N 265 
MET CG  HG2  sing N N 266 
MET CG  HG3  sing N N 267 
MET SD  CE   sing N N 268 
MET CE  HE1  sing N N 269 
MET CE  HE2  sing N N 270 
MET CE  HE3  sing N N 271 
MET OXT HXT  sing N N 272 
PHE N   CA   sing N N 273 
PHE N   H    sing N N 274 
PHE N   H2   sing N N 275 
PHE CA  C    sing N N 276 
PHE CA  CB   sing N N 277 
PHE CA  HA   sing N N 278 
PHE C   O    doub N N 279 
PHE C   OXT  sing N N 280 
PHE CB  CG   sing N N 281 
PHE CB  HB2  sing N N 282 
PHE CB  HB3  sing N N 283 
PHE CG  CD1  doub Y N 284 
PHE CG  CD2  sing Y N 285 
PHE CD1 CE1  sing Y N 286 
PHE CD1 HD1  sing N N 287 
PHE CD2 CE2  doub Y N 288 
PHE CD2 HD2  sing N N 289 
PHE CE1 CZ   doub Y N 290 
PHE CE1 HE1  sing N N 291 
PHE CE2 CZ   sing Y N 292 
PHE CE2 HE2  sing N N 293 
PHE CZ  HZ   sing N N 294 
PHE OXT HXT  sing N N 295 
PRO N   CA   sing N N 296 
PRO N   CD   sing N N 297 
PRO N   H    sing N N 298 
PRO CA  C    sing N N 299 
PRO CA  CB   sing N N 300 
PRO CA  HA   sing N N 301 
PRO C   O    doub N N 302 
PRO C   OXT  sing N N 303 
PRO CB  CG   sing N N 304 
PRO CB  HB2  sing N N 305 
PRO CB  HB3  sing N N 306 
PRO CG  CD   sing N N 307 
PRO CG  HG2  sing N N 308 
PRO CG  HG3  sing N N 309 
PRO CD  HD2  sing N N 310 
PRO CD  HD3  sing N N 311 
PRO OXT HXT  sing N N 312 
SER N   CA   sing N N 313 
SER N   H    sing N N 314 
SER N   H2   sing N N 315 
SER CA  C    sing N N 316 
SER CA  CB   sing N N 317 
SER CA  HA   sing N N 318 
SER C   O    doub N N 319 
SER C   OXT  sing N N 320 
SER CB  OG   sing N N 321 
SER CB  HB2  sing N N 322 
SER CB  HB3  sing N N 323 
SER OG  HG   sing N N 324 
SER OXT HXT  sing N N 325 
THR N   CA   sing N N 326 
THR N   H    sing N N 327 
THR N   H2   sing N N 328 
THR CA  C    sing N N 329 
THR CA  CB   sing N N 330 
THR CA  HA   sing N N 331 
THR C   O    doub N N 332 
THR C   OXT  sing N N 333 
THR CB  OG1  sing N N 334 
THR CB  CG2  sing N N 335 
THR CB  HB   sing N N 336 
THR OG1 HG1  sing N N 337 
THR CG2 HG21 sing N N 338 
THR CG2 HG22 sing N N 339 
THR CG2 HG23 sing N N 340 
THR OXT HXT  sing N N 341 
TRP N   CA   sing N N 342 
TRP N   H    sing N N 343 
TRP N   H2   sing N N 344 
TRP CA  C    sing N N 345 
TRP CA  CB   sing N N 346 
TRP CA  HA   sing N N 347 
TRP C   O    doub N N 348 
TRP C   OXT  sing N N 349 
TRP CB  CG   sing N N 350 
TRP CB  HB2  sing N N 351 
TRP CB  HB3  sing N N 352 
TRP CG  CD1  doub Y N 353 
TRP CG  CD2  sing Y N 354 
TRP CD1 NE1  sing Y N 355 
TRP CD1 HD1  sing N N 356 
TRP CD2 CE2  doub Y N 357 
TRP CD2 CE3  sing Y N 358 
TRP NE1 CE2  sing Y N 359 
TRP NE1 HE1  sing N N 360 
TRP CE2 CZ2  sing Y N 361 
TRP CE3 CZ3  doub Y N 362 
TRP CE3 HE3  sing N N 363 
TRP CZ2 CH2  doub Y N 364 
TRP CZ2 HZ2  sing N N 365 
TRP CZ3 CH2  sing Y N 366 
TRP CZ3 HZ3  sing N N 367 
TRP CH2 HH2  sing N N 368 
TRP OXT HXT  sing N N 369 
TYR N   CA   sing N N 370 
TYR N   H    sing N N 371 
TYR N   H2   sing N N 372 
TYR CA  C    sing N N 373 
TYR CA  CB   sing N N 374 
TYR CA  HA   sing N N 375 
TYR C   O    doub N N 376 
TYR C   OXT  sing N N 377 
TYR CB  CG   sing N N 378 
TYR CB  HB2  sing N N 379 
TYR CB  HB3  sing N N 380 
TYR CG  CD1  doub Y N 381 
TYR CG  CD2  sing Y N 382 
TYR CD1 CE1  sing Y N 383 
TYR CD1 HD1  sing N N 384 
TYR CD2 CE2  doub Y N 385 
TYR CD2 HD2  sing N N 386 
TYR CE1 CZ   doub Y N 387 
TYR CE1 HE1  sing N N 388 
TYR CE2 CZ   sing Y N 389 
TYR CE2 HE2  sing N N 390 
TYR CZ  OH   sing N N 391 
TYR OH  HH   sing N N 392 
TYR OXT HXT  sing N N 393 
VAL N   CA   sing N N 394 
VAL N   H    sing N N 395 
VAL N   H2   sing N N 396 
VAL CA  C    sing N N 397 
VAL CA  CB   sing N N 398 
VAL CA  HA   sing N N 399 
VAL C   O    doub N N 400 
VAL C   OXT  sing N N 401 
VAL CB  CG1  sing N N 402 
VAL CB  CG2  sing N N 403 
VAL CB  HB   sing N N 404 
VAL CG1 HG11 sing N N 405 
VAL CG1 HG12 sing N N 406 
VAL CG1 HG13 sing N N 407 
VAL CG2 HG21 sing N N 408 
VAL CG2 HG22 sing N N 409 
VAL CG2 HG23 sing N N 410 
VAL OXT HXT  sing N N 411 
# 
loop_
_pdbx_audit_support.funding_organization 
_pdbx_audit_support.country 
_pdbx_audit_support.grant_number 
_pdbx_audit_support.ordinal 
'Cancer Research UK' 'United Kingdom' C57659/A27310 1 
'Cancer Research UK' 'United Kingdom' C1362/A20263  2 
'Cancer Research UK' 'United Kingdom' C2215/A21421  3 
# 
_pdbx_entity_instance_feature.ordinal        1 
_pdbx_entity_instance_feature.comp_id        IJR 
_pdbx_entity_instance_feature.asym_id        ? 
_pdbx_entity_instance_feature.seq_num        ? 
_pdbx_entity_instance_feature.auth_comp_id   IJR 
_pdbx_entity_instance_feature.auth_asym_id   ? 
_pdbx_entity_instance_feature.auth_seq_num   ? 
_pdbx_entity_instance_feature.feature_type   'SUBJECT OF INVESTIGATION' 
_pdbx_entity_instance_feature.details        ? 
# 
_pdbx_initial_refinement_model.id               1 
_pdbx_initial_refinement_model.entity_id_list   ? 
_pdbx_initial_refinement_model.type             'experimental model' 
_pdbx_initial_refinement_model.source_name      PDB 
_pdbx_initial_refinement_model.accession_code   5LRQ 
_pdbx_initial_refinement_model.details          ? 
# 
_atom_sites.entry_id                    7ZFV 
_atom_sites.Cartn_transf_matrix[1][1]   ? 
_atom_sites.Cartn_transf_matrix[1][2]   ? 
_atom_sites.Cartn_transf_matrix[1][3]   ? 
_atom_sites.Cartn_transf_matrix[2][1]   ? 
_atom_sites.Cartn_transf_matrix[2][2]   ? 
_atom_sites.Cartn_transf_matrix[2][3]   ? 
_atom_sites.Cartn_transf_matrix[3][1]   ? 
_atom_sites.Cartn_transf_matrix[3][2]   ? 
_atom_sites.Cartn_transf_matrix[3][3]   ? 
_atom_sites.Cartn_transf_vector[1]      ? 
_atom_sites.Cartn_transf_vector[2]      ? 
_atom_sites.Cartn_transf_vector[3]      ? 
_atom_sites.fract_transf_matrix[1][1]   0.01588760 
_atom_sites.fract_transf_matrix[1][2]   0.01525276 
_atom_sites.fract_transf_matrix[1][3]   -0.01454219 
_atom_sites.fract_transf_matrix[2][1]   -0.00090812 
_atom_sites.fract_transf_matrix[2][2]   -0.01541834 
_atom_sites.fract_transf_matrix[2][3]   -0.01716386 
_atom_sites.fract_transf_matrix[3][1]   -0.01007609 
_atom_sites.fract_transf_matrix[3][2]   0.00592730 
_atom_sites.fract_transf_matrix[3][3]   -0.00479139 
_atom_sites.fract_transf_vector[1]      -0.317143 
_atom_sites.fract_transf_vector[2]      0.071155 
_atom_sites.fract_transf_vector[3]      -0.118097 
_atom_sites.solution_primary            ? 
_atom_sites.solution_secondary          ? 
_atom_sites.solution_hydrogens          ? 
_atom_sites.special_details             ? 
# 
loop_
_atom_type.symbol 
_atom_type.pdbx_scat_Z 
_atom_type.pdbx_N_electrons 
_atom_type.scat_Cromer_Mann_a1 
_atom_type.scat_Cromer_Mann_b1 
_atom_type.scat_Cromer_Mann_a2 
_atom_type.scat_Cromer_Mann_b2 
_atom_type.scat_Cromer_Mann_a3 
_atom_type.scat_Cromer_Mann_b3 
_atom_type.scat_Cromer_Mann_a4 
_atom_type.scat_Cromer_Mann_b4 
_atom_type.scat_Cromer_Mann_c 
BR 35 35 17.182 2.172  5.237 16.580 5.639 0.261  3.986 41.433 0.438   
C  6  6  2.310  20.844 1.020 10.208 1.589 0.569  0.865 51.651 0.216   
N  7  7  12.222 0.006  3.135 9.893  2.014 28.997 1.167 0.583  -11.538 
O  8  8  3.049  13.277 2.287 5.701  1.546 0.324  0.867 32.909 0.251   
S  16 16 6.905  1.468  5.203 22.215 1.438 0.254  1.586 56.172 1.049   
# 
loop_
_atom_site.group_PDB 
_atom_site.id 
_atom_site.type_symbol 
_atom_site.label_atom_id 
_atom_site.label_alt_id 
_atom_site.label_comp_id 
_atom_site.label_asym_id 
_atom_site.label_entity_id 
_atom_site.label_seq_id 
_atom_site.pdbx_PDB_ins_code 
_atom_site.Cartn_x 
_atom_site.Cartn_y 
_atom_site.Cartn_z 
_atom_site.occupancy 
_atom_site.B_iso_or_equiv 
_atom_site.pdbx_formal_charge 
_atom_site.auth_seq_id 
_atom_site.auth_comp_id 
_atom_site.auth_asym_id 
_atom_site.auth_atom_id 
_atom_site.pdbx_PDB_model_num 
_atom_site.calc_flag 
ATOM   1    N  N   . GLY A 1 1   ? 5.636   14.292  12.532  1.000 38.161  0 40  GLY A N   1 ? 
ATOM   2    C  CA  . GLY A 1 1   ? 5.802   13.112  13.389  1.000 29.731  0 40  GLY A CA  1 ? 
ATOM   3    C  C   . GLY A 1 1   ? 5.030   13.301  14.695  1.000 28.471  0 40  GLY A C   1 ? 
ATOM   4    O  O   . GLY A 1 1   ? 5.635   13.222  15.748  1.000 27.285  0 40  GLY A O   1 ? 
ATOM   5    N  N   . SER A 1 2   ? 3.717   13.581  14.600  1.000 25.773  0 41  SER A N   1 ? 
ATOM   6    C  CA  . SER A 1 2   ? 2.884   13.799  15.776  1.000 23.497  0 41  SER A CA  1 ? 
ATOM   7    C  C   . SER A 1 2   ? 2.735   12.504  16.560  1.000 20.607  0 41  SER A C   1 ? 
ATOM   8    O  O   . SER A 1 2   ? 2.505   11.424  15.990  1.000 20.048  0 41  SER A O   1 ? 
ATOM   9    C  CB  . SER A 1 2   ? 1.527   14.318  15.407  1.000 25.996  0 41  SER A CB  1 ? 
ATOM   10   O  OG  . SER A 1 2   ? 0.742   13.271  14.849  1.000 45.735  0 41  SER A OG  1 ? 
ATOM   11   N  N   . HIS A 1 3   ? 2.797   12.629  17.883  1.000 18.531  0 42  HIS A N   1 ? 
ATOM   12   C  CA  . HIS A 1 3   ? 2.525   11.520  18.778  1.000 17.504  0 42  HIS A CA  1 ? 
ATOM   13   C  C   . HIS A 1 3   ? 1.110   10.962  18.651  1.000 18.172  0 42  HIS A C   1 ? 
ATOM   14   O  O   . HIS A 1 3   ? 0.837   9.853   19.131  1.000 22.188  0 42  HIS A O   1 ? 
ATOM   15   C  CB  . HIS A 1 3   ? 2.891   11.932  20.228  1.000 21.581  0 42  HIS A CB  1 ? 
ATOM   16   C  CG  . HIS A 1 3   ? 1.833   12.766  20.869  1.000 23.963  0 42  HIS A CG  1 ? 
ATOM   17   N  ND1 . HIS A 1 3   ? 1.576   14.069  20.471  1.000 22.427  0 42  HIS A ND1 1 ? 
ATOM   18   C  CD2 . HIS A 1 3   ? 0.956   12.493  21.865  1.000 26.466  0 42  HIS A CD2 1 ? 
ATOM   19   C  CE1 . HIS A 1 3   ? 0.582   14.563  21.187  1.000 25.619  0 42  HIS A CE1 1 ? 
ATOM   20   N  NE2 . HIS A 1 3   ? 0.189   13.615  22.052  1.000 26.327  0 42  HIS A NE2 1 ? 
ATOM   21   N  N   . MET A 1 4   ? 0.204   11.706  17.998  1.000 17.566  0 43  MET A N   1 ? 
ATOM   22   C  CA  . MET A 1 4   ? -1.166  11.256  17.870  1.000 17.997  0 43  MET A CA  1 ? 
ATOM   23   C  C   . MET A 1 4   ? -1.393  10.374  16.650  1.000 18.265  0 43  MET A C   1 ? 
ATOM   24   O  O   . MET A 1 4   ? -2.476  9.794   16.496  1.000 22.875  0 43  MET A O   1 ? 
ATOM   25   C  CB  . MET A 1 4   ? -2.109  12.453  17.798  1.000 19.987  0 43  MET A CB  1 ? 
ATOM   26   C  CG  . MET A 1 4   ? -1.986  13.290  19.042  1.000 22.281  0 43  MET A CG  1 ? 
ATOM   27   S  SD  . MET A 1 4   ? -3.347  14.433  19.354  1.000 27.323  0 43  MET A SD  1 ? 
ATOM   28   C  CE  . MET A 1 4   ? -3.656  15.128  17.741  1.000 29.159  0 43  MET A CE  1 ? 
ATOM   29   N  N   . ASN A 1 5   ? -0.396  10.304  15.773  1.000 16.075  0 44  ASN A N   1 ? 
ATOM   30   C  CA  . ASN A 1 5   ? -0.437  9.320   14.697  1.000 17.576  0 44  ASN A CA  1 ? 
ATOM   31   C  C   . ASN A 1 5   ? 0.271   8.063   15.176  1.000 17.233  0 44  ASN A C   1 ? 
ATOM   32   O  O   . ASN A 1 5   ? 1.240   8.156   15.941  1.000 17.357  0 44  ASN A O   1 ? 
ATOM   33   C  CB  . ASN A 1 5   ? 0.288   9.827   13.452  1.000 16.747  0 44  ASN A CB  1 ? 
ATOM   34   C  CG  . ASN A 1 5   ? -0.490  10.906  12.728  1.000 18.515  0 44  ASN A CG  1 ? 
ATOM   35   O  OD1 . ASN A 1 5   ? -1.716  10.785  12.603  1.000 19.520  0 44  ASN A OD1 1 ? 
ATOM   36   N  ND2 . ASN A 1 5   ? 0.201   11.948  12.313  1.000 18.681  0 44  ASN A ND2 1 ? 
ATOM   37   N  N   . PRO A 1 6   ? -0.158  6.850   14.784  1.000 16.098  0 45  PRO A N   1 ? 
ATOM   38   C  CA  . PRO A 1 6   ? 0.558   5.647   15.187  1.000 17.592  0 45  PRO A CA  1 ? 
ATOM   39   C  C   . PRO A 1 6   ? 1.913   5.582   14.490  1.000 18.584  0 45  PRO A C   1 ? 
ATOM   40   O  O   . PRO A 1 6   ? 2.163   6.191   13.447  1.000 19.082  0 45  PRO A O   1 ? 
ATOM   41   C  CB  . PRO A 1 6   ? -0.352  4.499   14.711  1.000 17.646  0 45  PRO A CB  1 ? 
ATOM   42   C  CG  . PRO A 1 6   ? -1.133  5.084   13.586  1.000 17.755  0 45  PRO A CG  1 ? 
ATOM   43   C  CD  . PRO A 1 6   ? -1.299  6.557   13.901  1.000 17.483  0 45  PRO A CD  1 ? 
ATOM   44   N  N   . PRO A 1 7   ? 2.823   4.700   14.967  1.000 19.143  0 46  PRO A N   1 ? 
ATOM   45   C  CA  . PRO A 1 7   ? 4.034   4.426   14.214  1.000 17.401  0 46  PRO A CA  1 ? 
ATOM   46   C  C   . PRO A 1 7   ? 3.602   3.767   12.910  1.000 18.514  0 46  PRO A C   1 ? 
ATOM   47   O  O   . PRO A 1 7   ? 2.529   3.170   12.841  1.000 19.687  0 46  PRO A O   1 ? 
ATOM   48   C  CB  . PRO A 1 7   ? 4.758   3.358   15.071  1.000 20.966  0 46  PRO A CB  1 ? 
ATOM   49   C  CG  . PRO A 1 7   ? 3.687   2.751   15.878  1.000 21.894  0 46  PRO A CG  1 ? 
ATOM   50   C  CD  . PRO A 1 7   ? 2.674   3.848   16.151  1.000 22.022  0 46  PRO A CD  1 ? 
ATOM   51   N  N   . PRO A 1 8   ? 4.378   3.957   11.840  1.000 20.668  0 47  PRO A N   1 ? 
ATOM   52   C  CA  . PRO A 1 8   ? 4.028   3.387   10.541  1.000 19.753  0 47  PRO A CA  1 ? 
ATOM   53   C  C   . PRO A 1 8   ? 4.153   1.875   10.616  1.000 19.608  0 47  PRO A C   1 ? 
ATOM   54   O  O   . PRO A 1 8   ? 4.724   1.337   11.552  1.000 20.105  0 47  PRO A O   1 ? 
ATOM   55   C  CB  . PRO A 1 8   ? 5.077   3.984   9.584   1.000 24.180  0 47  PRO A CB  1 ? 
ATOM   56   C  CG  . PRO A 1 8   ? 6.242   4.383   10.484  1.000 24.205  0 47  PRO A CG  1 ? 
ATOM   57   C  CD  . PRO A 1 8   ? 5.606   4.772   11.802  1.000 22.361  0 47  PRO A CD  1 ? 
ATOM   58   N  N   . PRO A 1 9   ? 3.643   1.132   9.630   1.000 17.207  0 48  PRO A N   1 ? 
ATOM   59   C  CA  . PRO A 1 9   ? 3.900   -0.301  9.585   1.000 17.263  0 48  PRO A CA  1 ? 
ATOM   60   C  C   . PRO A 1 9   ? 5.405   -0.537  9.468   1.000 18.303  0 48  PRO A C   1 ? 
ATOM   61   O  O   . PRO A 1 9   ? 6.130   0.235   8.862   1.000 18.938  0 48  PRO A O   1 ? 
ATOM   62   C  CB  . PRO A 1 9   ? 3.103   -0.787  8.344   1.000 17.695  0 48  PRO A CB  1 ? 
ATOM   63   C  CG  . PRO A 1 9   ? 2.145   0.359   8.066   1.000 18.509  0 48  PRO A CG  1 ? 
ATOM   64   C  CD  . PRO A 1 9   ? 2.843   1.635   8.477   1.000 17.349  0 48  PRO A CD  1 ? 
ATOM   65   N  N   . GLU A 1 10  ? 5.821   -1.684  10.036  1.000 21.454  0 49  GLU A N   1 ? 
ATOM   66   C  CA  . GLU A 1 10  ? 7.193   -2.133  9.999   1.000 23.692  0 49  GLU A CA  1 ? 
ATOM   67   C  C   . GLU A 1 10  ? 7.724   -2.219  8.562   1.000 21.008  0 49  GLU A C   1 ? 
ATOM   68   O  O   . GLU A 1 10  ? 7.062   -2.796  7.693   1.000 20.693  0 49  GLU A O   1 ? 
ATOM   69   C  CB  . GLU A 1 10  ? 7.145   -3.551  10.579  1.000 24.905  0 49  GLU A CB  1 ? 
ATOM   70   C  CG  . GLU A 1 10  ? 8.492   -4.165  10.797  1.000 29.339  0 49  GLU A CG  1 ? 
ATOM   71   C  CD  . GLU A 1 10  ? 8.300   -5.430  11.591  1.000 27.876  0 49  GLU A CD  1 ? 
ATOM   72   O  OE1 . GLU A 1 10  ? 8.454   -5.364  12.832  1.000 35.711  0 49  GLU A OE1 1 ? 
ATOM   73   O  OE2 . GLU A 1 10  ? 8.001   -6.466  10.977  1.000 26.358  0 49  GLU A OE2 1 ? 
ATOM   74   N  N   . THR A 1 11  ? 8.946   -1.740  8.327   1.000 20.521  0 50  THR A N   1 ? 
ATOM   75   C  CA  . THR A 1 11  ? 9.581   -1.896  7.026   1.000 20.527  0 50  THR A CA  1 ? 
ATOM   76   C  C   . THR A 1 11  ? 10.931  -2.612  7.143   1.000 19.297  0 50  THR A C   1 ? 
ATOM   77   O  O   . THR A 1 11  ? 11.516  -2.919  6.114   1.000 21.545  0 50  THR A O   1 ? 
ATOM   78   C  CB  . THR A 1 11  ? 9.695   -0.580  6.257   1.000 22.554  0 50  THR A CB  1 ? 
ATOM   79   O  OG1 . THR A 1 11  ? 10.450  0.322   7.078   1.000 26.878  0 50  THR A OG1 1 ? 
ATOM   80   C  CG2 . THR A 1 11  ? 8.323   -0.019  5.953   1.000 22.992  0 50  THR A CG2 1 ? 
ATOM   81   N  N   . SER A 1 12  ? 11.372  -2.803  8.377   1.000 22.061  0 51  SER A N   1 ? 
ATOM   82   C  CA  . SER A 1 12  ? 12.646  -3.450  8.661   1.000 22.796  0 51  SER A CA  1 ? 
ATOM   83   C  C   . SER A 1 12  ? 12.469  -4.294  9.916   1.000 22.823  0 51  SER A C   1 ? 
ATOM   84   O  O   . SER A 1 12  ? 11.976  -3.844  10.952  1.000 26.347  0 51  SER A O   1 ? 
ATOM   85   C  CB  . SER A 1 12  ? 13.724  -2.399  8.842   1.000 27.501  0 51  SER A CB  1 ? 
ATOM   86   O  OG  . SER A 1 12  ? 14.730  -2.891  9.716   1.000 31.451  0 51  SER A OG  1 ? 
ATOM   87   N  N   . ASN A 1 13  ? 12.861  -5.562  9.813   1.000 19.865  0 52  ASN A N   1 ? 
ATOM   88   C  CA  . ASN A 1 13  ? 12.908  -6.401  10.987  1.000 18.730  0 52  ASN A CA  1 ? 
ATOM   89   C  C   . ASN A 1 13  ? 13.846  -7.576  10.714  1.000 18.271  0 52  ASN A C   1 ? 
ATOM   90   O  O   . ASN A 1 13  ? 13.528  -8.487  9.968   1.000 18.145  0 52  ASN A O   1 ? 
ATOM   91   C  CB  . ASN A 1 13  ? 11.549  -7.038  11.268  1.000 23.241  0 52  ASN A CB  1 ? 
ATOM   92   C  CG  . ASN A 1 13  ? 11.514  -7.817  12.564  1.000 25.170  0 52  ASN A CG  1 ? 
ATOM   93   O  OD1 . ASN A 1 13  ? 12.539  -8.227  13.118  1.000 25.994  0 52  ASN A OD1 1 ? 
ATOM   94   N  ND2 . ASN A 1 13  ? 10.316  -8.002  13.081  1.000 32.696  0 52  ASN A ND2 1 ? 
ATOM   95   N  N   . PRO A 1 14  ? 15.039  -7.656  11.332  1.000 17.641  0 53  PRO A N   1 ? 
ATOM   96   C  CA  . PRO A 1 14  ? 15.941  -8.767  11.054  1.000 16.906  0 53  PRO A CA  1 ? 
ATOM   97   C  C   . PRO A 1 14  ? 15.430  -10.143 11.437  1.000 18.859  0 53  PRO A C   1 ? 
ATOM   98   O  O   . PRO A 1 14  ? 16.010  -11.114 10.963  1.000 23.081  0 53  PRO A O   1 ? 
ATOM   99   C  CB  . PRO A 1 14  ? 17.156  -8.465  11.947  1.000 18.877  0 53  PRO A CB  1 ? 
ATOM   100  C  CG  . PRO A 1 14  ? 17.123  -6.962  11.994  1.000 20.489  0 53  PRO A CG  1 ? 
ATOM   101  C  CD  . PRO A 1 14  ? 15.658  -6.593  12.151  1.000 19.829  0 53  PRO A CD  1 ? 
ATOM   102  N  N   . ASN A 1 15  ? 14.381  -10.210 12.252  1.000 20.794  0 54  ASN A N   1 ? 
ATOM   103  C  CA  . ASN A 1 15  ? 13.932  -11.526 12.679  1.000 24.210  0 54  ASN A CA  1 ? 
ATOM   104  C  C   . ASN A 1 15  ? 13.071  -12.173 11.595  1.000 24.738  0 54  ASN A C   1 ? 
ATOM   105  O  O   . ASN A 1 15  ? 12.803  -13.373 11.670  1.000 27.589  0 54  ASN A O   1 ? 
ATOM   106  C  CB  . ASN A 1 15  ? 13.214  -11.475 14.017  1.000 26.545  0 54  ASN A CB  1 ? 
ATOM   107  C  CG  . ASN A 1 15  ? 14.196  -11.131 15.115  1.000 25.552  0 54  ASN A CG  1 ? 
ATOM   108  O  OD1 . ASN A 1 15  ? 15.325  -11.634 15.143  1.000 27.399  0 54  ASN A OD1 1 ? 
ATOM   109  N  ND2 . ASN A 1 15  ? 13.768  -10.271 16.022  1.000 31.148  0 54  ASN A ND2 1 ? 
ATOM   110  N  N   . LYS A 1 16  ? 12.565  -11.373 10.652  1.000 21.982  0 55  LYS A N   1 ? 
ATOM   111  C  CA  . LYS A 1 16  ? 11.640  -11.894 9.645   1.000 22.991  0 55  LYS A CA  1 ? 
ATOM   112  C  C   . LYS A 1 16  ? 12.444  -12.446 8.467   1.000 24.290  0 55  LYS A C   1 ? 
ATOM   113  O  O   . LYS A 1 16  ? 13.259  -11.756 7.886   1.000 20.473  0 55  LYS A O   1 ? 
ATOM   114  C  CB  . LYS A 1 16  ? 10.708  -10.773 9.195   1.000 21.467  0 55  LYS A CB  1 ? 
ATOM   115  C  CG  . LYS A 1 16  ? 9.580   -11.187 8.244   1.000 23.926  0 55  LYS A CG  1 ? 
ATOM   116  C  CD  . LYS A 1 16  ? 8.830   -10.000 7.654   1.000 21.282  0 55  LYS A CD  1 ? 
ATOM   117  C  CE  . LYS A 1 16  ? 7.661   -10.358 6.745   1.000 21.003  0 55  LYS A CE  1 ? 
ATOM   118  N  NZ  . LYS A 1 16  ? 8.110   -11.137 5.573   1.000 19.634  0 55  LYS A NZ  1 ? 
ATOM   119  N  N   . PRO A 1 17  ? 12.294  -13.734 8.066   1.000 26.405  0 56  PRO A N   1 ? 
ATOM   120  C  CA  . PRO A 1 17  ? 12.970  -14.238 6.865   1.000 26.774  0 56  PRO A CA  1 ? 
ATOM   121  C  C   . PRO A 1 17  ? 12.492  -13.515 5.609   1.000 25.178  0 56  PRO A C   1 ? 
ATOM   122  O  O   . PRO A 1 17  ? 11.329  -13.137 5.510   1.000 22.894  0 56  PRO A O   1 ? 
ATOM   123  C  CB  . PRO A 1 17  ? 12.546  -15.717 6.819   1.000 28.066  0 56  PRO A CB  1 ? 
ATOM   124  C  CG  . PRO A 1 17  ? 12.307  -16.024 8.257   1.000 30.987  0 56  PRO A CG  1 ? 
ATOM   125  C  CD  . PRO A 1 17  ? 11.600  -14.801 8.807   1.000 26.962  0 56  PRO A CD  1 ? 
ATOM   126  N  N   . LYS A 1 18  ? 13.462  -13.299 4.720   1.000 24.101  0 57  LYS A N   1 ? 
ATOM   127  C  CA  . LYS A 1 18  ? 13.295  -12.472 3.526   1.000 25.073  0 57  LYS A CA  1 ? 
ATOM   128  C  C   . LYS A 1 18  ? 13.664  -13.313 2.321   1.000 22.691  0 57  LYS A C   1 ? 
ATOM   129  O  O   . LYS A 1 18  ? 14.529  -14.157 2.425   1.000 20.989  0 57  LYS A O   1 ? 
ATOM   130  C  CB  . LYS A 1 18  ? 14.337  -11.341 3.556   1.000 21.277  0 57  LYS A CB  1 ? 
ATOM   131  C  CG  . LYS A 1 18  ? 14.424  -10.630 4.889   1.000 21.696  0 57  LYS A CG  1 ? 
ATOM   132  C  CD  . LYS A 1 18  ? 13.074  -10.047 5.223   1.000 25.786  0 57  LYS A CD  1 ? 
ATOM   133  C  CE  . LYS A 1 18  ? 13.226  -8.856  6.113   1.000 23.376  0 57  LYS A CE  1 ? 
ATOM   134  N  NZ  . LYS A 1 18  ? 14.011  -9.233  7.301   1.000 18.287  0 57  LYS A NZ  1 ? 
ATOM   135  N  N   . ARG A 1 19  ? 13.082  -13.008 1.167   1.000 19.066  0 58  ARG A N   1 ? 
ATOM   136  C  CA  . ARG A 1 19  ? 13.523  -13.716 -0.014  1.000 18.835  0 58  ARG A CA  1 ? 
ATOM   137  C  C   . ARG A 1 19  ? 13.242  -12.816 -1.201  1.000 22.973  0 58  ARG A C   1 ? 
ATOM   138  O  O   . ARG A 1 19  ? 12.238  -12.136 -1.197  1.000 25.953  0 58  ARG A O   1 ? 
ATOM   139  C  CB  . ARG A 1 19  ? 12.749  -15.050 -0.042  1.000 22.225  0 58  ARG A CB  1 ? 
ATOM   140  C  CG  . ARG A 1 19  ? 12.860  -15.866 -1.314  1.000 26.356  0 58  ARG A CG  1 ? 
ATOM   141  C  CD  . ARG A 1 19  ? 12.067  -17.116 -0.986  1.000 20.183  0 58  ARG A CD  1 ? 
ATOM   142  N  NE  . ARG A 1 19  ? 10.632  -16.885 -1.088  1.000 18.195  0 58  ARG A NE  1 ? 
ATOM   143  C  CZ  . ARG A 1 19  ? 9.791   -17.767 -1.587  1.000 20.471  0 58  ARG A CZ  1 ? 
ATOM   144  N  NH1 . ARG A 1 19  ? 10.207  -18.986 -1.914  1.000 21.146  0 58  ARG A NH1 1 ? 
ATOM   145  N  NH2 . ARG A 1 19  ? 8.523   -17.426 -1.746  1.000 21.199  0 58  ARG A NH2 1 ? 
ATOM   146  N  N   . GLN A 1 20  ? 14.121  -12.831 -2.195  1.000 22.091  0 59  GLN A N   1 ? 
ATOM   147  C  CA  . GLN A 1 20  ? 13.837  -12.193 -3.461  1.000 24.847  0 59  GLN A CA  1 ? 
ATOM   148  C  C   . GLN A 1 20  ? 13.168  -13.236 -4.359  1.000 26.731  0 59  GLN A C   1 ? 
ATOM   149  O  O   . GLN A 1 20  ? 13.595  -14.398 -4.385  1.000 25.835  0 59  GLN A O   1 ? 
ATOM   150  C  CB  . GLN A 1 20  ? 15.163  -11.675 -4.031  1.000 30.525  0 59  GLN A CB  1 ? 
ATOM   151  C  CG  . GLN A 1 20  ? 15.030  -10.471 -4.952  1.000 41.522  0 59  GLN A CG  1 ? 
ATOM   152  C  CD  . GLN A 1 20  ? 13.927  -9.519  -4.553  1.000 43.070  0 59  GLN A CD  1 ? 
ATOM   153  O  OE1 . GLN A 1 20  ? 12.816  -9.547  -5.093  1.000 39.614  0 59  GLN A OE1 1 ? 
ATOM   154  N  NE2 . GLN A 1 20  ? 14.230  -8.672  -3.584  1.000 46.666  0 59  GLN A NE2 1 ? 
ATOM   155  N  N   . THR A 1 21  ? 12.060  -12.874 -5.015  1.000 21.840  0 60  THR A N   1 ? 
ATOM   156  C  CA  . THR A 1 21  ? 11.504  -13.770 -6.024  1.000 20.253  0 60  THR A CA  1 ? 
ATOM   157  C  C   . THR A 1 21  ? 11.274  -12.944 -7.288  1.000 20.030  0 60  THR A C   1 ? 
ATOM   158  O  O   . THR A 1 21  ? 11.191  -11.708 -7.238  1.000 19.090  0 60  THR A O   1 ? 
ATOM   159  C  CB  . THR A 1 21  ? 10.218  -14.502 -5.586  1.000 19.649  0 60  THR A CB  1 ? 
ATOM   160  O  OG1 . THR A 1 21  ? 9.115   -13.579 -5.607  1.000 19.582  0 60  THR A OG1 1 ? 
ATOM   161  C  CG2 . THR A 1 21  ? 10.292  -15.130 -4.204  1.000 19.558  0 60  THR A CG2 1 ? 
ATOM   162  N  N   . ASN A 1 22  ? 11.128  -13.629 -8.424  1.000 19.147  0 61  ASN A N   1 ? 
ATOM   163  C  CA  . ASN A 1 22  ? 10.832  -12.950 -9.673  1.000 18.918  0 61  ASN A CA  1 ? 
ATOM   164  C  C   . ASN A 1 22  ? 9.482   -12.219 -9.568  1.000 17.782  0 61  ASN A C   1 ? 
ATOM   165  O  O   . ASN A 1 22  ? 9.300   -11.175 -10.185 1.000 17.923  0 61  ASN A O   1 ? 
ATOM   166  C  CB  . ASN A 1 22  ? 10.897  -13.900 -10.884 1.000 19.365  0 61  ASN A CB  1 ? 
ATOM   167  C  CG  . ASN A 1 22  ? 9.789   -14.927 -10.901 1.000 21.558  0 61  ASN A CG  1 ? 
ATOM   168  O  OD1 . ASN A 1 22  ? 9.588   -15.635 -9.932  1.000 23.201  0 61  ASN A OD1 1 ? 
ATOM   169  N  ND2 . ASN A 1 22  ? 9.036   -14.979 -11.987 1.000 22.607  0 61  ASN A ND2 1 ? 
ATOM   170  N  N   . GLN A 1 23  ? 8.532   -12.779 -8.785  1.000 16.973  0 62  GLN A N   1 ? 
ATOM   171  C  CA  . GLN A 1 23  ? 7.247   -12.114 -8.621  1.000 16.456  0 62  GLN A CA  1 ? 
ATOM   172  C  C   . GLN A 1 23  ? 7.382   -10.827 -7.813  1.000 16.417  0 62  GLN A C   1 ? 
ATOM   173  O  O   . GLN A 1 23  ? 6.756   -9.835  -8.175  1.000 15.266  0 62  GLN A O   1 ? 
ATOM   174  C  CB  . GLN A 1 23  ? 6.271   -13.042 -7.912  1.000 16.935  0 62  GLN A CB  1 ? 
ATOM   175  C  CG  . GLN A 1 23  ? 5.960   -14.264 -8.769  1.000 18.349  0 62  GLN A CG  1 ? 
ATOM   176  C  CD  . GLN A 1 23  ? 4.907   -15.129 -8.132  1.000 17.883  0 62  GLN A CD  1 ? 
ATOM   177  O  OE1 . GLN A 1 23  ? 4.781   -15.209 -6.910  1.000 20.394  0 62  GLN A OE1 1 ? 
ATOM   178  N  NE2 . GLN A 1 23  ? 4.137   -15.798 -8.972  1.000 18.683  0 62  GLN A NE2 1 ? 
ATOM   179  N  N   . LEU A 1 24  ? 8.223   -10.847 -6.759  1.000 16.824  0 63  LEU A N   1 ? 
ATOM   180  C  CA  . LEU A 1 24  ? 8.462   -9.610  -6.006  1.000 15.686  0 63  LEU A CA  1 ? 
ATOM   181  C  C   . LEU A 1 24  ? 9.196   -8.577  -6.851  1.000 16.522  0 63  LEU A C   1 ? 
ATOM   182  O  O   . LEU A 1 24  ? 8.913   -7.378  -6.748  1.000 17.881  0 63  LEU A O   1 ? 
ATOM   183  C  CB  . LEU A 1 24  ? 9.200   -9.926  -4.707  1.000 16.307  0 63  LEU A CB  1 ? 
ATOM   184  C  CG  . LEU A 1 24  ? 8.291   -10.524 -3.634  1.000 16.670  0 63  LEU A CG  1 ? 
ATOM   185  C  CD1 . LEU A 1 24  ? 9.142   -11.179 -2.561  1.000 19.274  0 63  LEU A CD1 1 ? 
ATOM   186  C  CD2 . LEU A 1 24  ? 7.382   -9.428  -3.044  1.000 15.875  0 63  LEU A CD2 1 ? 
ATOM   187  N  N   . GLN A 1 25  ? 10.117  -9.035  -7.700  1.000 16.558  0 64  GLN A N   1 ? 
ATOM   188  C  CA  . GLN A 1 25  ? 10.795  -8.117  -8.616  1.000 19.489  0 64  GLN A CA  1 ? 
ATOM   189  C  C   . GLN A 1 25  ? 9.793   -7.452  -9.555  1.000 17.735  0 64  GLN A C   1 ? 
ATOM   190  O  O   . GLN A 1 25  ? 9.893   -6.256  -9.785  1.000 19.127  0 64  GLN A O   1 ? 
ATOM   191  C  CB  . GLN A 1 25  ? 11.860  -8.882  -9.388  1.000 20.439  0 64  GLN A CB  1 ? 
ATOM   192  C  CG  . GLN A 1 25  ? 13.024  -9.290  -8.486  1.000 27.564  0 64  GLN A CG  1 ? 
ATOM   193  C  CD  . GLN A 1 25  ? 14.064  -10.143 -9.176  0.500 26.910  0 64  GLN A CD  1 ? 
ATOM   194  O  OE1 . GLN A 1 25  ? 13.757  -11.106 -9.869  0.500 30.015  0 64  GLN A OE1 1 ? 
ATOM   195  N  NE2 . GLN A 1 25  ? 15.318  -9.776  -8.989  0.500 27.276  0 64  GLN A NE2 1 ? 
ATOM   196  N  N   . TYR A 1 26  ? 8.806   -8.220  -10.064 1.000 16.589  0 65  TYR A N   1 ? 
ATOM   197  C  CA  . TYR A 1 26  ? 7.772   -7.676  -10.917 1.000 17.197  0 65  TYR A CA  1 ? 
ATOM   198  C  C   . TYR A 1 26  ? 6.933   -6.655  -10.141 1.000 16.538  0 65  TYR A C   1 ? 
ATOM   199  O  O   . TYR A 1 26  ? 6.530   -5.621  -10.677 1.000 17.924  0 65  TYR A O   1 ? 
ATOM   200  C  CB  . TYR A 1 26  ? 6.935   -8.829  -11.467 1.000 17.626  0 65  TYR A CB  1 ? 
ATOM   201  C  CG  . TYR A 1 26  ? 5.728   -8.458  -12.302 1.000 17.624  0 65  TYR A CG  1 ? 
ATOM   202  C  CD1 . TYR A 1 26  ? 4.486   -8.248  -11.712 1.000 17.152  0 65  TYR A CD1 1 ? 
ATOM   203  C  CD2 . TYR A 1 26  ? 5.809   -8.332  -13.687 1.000 19.356  0 65  TYR A CD2 1 ? 
ATOM   204  C  CE1 . TYR A 1 26  ? 3.357   -7.940  -12.467 1.000 18.058  0 65  TYR A CE1 1 ? 
ATOM   205  C  CE2 . TYR A 1 26  ? 4.679   -8.051  -14.450 1.000 18.810  0 65  TYR A CE2 1 ? 
ATOM   206  C  CZ  . TYR A 1 26  ? 3.441   -7.855  -13.845 1.000 18.656  0 65  TYR A CZ  1 ? 
ATOM   207  O  OH  . TYR A 1 26  ? 2.337   -7.573  -14.625 1.000 19.805  0 65  TYR A OH  1 ? 
ATOM   208  N  N   . LEU A 1 27  ? 6.629   -6.954  -8.875  1.000 15.425  0 66  LEU A N   1 ? 
ATOM   209  C  CA  . LEU A 1 27  ? 5.810   -6.027  -8.113  1.000 16.721  0 66  LEU A CA  1 ? 
ATOM   210  C  C   . LEU A 1 27  ? 6.501   -4.683  -7.959  1.000 17.521  0 66  LEU A C   1 ? 
ATOM   211  O  O   . LEU A 1 27  ? 5.814   -3.659  -7.869  1.000 18.749  0 66  LEU A O   1 ? 
ATOM   212  C  CB  . LEU A 1 27  ? 5.426   -6.650  -6.761  1.000 15.673  0 66  LEU A CB  1 ? 
ATOM   213  C  CG  . LEU A 1 27  ? 4.295   -7.688  -6.868  1.000 16.850  0 66  LEU A CG  1 ? 
ATOM   214  C  CD1 . LEU A 1 27  ? 4.329   -8.615  -5.654  1.000 18.786  0 66  LEU A CD1 1 ? 
ATOM   215  C  CD2 . LEU A 1 27  ? 2.951   -6.958  -6.867  1.000 22.946  0 66  LEU A CD2 1 ? 
ATOM   216  N  N   . LEU A 1 28  ? 7.827   -4.670  -7.818  1.000 16.612  0 67  LEU A N   1 ? 
ATOM   217  C  CA  . LEU A 1 28  ? 8.536   -3.404  -7.689  1.000 17.848  0 67  LEU A CA  1 ? 
ATOM   218  C  C   . LEU A 1 28  ? 8.665   -2.717  -9.050  1.000 19.060  0 67  LEU A C   1 ? 
ATOM   219  O  O   . LEU A 1 28  ? 8.347   -1.525  -9.159  1.000 19.324  0 67  LEU A O   1 ? 
ATOM   220  C  CB  . LEU A 1 28  ? 9.910   -3.624  -7.055  1.000 19.456  0 67  LEU A CB  1 ? 
ATOM   221  C  CG  . LEU A 1 28  ? 10.762  -2.359  -6.876  1.000 20.282  0 67  LEU A CG  1 ? 
ATOM   222  C  CD1 . LEU A 1 28  ? 10.037  -1.294  -6.055  1.000 20.028  0 67  LEU A CD1 1 ? 
ATOM   223  C  CD2 . LEU A 1 28  ? 12.080  -2.742  -6.210  1.000 21.735  0 67  LEU A CD2 1 ? 
ATOM   224  N  N   . ARG A 1 29  ? 9.177   -3.455  -10.036 1.000 18.443  0 68  ARG A N   1 ? 
ATOM   225  C  CA  . ARG A 1 29  ? 9.617   -2.886  -11.309 1.000 21.265  0 68  ARG A CA  1 ? 
ATOM   226  C  C   . ARG A 1 29  ? 8.455   -2.542  -12.229 1.000 22.706  0 68  ARG A C   1 ? 
ATOM   227  O  O   . ARG A 1 29  ? 8.583   -1.640  -13.063 1.000 25.737  0 68  ARG A O   1 ? 
ATOM   228  C  CB  . ARG A 1 29  ? 10.594  -3.835  -12.013 1.000 23.309  0 68  ARG A CB  1 ? 
ATOM   229  C  CG  . ARG A 1 29  ? 11.937  -3.972  -11.302 1.000 27.718  0 68  ARG A CG  1 ? 
ATOM   230  C  CD  . ARG A 1 29  ? 12.872  -4.914  -12.073 1.000 31.389  0 68  ARG A CD  1 ? 
ATOM   231  N  NE  . ARG A 1 29  ? 13.891  -5.570  -11.250 0.500 28.737  0 68  ARG A NE  1 ? 
ATOM   232  C  CZ  . ARG A 1 29  ? 14.467  -6.751  -11.473 0.500 30.681  0 68  ARG A CZ  1 ? 
ATOM   233  N  NH1 . ARG A 1 29  ? 15.369  -7.205  -10.620 0.500 31.216  0 68  ARG A NH1 1 ? 
ATOM   234  N  NH2 . ARG A 1 29  ? 14.170  -7.470  -12.541 0.500 32.131  0 68  ARG A NH2 1 ? 
ATOM   235  N  N   . VAL A 1 30  ? 7.337   -3.247  -12.083 1.000 19.047  0 69  VAL A N   1 ? 
ATOM   236  C  CA  . VAL A 1 30  ? 6.196   -3.044  -12.961 1.000 19.696  0 69  VAL A CA  1 ? 
ATOM   237  C  C   . VAL A 1 30  ? 5.023   -2.469  -12.172 1.000 21.377  0 69  VAL A C   1 ? 
ATOM   238  O  O   . VAL A 1 30  ? 4.468   -1.440  -12.559 1.000 24.001  0 69  VAL A O   1 ? 
ATOM   239  C  CB  . VAL A 1 30  ? 5.771   -4.338  -13.683 1.000 19.689  0 69  VAL A CB  1 ? 
ATOM   240  C  CG1 . VAL A 1 30  ? 4.579   -4.057  -14.594 1.000 20.411  0 69  VAL A CG1 1 ? 
ATOM   241  C  CG2 . VAL A 1 30  ? 6.919   -4.914  -14.516 1.000 21.923  0 69  VAL A CG2 1 ? 
ATOM   242  N  N   . VAL A 1 31  ? 4.619   -3.153  -11.089 1.000 18.199  0 70  VAL A N   1 ? 
ATOM   243  C  CA  . VAL A 1 31  ? 3.363   -2.779  -10.452 1.000 18.137  0 70  VAL A CA  1 ? 
ATOM   244  C  C   . VAL A 1 31  ? 3.523   -1.455  -9.700  1.000 18.212  0 70  VAL A C   1 ? 
ATOM   245  O  O   . VAL A 1 31  ? 2.763   -0.494  -9.935  1.000 20.718  0 70  VAL A O   1 ? 
ATOM   246  C  CB  . VAL A 1 31  ? 2.807   -3.894  -9.554  1.000 17.339  0 70  VAL A CB  1 ? 
ATOM   247  C  CG1 . VAL A 1 31  ? 1.480   -3.462  -8.889  1.000 18.711  0 70  VAL A CG1 1 ? 
ATOM   248  C  CG2 . VAL A 1 31  ? 2.654   -5.188  -10.348 1.000 18.592  0 70  VAL A CG2 1 ? 
ATOM   249  N  N   . LEU A 1 32  ? 4.478   -1.409  -8.757  1.000 19.203  0 71  LEU A N   1 ? 
ATOM   250  C  CA  . LEU A 1 32  ? 4.670   -0.222  -7.941  1.000 19.218  0 71  LEU A CA  1 ? 
ATOM   251  C  C   . LEU A 1 32  ? 5.060   0.955   -8.821  1.000 22.420  0 71  LEU A C   1 ? 
ATOM   252  O  O   . LEU A 1 32  ? 4.473   2.029   -8.696  1.000 21.511  0 71  LEU A O   1 ? 
ATOM   253  C  CB  . LEU A 1 32  ? 5.682   -0.446  -6.817  1.000 21.458  0 71  LEU A CB  1 ? 
ATOM   254  C  CG  . LEU A 1 32  ? 5.840   0.788   -5.918  1.000 24.798  0 71  LEU A CG  1 ? 
ATOM   255  C  CD1 . LEU A 1 32  ? 4.648   0.937   -4.991  1.000 23.325  0 71  LEU A CD1 1 ? 
ATOM   256  C  CD2 . LEU A 1 32  ? 7.159   0.788   -5.166  1.000 30.116  0 71  LEU A CD2 1 ? 
ATOM   257  N  N   . LYS A 1 33  ? 5.977   0.722   -9.751  1.000 20.854  0 72  LYS A N   1 ? 
ATOM   258  C  CA  . LYS A 1 33  ? 6.364   1.755   -10.712 1.000 25.111  0 72  LYS A CA  1 ? 
ATOM   259  C  C   . LYS A 1 33  ? 5.157   2.382   -11.424 1.000 24.114  0 72  LYS A C   1 ? 
ATOM   260  O  O   . LYS A 1 33  ? 5.101   3.614   -11.513 1.000 26.967  0 72  LYS A O   1 ? 
ATOM   261  C  CB  . LYS A 1 33  ? 7.314   1.180   -11.768 1.000 25.673  0 72  LYS A CB  1 ? 
ATOM   262  C  CG  . LYS A 1 33  ? 7.833   2.208   -12.769 0.500 27.265  0 72  LYS A CG  1 ? 
ATOM   263  C  CD  . LYS A 1 33  ? 8.555   1.607   -13.963 0.500 29.824  0 72  LYS A CD  1 ? 
ATOM   264  C  CE  . LYS A 1 33  ? 7.627   1.054   -15.027 0.500 33.396  0 72  LYS A CE  1 ? 
ATOM   265  N  NZ  . LYS A 1 33  ? 6.748   2.103   -15.596 0.500 34.717  0 72  LYS A NZ  1 ? 
ATOM   266  N  N   . THR A 1 34  ? 4.234   1.554   -11.943 1.000 22.075  0 73  THR A N   1 ? 
ATOM   267  C  CA  . THR A 1 34  ? 3.051   1.990   -12.682 1.000 23.134  0 73  THR A CA  1 ? 
ATOM   268  C  C   . THR A 1 34  ? 2.161   2.836   -11.770 1.000 21.608  0 73  THR A C   1 ? 
ATOM   269  O  O   . THR A 1 34  ? 1.640   3.884   -12.155 1.000 22.824  0 73  THR A O   1 ? 
ATOM   270  C  CB  . THR A 1 34  ? 2.251   0.792   -13.217 1.000 26.022  0 73  THR A CB  1 ? 
ATOM   271  O  OG1 . THR A 1 34  ? 3.063   0.182   -14.224 1.000 32.720  0 73  THR A OG1 1 ? 
ATOM   272  C  CG2 . THR A 1 34  ? 0.895   1.148   -13.797 1.000 31.555  0 73  THR A CG2 1 ? 
ATOM   273  N  N   . LEU A 1 35  ? 1.974   2.390   -10.530 1.000 18.592  0 74  LEU A N   1 ? 
ATOM   274  C  CA  . LEU A 1 35  ? 0.962   3.056   -9.722  1.000 17.925  0 74  LEU A CA  1 ? 
ATOM   275  C  C   . LEU A 1 35  ? 1.553   4.339   -9.136  1.000 18.631  0 74  LEU A C   1 ? 
ATOM   276  O  O   . LEU A 1 35  ? 0.808   5.311   -8.949  1.000 19.203  0 74  LEU A O   1 ? 
ATOM   277  C  CB  . LEU A 1 35  ? 0.514   2.115   -8.584  1.000 17.803  0 74  LEU A CB  1 ? 
ATOM   278  C  CG  . LEU A 1 35  ? -0.741  1.276   -8.871  1.000 22.561  0 74  LEU A CG  1 ? 
ATOM   279  C  CD1 . LEU A 1 35  ? -0.571  0.290   -10.025 1.000 23.188  0 74  LEU A CD1 1 ? 
ATOM   280  C  CD2 . LEU A 1 35  ? -1.210  0.538   -7.610  1.000 22.290  0 74  LEU A CD2 1 ? 
ATOM   281  N  N   . TRP A 1 36  ? 2.850   4.341   -8.820  1.000 18.094  0 75  TRP A N   1 ? 
ATOM   282  C  CA  . TRP A 1 36  ? 3.484   5.461   -8.143  1.000 19.078  0 75  TRP A CA  1 ? 
ATOM   283  C  C   . TRP A 1 36  ? 3.405   6.735   -8.981  1.000 20.392  0 75  TRP A C   1 ? 
ATOM   284  O  O   . TRP A 1 36  ? 3.240   7.816   -8.413  1.000 21.991  0 75  TRP A O   1 ? 
ATOM   285  C  CB  . TRP A 1 36  ? 4.938   5.151   -7.776  1.000 21.673  0 75  TRP A CB  1 ? 
ATOM   286  C  CG  . TRP A 1 36  ? 5.567   6.165   -6.877  1.000 22.228  0 75  TRP A CG  1 ? 
ATOM   287  C  CD1 . TRP A 1 36  ? 6.291   7.271   -7.226  1.000 22.366  0 75  TRP A CD1 1 ? 
ATOM   288  C  CD2 . TRP A 1 36  ? 5.570   6.127   -5.443  1.000 20.173  0 75  TRP A CD2 1 ? 
ATOM   289  N  NE1 . TRP A 1 36  ? 6.716   7.941   -6.111  1.000 21.996  0 75  TRP A NE1 1 ? 
ATOM   290  C  CE2 . TRP A 1 36  ? 6.321   7.240   -4.989  1.000 21.037  0 75  TRP A CE2 1 ? 
ATOM   291  C  CE3 . TRP A 1 36  ? 5.016   5.237   -4.505  1.000 19.234  0 75  TRP A CE3 1 ? 
ATOM   292  C  CZ2 . TRP A 1 36  ? 6.515   7.511   -3.636  1.000 20.204  0 75  TRP A CZ2 1 ? 
ATOM   293  C  CZ3 . TRP A 1 36  ? 5.187   5.529   -3.170  1.000 19.812  0 75  TRP A CZ3 1 ? 
ATOM   294  C  CH2 . TRP A 1 36  ? 5.919   6.636   -2.742  1.000 19.768  0 75  TRP A CH2 1 ? 
ATOM   295  N  N   . LYS A 1 37  ? 3.542   6.595   -10.301 1.000 20.479  0 76  LYS A N   1 ? 
ATOM   296  C  CA  . LYS A 1 37  ? 3.600   7.791   -11.126 1.000 19.998  0 76  LYS A CA  1 ? 
ATOM   297  C  C   . LYS A 1 37  ? 2.218   8.166   -11.662 1.000 21.976  0 76  LYS A C   1 ? 
ATOM   298  O  O   . LYS A 1 37  ? 2.088   9.119   -12.446 1.000 22.989  0 76  LYS A O   1 ? 
ATOM   299  C  CB  . LYS A 1 37  ? 4.613   7.562   -12.253 1.000 23.315  0 76  LYS A CB  1 ? 
ATOM   300  C  CG  . LYS A 1 37  ? 4.197   6.516   -13.263 1.000 25.345  0 76  LYS A CG  1 ? 
ATOM   301  C  CD  . LYS A 1 37  ? 5.314   6.330   -14.330 1.000 30.267  0 76  LYS A CD  1 ? 
ATOM   302  C  CE  . LYS A 1 37  ? 5.073   5.177   -15.288 1.000 38.781  0 76  LYS A CE  1 ? 
ATOM   303  N  NZ  . LYS A 1 37  ? 3.903   5.409   -16.171 1.000 45.419  0 76  LYS A NZ  1 ? 
ATOM   304  N  N   . HIS A 1 38  ? 1.160   7.451   -11.282 1.000 19.325  0 77  HIS A N   1 ? 
ATOM   305  C  CA  . HIS A 1 38  ? -0.183  7.833   -11.671 1.000 19.324  0 77  HIS A CA  1 ? 
ATOM   306  C  C   . HIS A 1 38  ? -0.543  9.221   -11.126 1.000 18.932  0 77  HIS A C   1 ? 
ATOM   307  O  O   . HIS A 1 38  ? -0.141  9.574   -10.024 1.000 19.145  0 77  HIS A O   1 ? 
ATOM   308  C  CB  . HIS A 1 38  ? -1.181  6.764   -11.205 1.000 19.762  0 77  HIS A CB  1 ? 
ATOM   309  C  CG  . HIS A 1 38  ? -2.513  6.897   -11.860 1.000 21.517  0 77  HIS A CG  1 ? 
ATOM   310  N  ND1 . HIS A 1 38  ? -3.460  7.795   -11.429 1.000 19.868  0 77  HIS A ND1 1 ? 
ATOM   311  C  CD2 . HIS A 1 38  ? -3.080  6.247   -12.899 1.000 21.939  0 77  HIS A CD2 1 ? 
ATOM   312  C  CE1 . HIS A 1 38  ? -4.537  7.717   -12.197 1.000 22.360  0 77  HIS A CE1 1 ? 
ATOM   313  N  NE2 . HIS A 1 38  ? -4.332  6.739   -13.084 1.000 25.156  0 77  HIS A NE2 1 ? 
ATOM   314  N  N   . GLN A 1 39  ? -1.308  10.004  -11.922 1.000 19.283  0 78  GLN A N   1 ? 
ATOM   315  C  CA  . GLN A 1 39  ? -1.788  11.314  -11.499 1.000 19.468  0 78  GLN A CA  1 ? 
ATOM   316  C  C   . GLN A 1 39  ? -2.461  11.267  -10.126 1.000 16.911  0 78  GLN A C   1 ? 
ATOM   317  O  O   . GLN A 1 39  ? -2.350  12.227  -9.368  1.000 17.865  0 78  GLN A O   1 ? 
ATOM   318  C  CB  . GLN A 1 39  ? -2.771  11.921  -12.520 1.000 20.847  0 78  GLN A CB  1 ? 
ATOM   319  C  CG  . GLN A 1 39  ? -3.234  13.335  -12.178 1.000 26.463  0 78  GLN A CG  1 ? 
ATOM   320  C  CD  . GLN A 1 39  ? -4.127  13.900  -13.253 1.000 28.063  0 78  GLN A CD  1 ? 
ATOM   321  O  OE1 . GLN A 1 39  ? -3.899  15.018  -13.732 1.000 35.082  0 78  GLN A OE1 1 ? 
ATOM   322  N  NE2 . GLN A 1 39  ? -5.138  13.136  -13.648 1.000 24.633  0 78  GLN A NE2 1 ? 
ATOM   323  N  N   . PHE A 1 40  ? -3.136  10.147  -9.819  1.000 17.272  0 79  PHE A N   1 ? 
ATOM   324  C  CA  . PHE A 1 40  ? -3.888  10.104  -8.571  1.000 16.443  0 79  PHE A CA  1 ? 
ATOM   325  C  C   . PHE A 1 40  ? -3.153  9.372   -7.441  1.000 15.987  0 79  PHE A C   1 ? 
ATOM   326  O  O   . PHE A 1 40  ? -3.804  9.040   -6.433  1.000 15.748  0 79  PHE A O   1 ? 
ATOM   327  C  CB  . PHE A 1 40  ? -5.198  9.370   -8.827  1.000 17.622  0 79  PHE A CB  1 ? 
ATOM   328  C  CG  . PHE A 1 40  ? -6.160  10.105  -9.720  1.000 18.753  0 79  PHE A CG  1 ? 
ATOM   329  C  CD1 . PHE A 1 40  ? -6.116  11.486  -9.856  1.000 19.441  0 79  PHE A CD1 1 ? 
ATOM   330  C  CD2 . PHE A 1 40  ? -7.183  9.399   -10.347 1.000 20.611  0 79  PHE A CD2 1 ? 
ATOM   331  C  CE1 . PHE A 1 40  ? -7.062  12.151  -10.632 1.000 22.583  0 79  PHE A CE1 1 ? 
ATOM   332  C  CE2 . PHE A 1 40  ? -8.127  10.062  -11.121 1.000 22.907  0 79  PHE A CE2 1 ? 
ATOM   333  C  CZ  . PHE A 1 40  ? -8.055  11.435  -11.275 1.000 22.420  0 79  PHE A CZ  1 ? 
ATOM   334  N  N   . ALA A 1 41  ? -1.836  9.142   -7.587  1.000 15.255  0 80  ALA A N   1 ? 
ATOM   335  C  CA  . ALA A 1 41  ? -1.150  8.364   -6.559  1.000 15.335  0 80  ALA A CA  1 ? 
ATOM   336  C  C   . ALA A 1 41  ? -0.931  9.123   -5.258  1.000 16.136  0 80  ALA A C   1 ? 
ATOM   337  O  O   . ALA A 1 41  ? -0.696  8.527   -4.215  1.000 15.929  0 80  ALA A O   1 ? 
ATOM   338  C  CB  . ALA A 1 41  ? 0.179   7.889   -7.059  1.000 17.044  0 80  ALA A CB  1 ? 
ATOM   339  N  N   . TRP A 1 42  ? -0.790  10.453  -5.320  1.000 15.685  0 81  TRP A N   1 ? 
ATOM   340  C  CA  . TRP A 1 42  ? -0.183  11.178  -4.212  1.000 16.126  0 81  TRP A CA  1 ? 
ATOM   341  C  C   . TRP A 1 42  ? -0.875  10.938  -2.868  1.000 16.692  0 81  TRP A C   1 ? 
ATOM   342  O  O   . TRP A 1 42  ? -0.153  10.892  -1.869  1.000 17.045  0 81  TRP A O   1 ? 
ATOM   343  C  CB  . TRP A 1 42  ? -0.046  12.688  -4.491  1.000 17.616  0 81  TRP A CB  1 ? 
ATOM   344  C  CG  . TRP A 1 42  ? -1.340  13.390  -4.716  1.000 17.619  0 81  TRP A CG  1 ? 
ATOM   345  C  CD1 . TRP A 1 42  ? -1.980  13.572  -5.913  1.000 18.490  0 81  TRP A CD1 1 ? 
ATOM   346  C  CD2 . TRP A 1 42  ? -2.172  13.991  -3.711  1.000 19.948  0 81  TRP A CD2 1 ? 
ATOM   347  N  NE1 . TRP A 1 42  ? -3.164  14.223  -5.709  1.000 19.788  0 81  TRP A NE1 1 ? 
ATOM   348  C  CE2 . TRP A 1 42  ? -3.298  14.519  -4.379  1.000 19.376  0 81  TRP A CE2 1 ? 
ATOM   349  C  CE3 . TRP A 1 42  ? -2.060  14.157  -2.323  1.000 21.925  0 81  TRP A CE3 1 ? 
ATOM   350  C  CZ2 . TRP A 1 42  ? -4.309  15.207  -3.702  1.000 23.610  0 81  TRP A CZ2 1 ? 
ATOM   351  C  CZ3 . TRP A 1 42  ? -3.075  14.807  -1.651  1.000 24.498  0 81  TRP A CZ3 1 ? 
ATOM   352  C  CH2 . TRP A 1 42  ? -4.177  15.321  -2.333  1.000 24.004  0 81  TRP A CH2 1 ? 
ATOM   353  N  N   . PRO A 1 43  ? -2.210  10.760  -2.720  1.000 14.353  0 82  PRO A N   1 ? 
ATOM   354  C  CA  . PRO A 1 43  ? -2.747  10.535  -1.374  1.000 14.096  0 82  PRO A CA  1 ? 
ATOM   355  C  C   . PRO A 1 43  ? -2.339  9.205   -0.749  1.000 14.550  0 82  PRO A C   1 ? 
ATOM   356  O  O   . PRO A 1 43  ? -2.573  9.006   0.432   1.000 16.149  0 82  PRO A O   1 ? 
ATOM   357  C  CB  . PRO A 1 43  ? -4.274  10.516  -1.535  1.000 14.789  0 82  PRO A CB  1 ? 
ATOM   358  C  CG  . PRO A 1 43  ? -4.476  11.241  -2.881  1.000 15.144  0 82  PRO A CG  1 ? 
ATOM   359  C  CD  . PRO A 1 43  ? -3.301  10.805  -3.732  1.000 14.056  0 82  PRO A CD  1 ? 
ATOM   360  N  N   . PHE A 1 44  ? -1.750  8.345   -1.576  1.000 13.754  0 83  PHE A N   1 ? 
ATOM   361  C  CA  . PHE A 1 44  ? -1.422  6.987   -1.174  1.000 14.355  0 83  PHE A CA  1 ? 
ATOM   362  C  C   . PHE A 1 44  ? 0.085   6.800   -1.052  1.000 15.619  0 83  PHE A C   1 ? 
ATOM   363  O  O   . PHE A 1 44  ? 0.514   5.674   -0.805  1.000 15.861  0 83  PHE A O   1 ? 
ATOM   364  C  CB  . PHE A 1 44  ? -1.998  5.981   -2.186  1.000 13.537  0 83  PHE A CB  1 ? 
ATOM   365  C  CG  . PHE A 1 44  ? -3.469  6.161   -2.419  1.000 14.386  0 83  PHE A CG  1 ? 
ATOM   366  C  CD1 . PHE A 1 44  ? -4.371  5.652   -1.500  1.000 15.359  0 83  PHE A CD1 1 ? 
ATOM   367  C  CD2 . PHE A 1 44  ? -3.963  6.954   -3.458  1.000 15.249  0 83  PHE A CD2 1 ? 
ATOM   368  C  CE1 . PHE A 1 44  ? -5.745  5.844   -1.656  1.000 16.914  0 83  PHE A CE1 1 ? 
ATOM   369  C  CE2 . PHE A 1 44  ? -5.342  7.152   -3.615  1.000 15.294  0 83  PHE A CE2 1 ? 
ATOM   370  C  CZ  . PHE A 1 44  ? -6.231  6.614   -2.700  1.000 15.070  0 83  PHE A CZ  1 ? 
ATOM   371  N  N   . GLN A 1 45  ? 0.885   7.854   -1.175  1.000 14.356  0 84  GLN A N   1 ? 
ATOM   372  C  CA  . GLN A 1 45  ? 2.339   7.704   -1.230  1.000 14.545  0 84  GLN A CA  1 ? 
ATOM   373  C  C   . GLN A 1 45  ? 3.008   7.732   0.145   1.000 15.480  0 84  GLN A C   1 ? 
ATOM   374  O  O   . GLN A 1 45  ? 4.236   7.603   0.239   1.000 17.202  0 84  GLN A O   1 ? 
ATOM   375  C  CB  . GLN A 1 45  ? 2.956   8.750   -2.173  1.000 16.114  0 84  GLN A CB  1 ? 
ATOM   376  C  CG  . GLN A 1 45  ? 2.770   8.422   -3.655  1.000 17.925  0 84  GLN A CG  1 ? 
ATOM   377  C  CD  . GLN A 1 45  ? 3.247   9.565   -4.542  1.000 18.327  0 84  GLN A CD  1 ? 
ATOM   378  O  OE1 . GLN A 1 45  ? 3.326   10.713  -4.115  1.000 20.605  0 84  GLN A OE1 1 ? 
ATOM   379  N  NE2 . GLN A 1 45  ? 3.585   9.246   -5.784  1.000 20.888  0 84  GLN A NE2 1 ? 
ATOM   380  N  N   . GLN A 1 46  ? 2.210   7.937   1.205   1.000 15.621  0 85  GLN A N   1 ? 
ATOM   381  C  CA  . GLN A 1 46  ? 2.687   7.997   2.573   1.000 14.622  0 85  GLN A CA  1 ? 
ATOM   382  C  C   . GLN A 1 46  ? 1.547   7.645   3.522   1.000 15.184  0 85  GLN A C   1 ? 
ATOM   383  O  O   . GLN A 1 46  ? 0.381   7.697   3.136   1.000 14.930  0 85  GLN A O   1 ? 
ATOM   384  C  CB  . GLN A 1 46  ? 3.242   9.402   2.855   1.000 15.851  0 85  GLN A CB  1 ? 
ATOM   385  C  CG  . GLN A 1 46  ? 2.215   10.544  2.743   1.000 16.894  0 85  GLN A CG  1 ? 
ATOM   386  C  CD  . GLN A 1 46  ? 1.829   10.901  1.324   1.000 18.219  0 85  GLN A CD  1 ? 
ATOM   387  O  OE1 . GLN A 1 46  ? 2.695   11.126  0.477   1.000 20.720  0 85  GLN A OE1 1 ? 
ATOM   388  N  NE2 . GLN A 1 46  ? 0.538   10.831  1.028   1.000 17.918  0 85  GLN A NE2 1 ? 
ATOM   389  N  N   . PRO A 1 47  ? 1.852   7.259   4.772   1.000 15.310  0 86  PRO A N   1 ? 
ATOM   390  C  CA  . PRO A 1 47  ? 0.799   6.974   5.749   1.000 16.684  0 86  PRO A CA  1 ? 
ATOM   391  C  C   . PRO A 1 47  ? -0.121  8.177   5.918   1.000 15.443  0 86  PRO A C   1 ? 
ATOM   392  O  O   . PRO A 1 47  ? 0.296   9.337   5.780   1.000 16.822  0 86  PRO A O   1 ? 
ATOM   393  C  CB  . PRO A 1 47  ? 1.615   6.819   7.053   1.000 16.316  0 86  PRO A CB  1 ? 
ATOM   394  C  CG  . PRO A 1 47  ? 2.924   6.249   6.557   1.000 18.989  0 86  PRO A CG  1 ? 
ATOM   395  C  CD  . PRO A 1 47  ? 3.216   7.067   5.318   1.000 17.095  0 86  PRO A CD  1 ? 
ATOM   396  N  N   . VAL A 1 48  ? -1.399  7.864   6.165   1.000 15.949  0 87  VAL A N   1 ? 
ATOM   397  C  CA  . VAL A 1 48  ? -2.383  8.893   6.452   1.000 16.120  0 87  VAL A CA  1 ? 
ATOM   398  C  C   . VAL A 1 48  ? -1.939  9.679   7.686   1.000 18.138  0 87  VAL A C   1 ? 
ATOM   399  O  O   . VAL A 1 48  ? -1.720  9.099   8.750   1.000 17.688  0 87  VAL A O   1 ? 
ATOM   400  C  CB  . VAL A 1 48  ? -3.793  8.295   6.606   1.000 16.670  0 87  VAL A CB  1 ? 
ATOM   401  C  CG1 . VAL A 1 48  ? -4.758  9.381   7.109   1.000 17.094  0 87  VAL A CG1 1 ? 
ATOM   402  C  CG2 . VAL A 1 48  ? -4.301  7.766   5.287   1.000 16.851  0 87  VAL A CG2 1 ? 
ATOM   403  N  N   . ASP A 1 49  ? -1.807  11.004  7.541   1.000 17.875  0 88  ASP A N   1 ? 
ATOM   404  C  CA  . ASP A 1 49  ? -1.420  11.860  8.665   1.000 18.149  0 88  ASP A CA  1 ? 
ATOM   405  C  C   . ASP A 1 49  ? -2.741  12.439  9.176   1.000 18.966  0 88  ASP A C   1 ? 
ATOM   406  O  O   . ASP A 1 49  ? -3.241  13.449  8.665   1.000 17.364  0 88  ASP A O   1 ? 
ATOM   407  C  CB  . ASP A 1 49  ? -0.385  12.931  8.296   1.000 19.972  0 88  ASP A CB  1 ? 
ATOM   408  C  CG  . ASP A 1 49  ? 0.029   13.834  9.446   1.000 24.058  0 88  ASP A CG  1 ? 
ATOM   409  O  OD1 . ASP A 1 49  ? -0.718  13.921  10.444  1.000 21.163  0 88  ASP A OD1 1 ? 
ATOM   410  O  OD2 . ASP A 1 49  ? 1.083   14.480  9.315   1.000 28.624  0 88  ASP A OD2 1 ? 
ATOM   411  N  N   . ALA A 1 50  ? -3.325  11.738  10.136  1.000 17.050  0 89  ALA A N   1 ? 
ATOM   412  C  CA  . ALA A 1 50  ? -4.664  12.066  10.606  1.000 18.630  0 89  ALA A CA  1 ? 
ATOM   413  C  C   . ALA A 1 50  ? -4.666  13.394  11.352  1.000 19.289  0 89  ALA A C   1 ? 
ATOM   414  O  O   . ALA A 1 50  ? -5.725  14.045  11.427  1.000 19.649  0 89  ALA A O   1 ? 
ATOM   415  C  CB  . ALA A 1 50  ? -5.189  10.949  11.489  1.000 21.053  0 89  ALA A CB  1 ? 
ATOM   416  N  N   . VAL A 1 51  ? -3.517  13.801  11.897  1.000 17.637  0 90  VAL A N   1 ? 
ATOM   417  C  CA  . VAL A 1 51  ? -3.467  15.078  12.578  1.000 18.121  0 90  VAL A CA  1 ? 
ATOM   418  C  C   . VAL A 1 51  ? -3.572  16.207  11.553  1.000 18.738  0 90  VAL A C   1 ? 
ATOM   419  O  O   . VAL A 1 51  ? -4.406  17.111  11.693  1.000 20.272  0 90  VAL A O   1 ? 
ATOM   420  C  CB  . VAL A 1 51  ? -2.207  15.185  13.471  1.000 19.019  0 90  VAL A CB  1 ? 
ATOM   421  C  CG1 . VAL A 1 51  ? -2.111  16.553  14.143  1.000 21.176  0 90  VAL A CG1 1 ? 
ATOM   422  C  CG2 . VAL A 1 51  ? -2.226  14.067  14.516  1.000 20.598  0 90  VAL A CG2 1 ? 
ATOM   423  N  N   . LYS A 1 52  ? -2.733  16.142  10.507  1.000 16.574  0 91  LYS A N   1 ? 
ATOM   424  C  CA  . LYS A 1 52  ? -2.672  17.181  9.484   1.000 18.537  0 91  LYS A CA  1 ? 
ATOM   425  C  C   . LYS A 1 52  ? -4.043  17.333  8.809   1.000 19.277  0 91  LYS A C   1 ? 
ATOM   426  O  O   . LYS A 1 52  ? -4.459  18.452  8.483   1.000 19.140  0 91  LYS A O   1 ? 
ATOM   427  C  CB  . LYS A 1 52  ? -1.597  16.798  8.457   1.000 22.901  0 91  LYS A CB  1 ? 
ATOM   428  C  CG  . LYS A 1 52  ? -1.315  17.874  7.419   1.000 29.562  0 91  LYS A CG  1 ? 
ATOM   429  C  CD  . LYS A 1 52  ? 0.162   18.100  7.121   1.000 33.840  0 91  LYS A CD  1 ? 
ATOM   430  C  CE  . LYS A 1 52  ? 0.569   19.560  7.227   1.000 36.267  0 91  LYS A CE  1 ? 
ATOM   431  N  NZ  . LYS A 1 52  ? 1.102   20.084  5.951   1.000 28.330  0 91  LYS A NZ  1 ? 
ATOM   432  N  N   . LEU A 1 53  ? -4.724  16.215  8.553   1.000 17.479  0 92  LEU A N   1 ? 
ATOM   433  C  CA  . LEU A 1 53  ? -6.013  16.214  7.877   1.000 18.044  0 92  LEU A CA  1 ? 
ATOM   434  C  C   . LEU A 1 53  ? -7.203  16.455  8.810   1.000 18.967  0 92  LEU A C   1 ? 
ATOM   435  O  O   . LEU A 1 53  ? -8.336  16.453  8.330   1.000 20.792  0 92  LEU A O   1 ? 
ATOM   436  C  CB  . LEU A 1 53  ? -6.180  14.880  7.139   1.000 18.698  0 92  LEU A CB  1 ? 
ATOM   437  C  CG  . LEU A 1 53  ? -5.159  14.590  6.036   1.000 19.771  0 92  LEU A CG  1 ? 
ATOM   438  C  CD1 . LEU A 1 53  ? -5.346  13.182  5.489   1.000 24.063  0 92  LEU A CD1 1 ? 
ATOM   439  C  CD2 . LEU A 1 53  ? -5.265  15.599  4.912   1.000 22.818  0 92  LEU A CD2 1 ? 
ATOM   440  N  N   . ASN A 1 54  ? -6.952  16.562  10.122  1.000 17.560  0 93  ASN A N   1 ? 
ATOM   441  C  CA  . ASN A 1 54  ? -8.005  16.762  11.113  1.000 19.536  0 93  ASN A CA  1 ? 
ATOM   442  C  C   . ASN A 1 54  ? -9.041  15.639  11.041  1.000 17.942  0 93  ASN A C   1 ? 
ATOM   443  O  O   . ASN A 1 54  ? -10.261 15.862  10.994  1.000 21.824  0 93  ASN A O   1 ? 
ATOM   444  C  CB  . ASN A 1 54  ? -8.661  18.136  10.985  1.000 23.645  0 93  ASN A CB  1 ? 
ATOM   445  C  CG  . ASN A 1 54  ? -9.670  18.380  12.094  1.000 30.163  0 93  ASN A CG  1 ? 
ATOM   446  O  OD1 . ASN A 1 54  ? -9.509  17.911  13.231  1.000 34.291  0 93  ASN A OD1 1 ? 
ATOM   447  N  ND2 . ASN A 1 54  ? -10.738 19.087  11.760  1.000 33.046  0 93  ASN A ND2 1 ? 
ATOM   448  N  N   . LEU A 1 55  ? -8.548  14.387  11.034  1.000 17.061  0 94  LEU A N   1 ? 
ATOM   449  C  CA  . LEU A 1 55  ? -9.410  13.206  10.982  1.000 17.076  0 94  LEU A CA  1 ? 
ATOM   450  C  C   . LEU A 1 55  ? -9.076  12.375  12.211  1.000 17.141  0 94  LEU A C   1 ? 
ATOM   451  O  O   . LEU A 1 55  ? -8.469  11.328  12.094  1.000 16.116  0 94  LEU A O   1 ? 
ATOM   452  C  CB  . LEU A 1 55  ? -9.121  12.437  9.683   1.000 18.464  0 94  LEU A CB  1 ? 
ATOM   453  C  CG  . LEU A 1 55  ? -9.527  13.190  8.413   1.000 18.738  0 94  LEU A CG  1 ? 
ATOM   454  C  CD1 . LEU A 1 55  ? -9.195  12.354  7.179   1.000 24.516  0 94  LEU A CD1 1 ? 
ATOM   455  C  CD2 . LEU A 1 55  ? -11.000 13.590  8.457   1.000 21.999  0 94  LEU A CD2 1 ? 
ATOM   456  N  N   . PRO A 1 56  ? -9.415  12.814  13.450  1.000 16.308  0 95  PRO A N   1 ? 
ATOM   457  C  CA  . PRO A 1 56  ? -8.977  12.108  14.660  1.000 16.978  0 95  PRO A CA  1 ? 
ATOM   458  C  C   . PRO A 1 56  ? -9.536  10.689  14.768  1.000 17.427  0 95  PRO A C   1 ? 
ATOM   459  O  O   . PRO A 1 56  ? -8.967  9.855   15.464  1.000 21.010  0 95  PRO A O   1 ? 
ATOM   460  C  CB  . PRO A 1 56  ? -9.452  13.009  15.820  1.000 17.875  0 95  PRO A CB  1 ? 
ATOM   461  C  CG  . PRO A 1 56  ? -10.560 13.795  15.202  1.000 17.083  0 95  PRO A CG  1 ? 
ATOM   462  C  CD  . PRO A 1 56  ? -10.126 14.058  13.767  1.000 18.013  0 95  PRO A CD  1 ? 
ATOM   463  N  N   . ASP A 1 57  ? -10.620 10.400  14.045  1.000 18.975  0 96  ASP A N   1 ? 
ATOM   464  C  CA  . ASP A 1 57  ? -11.191 9.063   14.101  1.000 18.481  0 96  ASP A CA  1 ? 
ATOM   465  C  C   . ASP A 1 57  ? -10.519 8.078   13.139  1.000 17.699  0 96  ASP A C   1 ? 
ATOM   466  O  O   . ASP A 1 57  ? -10.902 6.925   13.135  1.000 19.202  0 96  ASP A O   1 ? 
ATOM   467  C  CB  . ASP A 1 57  ? -12.697 9.074   13.816  1.000 19.010  0 96  ASP A CB  1 ? 
ATOM   468  C  CG  . ASP A 1 57  ? -13.084 9.317   12.365  1.000 24.287  0 96  ASP A CG  1 ? 
ATOM   469  O  OD1 . ASP A 1 57  ? -12.234 9.758   11.569  1.000 23.109  0 96  ASP A OD1 1 ? 
ATOM   470  O  OD2 . ASP A 1 57  ? -14.252 9.059   12.032  1.000 28.599  0 96  ASP A OD2 1 ? 
ATOM   471  N  N   . TYR A 1 58  ? -9.541  8.515   12.319  1.000 15.858  0 97  TYR A N   1 ? 
ATOM   472  C  CA  . TYR A 1 58  ? -9.071  7.647   11.242  1.000 15.788  0 97  TYR A CA  1 ? 
ATOM   473  C  C   . TYR A 1 58  ? -8.518  6.351   11.813  1.000 16.393  0 97  TYR A C   1 ? 
ATOM   474  O  O   . TYR A 1 58  ? -8.891  5.273   11.331  1.000 16.303  0 97  TYR A O   1 ? 
ATOM   475  C  CB  . TYR A 1 58  ? -8.015  8.337   10.365  1.000 16.789  0 97  TYR A CB  1 ? 
ATOM   476  C  CG  . TYR A 1 58  ? -7.588  7.465   9.197   1.000 16.103  0 97  TYR A CG  1 ? 
ATOM   477  C  CD1 . TYR A 1 58  ? -8.337  7.385   8.026   1.000 14.765  0 97  TYR A CD1 1 ? 
ATOM   478  C  CD2 . TYR A 1 58  ? -6.472  6.652   9.303   1.000 15.440  0 97  TYR A CD2 1 ? 
ATOM   479  C  CE1 . TYR A 1 58  ? -7.979  6.509   7.016   1.000 15.770  0 97  TYR A CE1 1 ? 
ATOM   480  C  CE2 . TYR A 1 58  ? -6.067  5.808   8.293   1.000 15.854  0 97  TYR A CE2 1 ? 
ATOM   481  C  CZ  . TYR A 1 58  ? -6.828  5.739   7.137   1.000 15.755  0 97  TYR A CZ  1 ? 
ATOM   482  O  OH  . TYR A 1 58  ? -6.451  4.862   6.159   1.000 16.857  0 97  TYR A OH  1 ? 
ATOM   483  N  N   . TYR A 1 59  ? -7.630  6.494   12.824  1.000 16.041  0 98  TYR A N   1 ? 
ATOM   484  C  CA  . TYR A 1 59  ? -6.967  5.301   13.325  1.000 16.534  0 98  TYR A CA  1 ? 
ATOM   485  C  C   . TYR A 1 59  ? -7.811  4.615   14.402  1.000 18.534  0 98  TYR A C   1 ? 
ATOM   486  O  O   . TYR A 1 59  ? -7.371  3.592   14.914  1.000 20.570  0 98  TYR A O   1 ? 
ATOM   487  C  CB  . TYR A 1 59  ? -5.547  5.625   13.799  1.000 15.232  0 98  TYR A CB  1 ? 
ATOM   488  C  CG  . TYR A 1 59  ? -4.619  5.883   12.639  1.000 15.978  0 98  TYR A CG  1 ? 
ATOM   489  C  CD1 . TYR A 1 59  ? -4.247  4.854   11.785  1.000 17.462  0 98  TYR A CD1 1 ? 
ATOM   490  C  CD2 . TYR A 1 59  ? -4.161  7.167   12.364  1.000 14.265  0 98  TYR A CD2 1 ? 
ATOM   491  C  CE1 . TYR A 1 59  ? -3.419  5.126   10.706  1.000 16.712  0 98  TYR A CE1 1 ? 
ATOM   492  C  CE2 . TYR A 1 59  ? -3.334  7.440   11.288  1.000 15.518  0 98  TYR A CE2 1 ? 
ATOM   493  C  CZ  . TYR A 1 59  ? -2.964  6.405   10.444  1.000 16.074  0 98  TYR A CZ  1 ? 
ATOM   494  O  OH  . TYR A 1 59  ? -2.145  6.616   9.361   1.000 16.192  0 98  TYR A OH  1 ? 
ATOM   495  N  N   . LYS A 1 60  ? -8.992  5.168   14.710  1.000 18.328  0 99  LYS A N   1 ? 
ATOM   496  C  CA  . LYS A 1 60  ? -10.018 4.458   15.472  1.000 19.940  0 99  LYS A CA  1 ? 
ATOM   497  C  C   . LYS A 1 60  ? -10.758 3.453   14.573  1.000 20.509  0 99  LYS A C   1 ? 
ATOM   498  O  O   . LYS A 1 60  ? -11.193 2.404   15.045  1.000 24.845  0 99  LYS A O   1 ? 
ATOM   499  C  CB  . LYS A 1 60  ? -10.946 5.477   16.140  1.000 24.733  0 99  LYS A CB  1 ? 
ATOM   500  C  CG  . LYS A 1 60  ? -10.276 6.262   17.262  1.000 34.880  0 99  LYS A CG  1 ? 
ATOM   501  C  CD  . LYS A 1 60  ? -9.755  5.399   18.405  1.000 40.790  0 99  LYS A CD  1 ? 
ATOM   502  C  CE  . LYS A 1 60  ? -8.242  5.272   18.489  1.000 43.928  0 99  LYS A CE  1 ? 
ATOM   503  N  NZ  . LYS A 1 60  ? -7.809  4.445   19.644  1.000 37.670  0 99  LYS A NZ  1 ? 
ATOM   504  N  N   A ILE A 1 61  ? -10.956 3.842   13.298  0.500 17.955  0 100 ILE A N   1 ? 
ATOM   505  N  N   B ILE A 1 61  ? -10.875 3.755   13.271  0.500 18.521  0 100 ILE A N   1 ? 
ATOM   506  C  CA  A ILE A 1 61  ? -11.653 3.070   12.277  0.500 17.932  0 100 ILE A CA  1 ? 
ATOM   507  C  CA  B ILE A 1 61  ? -11.637 2.918   12.355  0.500 18.105  0 100 ILE A CA  1 ? 
ATOM   508  C  C   A ILE A 1 61  ? -10.707 2.063   11.628  0.500 17.593  0 100 ILE A C   1 ? 
ATOM   509  C  C   B ILE A 1 61  ? -10.733 2.029   11.511  0.500 17.784  0 100 ILE A C   1 ? 
ATOM   510  O  O   A ILE A 1 61  ? -11.021 0.868   11.567  0.500 19.561  0 100 ILE A O   1 ? 
ATOM   511  O  O   B ILE A 1 61  ? -11.126 0.907   11.161  0.500 19.159  0 100 ILE A O   1 ? 
ATOM   512  C  CB  A ILE A 1 61  ? -12.282 4.026   11.240  0.500 17.461  0 100 ILE A CB  1 ? 
ATOM   513  C  CB  B ILE A 1 61  ? -12.517 3.808   11.468  0.500 18.397  0 100 ILE A CB  1 ? 
ATOM   514  C  CG1 A ILE A 1 61  ? -13.223 5.017   11.930  0.500 18.139  0 100 ILE A CG1 1 ? 
ATOM   515  C  CG1 B ILE A 1 61  ? -13.470 4.630   12.345  0.500 18.588  0 100 ILE A CG1 1 ? 
ATOM   516  C  CG2 A ILE A 1 61  ? -13.019 3.237   10.161  0.500 18.463  0 100 ILE A CG2 1 ? 
ATOM   517  C  CG2 B ILE A 1 61  ? -13.247 2.964   10.429  0.500 18.040  0 100 ILE A CG2 1 ? 
ATOM   518  C  CD1 A ILE A 1 61  ? -14.241 4.326   12.801  0.500 19.494  0 100 ILE A CD1 1 ? 
ATOM   519  C  CD1 B ILE A 1 61  ? -14.183 5.728   11.618  0.500 18.657  0 100 ILE A CD1 1 ? 
ATOM   520  N  N   . ILE A 1 62  ? -9.570  2.563   11.128  1.000 15.972  0 101 ILE A N   1 ? 
ATOM   521  C  CA  . ILE A 1 62  ? -8.647  1.769   10.328  1.000 15.247  0 101 ILE A CA  1 ? 
ATOM   522  C  C   . ILE A 1 62  ? -7.556  1.235   11.237  1.000 14.895  0 101 ILE A C   1 ? 
ATOM   523  O  O   . ILE A 1 62  ? -6.715  2.012   11.699  1.000 17.708  0 101 ILE A O   1 ? 
ATOM   524  C  CB  . ILE A 1 62  ? -8.127  2.650   9.188   1.000 16.223  0 101 ILE A CB  1 ? 
ATOM   525  C  CG1 . ILE A 1 62  ? -9.247  3.084   8.243   1.000 17.362  0 101 ILE A CG1 1 ? 
ATOM   526  C  CG2 . ILE A 1 62  ? -7.035  1.909   8.432   1.000 16.441  0 101 ILE A CG2 1 ? 
ATOM   527  C  CD1 . ILE A 1 62  ? -10.102 1.964   7.639   1.000 17.162  0 101 ILE A CD1 1 ? 
ATOM   528  N  N   . LYS A 1 63  ? -7.623  -0.079  11.488  1.000 16.296  0 102 LYS A N   1 ? 
ATOM   529  C  CA  . LYS A 1 63  ? -6.705  -0.695  12.441  1.000 17.656  0 102 LYS A CA  1 ? 
ATOM   530  C  C   . LYS A 1 63  ? -5.588  -1.435  11.718  1.000 19.880  0 102 LYS A C   1 ? 
ATOM   531  O  O   . LYS A 1 63  ? -4.649  -1.899  12.360  1.000 22.117  0 102 LYS A O   1 ? 
ATOM   532  C  CB  . LYS A 1 63  ? -7.463  -1.642  13.370  1.000 18.947  0 102 LYS A CB  1 ? 
ATOM   533  C  CG  . LYS A 1 63  ? -8.523  -0.979  14.233  1.000 21.887  0 102 LYS A CG  1 ? 
ATOM   534  C  CD  . LYS A 1 63  ? -7.830  0.124   15.008  1.000 25.571  0 102 LYS A CD  1 ? 
ATOM   535  C  CE  . LYS A 1 63  ? -8.409  0.375   16.376  1.000 30.134  0 102 LYS A CE  1 ? 
ATOM   536  N  NZ  . LYS A 1 63  ? -7.883  1.646   16.904  1.000 23.928  0 102 LYS A NZ  1 ? 
ATOM   537  N  N   . THR A 1 64  ? -5.673  -1.560  10.388  1.000 19.476  0 103 THR A N   1 ? 
ATOM   538  C  CA  . THR A 1 64  ? -4.577  -2.145  9.631   1.000 20.504  0 103 THR A CA  1 ? 
ATOM   539  C  C   . THR A 1 64  ? -4.172  -1.179  8.526   1.000 17.323  0 103 THR A C   1 ? 
ATOM   540  O  O   . THR A 1 64  ? -4.414  -1.415  7.348   1.000 17.087  0 103 THR A O   1 ? 
ATOM   541  C  CB  . THR A 1 64  ? -4.932  -3.520  9.056   1.000 26.522  0 103 THR A CB  1 ? 
ATOM   542  O  OG1 . THR A 1 64  ? -6.033  -3.375  8.163   1.000 37.053  0 103 THR A OG1 1 ? 
ATOM   543  C  CG2 . THR A 1 64  ? -5.330  -4.476  10.152  1.000 26.458  0 103 THR A CG2 1 ? 
ATOM   544  N  N   . PRO A 1 65  ? -3.505  -0.058  8.865   1.000 15.785  0 104 PRO A N   1 ? 
ATOM   545  C  CA  . PRO A 1 65  ? -3.166  0.952   7.876   1.000 16.014  0 104 PRO A CA  1 ? 
ATOM   546  C  C   . PRO A 1 65  ? -2.097  0.441   6.919   1.000 15.771  0 104 PRO A C   1 ? 
ATOM   547  O  O   . PRO A 1 65  ? -1.250  -0.385  7.264   1.000 17.157  0 104 PRO A O   1 ? 
ATOM   548  C  CB  . PRO A 1 65  ? -2.667  2.163   8.657   1.000 17.803  0 104 PRO A CB  1 ? 
ATOM   549  C  CG  . PRO A 1 65  ? -2.459  1.694   10.076  1.000 19.078  0 104 PRO A CG  1 ? 
ATOM   550  C  CD  . PRO A 1 65  ? -3.085  0.332   10.234  1.000 18.058  0 104 PRO A CD  1 ? 
ATOM   551  N  N   . MET A 1 66  ? -2.190  0.923   5.687   1.000 14.392  0 105 MET A N   1 ? 
ATOM   552  C  CA  . MET A 1 66  ? -1.147  0.610   4.725   1.000 13.604  0 105 MET A CA  1 ? 
ATOM   553  C  C   . MET A 1 66  ? -1.175  1.682   3.639   1.000 15.608  0 105 MET A C   1 ? 
ATOM   554  O  O   . MET A 1 66  ? -2.224  2.260   3.334   1.000 17.577  0 105 MET A O   1 ? 
ATOM   555  C  CB  . MET A 1 66  ? -1.457  -0.740  4.071   1.000 14.408  0 105 MET A CB  1 ? 
ATOM   556  C  CG  . MET A 1 66  ? -0.347  -1.293  3.193   1.000 15.914  0 105 MET A CG  1 ? 
ATOM   557  S  SD  . MET A 1 66  ? 1.347   -1.283  3.858   1.000 16.429  0 105 MET A SD  1 ? 
ATOM   558  C  CE  . MET A 1 66  ? 1.149   -2.288  5.319   1.000 17.280  0 105 MET A CE  1 ? 
ATOM   559  N  N   . ASP A 1 67  ? -0.021  1.927   3.061   1.000 15.154  0 106 ASP A N   1 ? 
ATOM   560  C  CA  . ASP A 1 67  ? 0.144   2.945   2.028   1.000 15.301  0 106 ASP A CA  1 ? 
ATOM   561  C  C   . ASP A 1 67  ? 1.274   2.533   1.105   1.000 14.881  0 106 ASP A C   1 ? 
ATOM   562  O  O   . ASP A 1 67  ? 2.057   1.639   1.423   1.000 13.781  0 106 ASP A O   1 ? 
ATOM   563  C  CB  . ASP A 1 67  ? 0.489   4.291   2.672   1.000 16.258  0 106 ASP A CB  1 ? 
ATOM   564  C  CG  . ASP A 1 67  ? 1.851   4.237   3.347   1.000 17.189  0 106 ASP A CG  1 ? 
ATOM   565  O  OD1 . ASP A 1 67  ? 1.927   3.657   4.483   1.000 18.741  0 106 ASP A OD1 1 ? 
ATOM   566  O  OD2 . ASP A 1 67  ? 2.836   4.640   2.708   1.000 19.292  0 106 ASP A OD2 1 ? 
ATOM   567  N  N   . MET A 1 68  ? 1.360   3.189   -0.062  1.000 15.274  0 107 MET A N   1 ? 
ATOM   568  C  CA  . MET A 1 68  ? 2.350   2.787   -1.052  1.000 14.542  0 107 MET A CA  1 ? 
ATOM   569  C  C   . MET A 1 68  ? 3.747   3.228   -0.683  1.000 15.667  0 107 MET A C   1 ? 
ATOM   570  O  O   . MET A 1 68  ? 4.686   2.617   -1.187  1.000 16.205  0 107 MET A O   1 ? 
ATOM   571  C  CB  . MET A 1 68  ? 2.051   3.325   -2.453  1.000 18.449  0 107 MET A CB  1 ? 
ATOM   572  C  CG  . MET A 1 68  ? 0.845   2.724   -3.095  1.000 18.777  0 107 MET A CG  1 ? 
ATOM   573  S  SD  . MET A 1 68  ? 0.850   2.913   -4.899  1.000 20.496  0 107 MET A SD  1 ? 
ATOM   574  C  CE  . MET A 1 68  ? 0.894   4.696   -5.079  1.000 16.946  0 107 MET A CE  1 ? 
ATOM   575  N  N   . GLY A 1 69  ? 3.906   4.221   0.216   1.000 15.304  0 108 GLY A N   1 ? 
ATOM   576  C  CA  . GLY A 1 69  ? 5.250   4.555   0.652   1.000 15.741  0 108 GLY A CA  1 ? 
ATOM   577  C  C   . GLY A 1 69  ? 5.849   3.390   1.456   1.000 16.395  0 108 GLY A C   1 ? 
ATOM   578  O  O   . GLY A 1 69  ? 7.021   3.007   1.295   1.000 16.702  0 108 GLY A O   1 ? 
ATOM   579  N  N   . THR A 1 70  ? 5.002   2.807   2.293   1.000 14.932  0 109 THR A N   1 ? 
ATOM   580  C  CA  . THR A 1 70  ? 5.406   1.651   3.083   1.000 14.751  0 109 THR A CA  1 ? 
ATOM   581  C  C   . THR A 1 70  ? 5.687   0.453   2.169   1.000 13.889  0 109 THR A C   1 ? 
ATOM   582  O  O   . THR A 1 70  ? 6.675   -0.268  2.335   1.000 14.958  0 109 THR A O   1 ? 
ATOM   583  C  CB  . THR A 1 70  ? 4.305   1.304   4.095   1.000 15.580  0 109 THR A CB  1 ? 
ATOM   584  O  OG1 . THR A 1 70  ? 4.133   2.403   5.004   1.000 17.456  0 109 THR A OG1 1 ? 
ATOM   585  C  CG2 . THR A 1 70  ? 4.596   0.014   4.839   1.000 15.542  0 109 THR A CG2 1 ? 
ATOM   586  N  N   . ILE A 1 71  ? 4.808   0.236   1.180   1.000 13.216  0 110 ILE A N   1 ? 
ATOM   587  C  CA  . ILE A 1 71  ? 5.037   -0.883  0.276   1.000 14.478  0 110 ILE A CA  1 ? 
ATOM   588  C  C   . ILE A 1 71  ? 6.336   -0.688  -0.494  1.000 14.143  0 110 ILE A C   1 ? 
ATOM   589  O  O   . ILE A 1 71  ? 7.076   -1.650  -0.686  1.000 15.176  0 110 ILE A O   1 ? 
ATOM   590  C  CB  . ILE A 1 71  ? 3.830   -1.076  -0.660  1.000 14.652  0 110 ILE A CB  1 ? 
ATOM   591  C  CG1 . ILE A 1 71  ? 2.593   -1.486  0.129   1.000 14.916  0 110 ILE A CG1 1 ? 
ATOM   592  C  CG2 . ILE A 1 71  ? 4.156   -2.092  -1.750  1.000 16.907  0 110 ILE A CG2 1 ? 
ATOM   593  C  CD1 . ILE A 1 71  ? 1.307   -1.336  -0.661  1.000 16.394  0 110 ILE A CD1 1 ? 
ATOM   594  N  N   . LYS A 1 72  ? 6.586   0.561   -0.942  1.000 15.398  0 111 LYS A N   1 ? 
ATOM   595  C  CA  . LYS A 1 72  ? 7.818   0.808   -1.687  1.000 16.785  0 111 LYS A CA  1 ? 
ATOM   596  C  C   . LYS A 1 72  ? 9.041   0.481   -0.840  1.000 18.562  0 111 LYS A C   1 ? 
ATOM   597  O  O   . LYS A 1 72  ? 9.982   -0.140  -1.345  1.000 18.557  0 111 LYS A O   1 ? 
ATOM   598  C  CB  . LYS A 1 72  ? 7.844   2.273   -2.114  1.000 18.265  0 111 LYS A CB  1 ? 
ATOM   599  C  CG  . LYS A 1 72  ? 9.047   2.645   -2.967  1.000 22.537  0 111 LYS A CG  1 ? 
ATOM   600  C  CD  . LYS A 1 72  ? 8.758   3.962   -3.653  1.000 27.060  0 111 LYS A CD  1 ? 
ATOM   601  C  CE  . LYS A 1 72  ? 9.908   4.382   -4.540  1.000 36.611  0 111 LYS A CE  1 ? 
ATOM   602  N  NZ  . LYS A 1 72  ? 10.891  5.135   -3.727  1.000 37.963  0 111 LYS A NZ  1 ? 
ATOM   603  N  N   . LYS A 1 73  ? 9.023   0.887   0.429   1.000 17.590  0 112 LYS A N   1 ? 
ATOM   604  C  CA  . LYS A 1 73  ? 10.136  0.596   1.325   1.000 18.726  0 112 LYS A CA  1 ? 
ATOM   605  C  C   . LYS A 1 73  ? 10.283  -0.909  1.539   1.000 18.299  0 112 LYS A C   1 ? 
ATOM   606  O  O   . LYS A 1 73  ? 11.379  -1.456  1.503   1.000 19.848  0 112 LYS A O   1 ? 
ATOM   607  C  CB  . LYS A 1 73  ? 9.930   1.305   2.665   1.000 20.813  0 112 LYS A CB  1 ? 
ATOM   608  C  CG  . LYS A 1 73  ? 10.186  2.812   2.660   1.000 26.288  0 112 LYS A CG  1 ? 
ATOM   609  C  CD  . LYS A 1 73  ? 10.093  3.400   4.062   1.000 32.047  0 112 LYS A CD  1 ? 
ATOM   610  C  CE  . LYS A 1 73  ? 10.100  4.914   4.067   1.000 41.914  0 112 LYS A CE  1 ? 
ATOM   611  N  NZ  . LYS A 1 73  ? 8.723   5.467   4.112   1.000 48.839  0 112 LYS A NZ  1 ? 
ATOM   612  N  N   . ARG A 1 74  ? 9.142   -1.582  1.703   1.000 15.894  0 113 ARG A N   1 ? 
ATOM   613  C  CA  . ARG A 1 74  ? 9.184   -3.024  1.902   1.000 15.642  0 113 ARG A CA  1 ? 
ATOM   614  C  C   . ARG A 1 74  ? 9.784   -3.703  0.674   1.000 16.845  0 113 ARG A C   1 ? 
ATOM   615  O  O   . ARG A 1 74  ? 10.492  -4.715  0.794   1.000 17.929  0 113 ARG A O   1 ? 
ATOM   616  C  CB  . ARG A 1 74  ? 7.783   -3.548  2.230   1.000 14.606  0 113 ARG A CB  1 ? 
ATOM   617  C  CG  . ARG A 1 74  ? 7.350   -3.297  3.670   1.000 14.627  0 113 ARG A CG  1 ? 
ATOM   618  C  CD  . ARG A 1 74  ? 5.937   -3.798  3.950   1.000 13.910  0 113 ARG A CD  1 ? 
ATOM   619  N  NE  . ARG A 1 74  ? 5.647   -3.630  5.371   1.000 14.736  0 113 ARG A NE  1 ? 
ATOM   620  C  CZ  . ARG A 1 74  ? 4.610   -4.189  6.017   1.000 13.625  0 113 ARG A CZ  1 ? 
ATOM   621  N  NH1 . ARG A 1 74  ? 3.678   -4.929  5.410   1.000 15.853  0 113 ARG A NH1 1 ? 
ATOM   622  N  NH2 . ARG A 1 74  ? 4.544   -4.030  7.335   1.000 16.414  0 113 ARG A NH2 1 ? 
ATOM   623  N  N   . LEU A 1 75  ? 9.380   -3.293  -0.531  1.000 15.011  0 114 LEU A N   1 ? 
ATOM   624  C  CA  . LEU A 1 75  ? 9.958   -3.879  -1.735  1.000 15.321  0 114 LEU A CA  1 ? 
ATOM   625  C  C   . LEU A 1 75  ? 11.440  -3.535  -1.907  1.000 16.967  0 114 LEU A C   1 ? 
ATOM   626  O  O   . LEU A 1 75  ? 12.212  -4.437  -2.245  1.000 19.104  0 114 LEU A O   1 ? 
ATOM   627  C  CB  . LEU A 1 75  ? 9.151   -3.448  -2.959  1.000 15.620  0 114 LEU A CB  1 ? 
ATOM   628  C  CG  . LEU A 1 75  ? 7.781   -4.123  -3.062  1.000 15.226  0 114 LEU A CG  1 ? 
ATOM   629  C  CD1 . LEU A 1 75  ? 6.913   -3.397  -4.099  1.000 16.054  0 114 LEU A CD1 1 ? 
ATOM   630  C  CD2 . LEU A 1 75  ? 7.929   -5.591  -3.446  1.000 15.912  0 114 LEU A CD2 1 ? 
ATOM   631  N  N   . GLU A 1 76  ? 11.810  -2.264  -1.720  1.000 18.098  0 115 GLU A N   1 ? 
ATOM   632  C  CA  . GLU A 1 76  ? 13.188  -1.817  -1.922  1.000 21.321  0 115 GLU A CA  1 ? 
ATOM   633  C  C   . GLU A 1 76  ? 14.122  -2.409  -0.872  1.000 24.135  0 115 GLU A C   1 ? 
ATOM   634  O  O   . GLU A 1 76  ? 15.282  -2.665  -1.192  1.000 26.662  0 115 GLU A O   1 ? 
ATOM   635  C  CB  . GLU A 1 76  ? 13.271  -0.293  -1.980  1.000 22.753  0 115 GLU A CB  1 ? 
ATOM   636  C  CG  . GLU A 1 76  ? 12.631  0.232   -3.250  1.000 23.254  0 115 GLU A CG  1 ? 
ATOM   637  C  CD  . GLU A 1 76  ? 12.544  1.735   -3.379  1.000 27.111  0 115 GLU A CD  1 ? 
ATOM   638  O  OE1 . GLU A 1 76  ? 12.824  2.401   -2.401  1.000 31.948  0 115 GLU A OE1 1 ? 
ATOM   639  O  OE2 . GLU A 1 76  ? 12.109  2.209   -4.446  1.000 34.579  0 115 GLU A OE2 1 ? 
ATOM   640  N  N   . ASN A 1 77  ? 13.627  -2.683  0.343   1.000 22.929  0 116 ASN A N   1 ? 
ATOM   641  C  CA  . ASN A 1 77  ? 14.469  -3.193  1.420   1.000 25.669  0 116 ASN A CA  1 ? 
ATOM   642  C  C   . ASN A 1 77  ? 14.244  -4.686  1.674   1.000 22.770  0 116 ASN A C   1 ? 
ATOM   643  O  O   . ASN A 1 77  ? 14.606  -5.170  2.744   1.000 29.509  0 116 ASN A O   1 ? 
ATOM   644  C  CB  . ASN A 1 77  ? 14.251  -2.381  2.699   1.000 33.165  0 116 ASN A CB  1 ? 
ATOM   645  C  CG  . ASN A 1 77  ? 14.857  -0.999  2.594   1.000 41.114  0 116 ASN A CG  1 ? 
ATOM   646  O  OD1 . ASN A 1 77  ? 15.988  -0.786  3.028   1.000 53.575  0 116 ASN A OD1 1 ? 
ATOM   647  N  ND2 . ASN A 1 77  ? 14.127  -0.061  2.013   1.000 40.041  0 116 ASN A ND2 1 ? 
ATOM   648  N  N   A ASN A 1 78  ? 13.867  -5.413  0.613   0.500 22.347  0 117 ASN A N   1 ? 
ATOM   649  N  N   B ASN A 1 78  ? 13.629  -5.390  0.718   0.500 20.748  0 117 ASN A N   1 ? 
ATOM   650  C  CA  A ASN A 1 78  ? 13.100  -6.655  0.584   0.500 21.667  0 117 ASN A CA  1 ? 
ATOM   651  C  CA  B ASN A 1 78  ? 13.448  -6.830  0.806   0.500 19.798  0 117 ASN A CA  1 ? 
ATOM   652  C  C   A ASN A 1 78  ? 12.769  -7.287  1.928   0.500 21.344  0 117 ASN A C   1 ? 
ATOM   653  C  C   B ASN A 1 78  ? 12.897  -7.153  2.198   0.500 19.196  0 117 ASN A C   1 ? 
ATOM   654  O  O   A ASN A 1 78  ? 13.380  -8.264  2.369   0.500 22.680  0 117 ASN A O   1 ? 
ATOM   655  O  O   B ASN A 1 78  ? 13.594  -7.659  3.080   0.500 19.336  0 117 ASN A O   1 ? 
ATOM   656  C  CB  A ASN A 1 78  ? 13.488  -7.724  -0.419  0.500 24.536  0 117 ASN A CB  1 ? 
ATOM   657  C  CB  B ASN A 1 78  ? 14.732  -7.552  0.370   0.500 22.452  0 117 ASN A CB  1 ? 
ATOM   658  C  CG  A ASN A 1 78  ? 12.483  -8.855  -0.313  0.500 23.585  0 117 ASN A CG  1 ? 
ATOM   659  C  CG  B ASN A 1 78  ? 15.234  -7.079  -0.986  0.500 24.492  0 117 ASN A CG  1 ? 
ATOM   660  O  OD1 A ASN A 1 78  ? 11.259  -8.657  -0.379  0.500 21.896  0 117 ASN A OD1 1 ? 
ATOM   661  O  OD1 B ASN A 1 78  ? 14.690  -7.467  -2.018  0.500 28.037  0 117 ASN A OD1 1 ? 
ATOM   662  N  ND2 A ASN A 1 78  ? 12.991  -10.041 -0.064  0.500 24.136  0 117 ASN A ND2 1 ? 
ATOM   663  N  ND2 B ASN A 1 78  ? 16.243  -6.217  -1.003  0.500 25.605  0 117 ASN A ND2 1 ? 
ATOM   664  N  N   . TYR A 1 79  ? 11.612  -6.841  2.400   1.000 17.109  0 118 TYR A N   1 ? 
ATOM   665  C  CA  . TYR A 1 79  ? 10.966  -7.226  3.638   1.000 16.797  0 118 TYR A CA  1 ? 
ATOM   666  C  C   . TYR A 1 79  ? 10.139  -8.497  3.451   1.000 15.637  0 118 TYR A C   1 ? 
ATOM   667  O  O   . TYR A 1 79  ? 9.814   -9.164  4.432   1.000 16.369  0 118 TYR A O   1 ? 
ATOM   668  C  CB  . TYR A 1 79  ? 10.094  -6.036  4.014   1.000 16.886  0 118 TYR A CB  1 ? 
ATOM   669  C  CG  . TYR A 1 79  ? 9.250   -6.242  5.238   1.000 15.793  0 118 TYR A CG  1 ? 
ATOM   670  C  CD1 . TYR A 1 79  ? 9.796   -6.074  6.499   1.000 16.814  0 118 TYR A CD1 1 ? 
ATOM   671  C  CD2 . TYR A 1 79  ? 7.901   -6.587  5.133   1.000 18.039  0 118 TYR A CD2 1 ? 
ATOM   672  C  CE1 . TYR A 1 79  ? 9.024   -6.266  7.627   1.000 18.326  0 118 TYR A CE1 1 ? 
ATOM   673  C  CE2 . TYR A 1 79  ? 7.122   -6.776  6.262   1.000 17.355  0 118 TYR A CE2 1 ? 
ATOM   674  C  CZ  . TYR A 1 79  ? 7.675   -6.585  7.514   1.000 16.484  0 118 TYR A CZ  1 ? 
ATOM   675  O  OH  . TYR A 1 79  ? 6.950   -6.741  8.674   1.000 21.711  0 118 TYR A OH  1 ? 
ATOM   676  N  N   . TYR A 1 80  ? 9.747   -8.799  2.204   1.000 16.597  0 119 TYR A N   1 ? 
ATOM   677  C  CA  . TYR A 1 80  ? 8.740   -9.830  2.009   1.000 15.160  0 119 TYR A CA  1 ? 
ATOM   678  C  C   . TYR A 1 80  ? 9.409   -11.178 1.741   1.000 17.120  0 119 TYR A C   1 ? 
ATOM   679  O  O   . TYR A 1 80  ? 10.566  -11.210 1.334   1.000 19.965  0 119 TYR A O   1 ? 
ATOM   680  C  CB  . TYR A 1 80  ? 7.946   -9.484  0.754   1.000 16.870  0 119 TYR A CB  1 ? 
ATOM   681  C  CG  . TYR A 1 80  ? 7.092   -8.252  0.876   1.000 14.942  0 119 TYR A CG  1 ? 
ATOM   682  C  CD1 . TYR A 1 80  ? 6.026   -8.184  1.758   1.000 15.675  0 119 TYR A CD1 1 ? 
ATOM   683  C  CD2 . TYR A 1 80  ? 7.318   -7.186  0.023   1.000 16.519  0 119 TYR A CD2 1 ? 
ATOM   684  C  CE1 . TYR A 1 80  ? 5.213   -7.059  1.829   1.000 15.058  0 119 TYR A CE1 1 ? 
ATOM   685  C  CE2 . TYR A 1 80  ? 6.525   -6.054  0.074   1.000 15.806  0 119 TYR A CE2 1 ? 
ATOM   686  C  CZ  . TYR A 1 80  ? 5.456   -6.014  0.947   1.000 15.750  0 119 TYR A CZ  1 ? 
ATOM   687  O  OH  . TYR A 1 80  ? 4.640   -4.920  0.926   1.000 17.847  0 119 TYR A OH  1 ? 
ATOM   688  N  N   . TRP A 1 81  ? 8.661   -12.255 2.048   1.000 16.112  0 120 TRP A N   1 ? 
ATOM   689  C  CA  . TRP A 1 81  ? 9.008   -13.622 1.680   1.000 16.213  0 120 TRP A CA  1 ? 
ATOM   690  C  C   . TRP A 1 81  ? 8.353   -13.980 0.349   1.000 15.475  0 120 TRP A C   1 ? 
ATOM   691  O  O   . TRP A 1 81  ? 8.957   -14.713 -0.433  1.000 16.739  0 120 TRP A O   1 ? 
ATOM   692  C  CB  . TRP A 1 81  ? 8.543   -14.597 2.769   1.000 15.842  0 120 TRP A CB  1 ? 
ATOM   693  C  CG  . TRP A 1 81  ? 8.933   -16.014 2.436   1.000 16.817  0 120 TRP A CG  1 ? 
ATOM   694  C  CD1 . TRP A 1 81  ? 8.162   -17.005 1.893   1.000 19.240  0 120 TRP A CD1 1 ? 
ATOM   695  C  CD2 . TRP A 1 81  ? 10.241  -16.572 2.640   1.000 15.848  0 120 TRP A CD2 1 ? 
ATOM   696  N  NE1 . TRP A 1 81  ? 8.916   -18.140 1.730   1.000 19.181  0 120 TRP A NE1 1 ? 
ATOM   697  C  CE2 . TRP A 1 81  ? 10.195  -17.907 2.171   1.000 16.880  0 120 TRP A CE2 1 ? 
ATOM   698  C  CE3 . TRP A 1 81  ? 11.445  -16.103 3.187   1.000 15.677  0 120 TRP A CE3 1 ? 
ATOM   699  C  CZ2 . TRP A 1 81  ? 11.317  -18.732 2.248   1.000 18.033  0 120 TRP A CZ2 1 ? 
ATOM   700  C  CZ3 . TRP A 1 81  ? 12.560  -16.918 3.238   1.000 15.973  0 120 TRP A CZ3 1 ? 
ATOM   701  C  CH2 . TRP A 1 81  ? 12.492  -18.239 2.767   1.000 18.116  0 120 TRP A CH2 1 ? 
ATOM   702  N  N   . ASN A 1 82  ? 7.151   -13.470 0.058   1.000 15.876  0 121 ASN A N   1 ? 
ATOM   703  C  CA  . ASN A 1 82  ? 6.523   -13.844 -1.198  1.000 14.850  0 121 ASN A CA  1 ? 
ATOM   704  C  C   . ASN A 1 82  ? 5.635   -12.707 -1.703  1.000 16.807  0 121 ASN A C   1 ? 
ATOM   705  O  O   . ASN A 1 82  ? 5.353   -11.716 -0.995  1.000 16.220  0 121 ASN A O   1 ? 
ATOM   706  C  CB  . ASN A 1 82  ? 5.741   -15.163 -1.061  1.000 16.841  0 121 ASN A CB  1 ? 
ATOM   707  C  CG  . ASN A 1 82  ? 4.594   -15.119 -0.074  1.000 15.695  0 121 ASN A CG  1 ? 
ATOM   708  O  OD1 . ASN A 1 82  ? 3.972   -14.073 0.098   1.000 17.842  0 121 ASN A OD1 1 ? 
ATOM   709  N  ND2 . ASN A 1 82  ? 4.310   -16.184 0.663   1.000 18.515  0 121 ASN A ND2 1 ? 
ATOM   710  N  N   . ALA A 1 83  ? 5.177   -12.884 -2.942  1.000 16.276  0 122 ALA A N   1 ? 
ATOM   711  C  CA  . ALA A 1 83  ? 4.354   -11.886 -3.609  1.000 16.989  0 122 ALA A CA  1 ? 
ATOM   712  C  C   . ALA A 1 83  ? 3.006   -11.727 -2.931  1.000 16.486  0 122 ALA A C   1 ? 
ATOM   713  O  O   . ALA A 1 83  ? 2.525   -10.594 -2.876  1.000 16.573  0 122 ALA A O   1 ? 
ATOM   714  C  CB  . ALA A 1 83  ? 4.171   -12.242 -5.076  1.000 18.130  0 122 ALA A CB  1 ? 
ATOM   715  N  N   . GLN A 1 84  ? 2.427   -12.793 -2.396  1.000 15.608  0 123 GLN A N   1 ? 
ATOM   716  C  CA  . GLN A 1 84  ? 1.144   -12.737 -1.723  1.000 17.440  0 123 GLN A CA  1 ? 
ATOM   717  C  C   . GLN A 1 84  ? 1.162   -11.725 -0.585  1.000 14.822  0 123 GLN A C   1 ? 
ATOM   718  O  O   . GLN A 1 84  ? 0.168   -11.020 -0.409  1.000 16.267  0 123 GLN A O   1 ? 
ATOM   719  C  CB  . GLN A 1 84  ? 0.652   -14.097 -1.232  1.000 20.498  0 123 GLN A CB  1 ? 
ATOM   720  C  CG  . GLN A 1 84  ? -0.806  -14.074 -0.729  1.000 24.869  0 123 GLN A CG  1 ? 
ATOM   721  C  CD  . GLN A 1 84  ? -1.801  -13.383 -1.647  0.500 25.061  0 123 GLN A CD  1 ? 
ATOM   722  O  OE1 . GLN A 1 84  ? -2.632  -12.587 -1.207  0.500 28.677  0 123 GLN A OE1 1 ? 
ATOM   723  N  NE2 . GLN A 1 84  ? -1.717  -13.629 -2.949  0.500 27.742  0 123 GLN A NE2 1 ? 
ATOM   724  N  N   . GLU A 1 85  ? 2.259   -11.664 0.204   1.000 14.594  0 124 GLU A N   1 ? 
ATOM   725  C  CA  . GLU A 1 85  ? 2.334   -10.688 1.299   1.000 15.222  0 124 GLU A CA  1 ? 
ATOM   726  C  C   . GLU A 1 85  ? 2.207   -9.266  0.743   1.000 14.515  0 124 GLU A C   1 ? 
ATOM   727  O  O   . GLU A 1 85  ? 1.556   -8.430  1.374   1.000 14.522  0 124 GLU A O   1 ? 
ATOM   728  C  CB  . GLU A 1 85  ? 3.680   -10.784 2.059   1.000 15.862  0 124 GLU A CB  1 ? 
ATOM   729  C  CG  . GLU A 1 85  ? 3.945   -12.049 2.876   1.000 18.355  0 124 GLU A CG  1 ? 
ATOM   730  C  CD  . GLU A 1 85  ? 5.354   -11.856 3.457   1.000 19.772  0 124 GLU A CD  1 ? 
ATOM   731  O  OE1 . GLU A 1 85  ? 5.512   -11.384 4.595   1.000 33.199  0 124 GLU A OE1 1 ? 
ATOM   732  O  OE2 . GLU A 1 85  ? 6.242   -12.091 2.741   1.000 25.642  0 124 GLU A OE2 1 ? 
ATOM   733  N  N   . CYS A 1 86  ? 2.864   -8.972  -0.375  1.000 13.499  0 125 CYS A N   1 ? 
ATOM   734  C  CA  . CYS A 1 86  ? 2.858   -7.636  -0.933  1.000 15.132  0 125 CYS A CA  1 ? 
ATOM   735  C  C   . CYS A 1 86  ? 1.487   -7.348  -1.552  1.000 14.805  0 125 CYS A C   1 ? 
ATOM   736  O  O   . CYS A 1 86  ? 0.974   -6.237  -1.414  1.000 14.189  0 125 CYS A O   1 ? 
ATOM   737  C  CB  . CYS A 1 86  ? 3.992   -7.554  -1.948  1.000 16.925  0 125 CYS A CB  1 ? 
ATOM   738  S  SG  . CYS A 1 86  ? 4.018   -5.959  -2.813  1.000 18.498  0 125 CYS A SG  1 ? 
ATOM   739  N  N   . ILE A 1 87  ? 0.928   -8.301  -2.302  1.000 14.588  0 126 ILE A N   1 ? 
ATOM   740  C  CA  . ILE A 1 87  ? -0.404  -8.161  -2.880  1.000 14.653  0 126 ILE A CA  1 ? 
ATOM   741  C  C   . ILE A 1 87  ? -1.425  -7.870  -1.778  1.000 14.939  0 126 ILE A C   1 ? 
ATOM   742  O  O   . ILE A 1 87  ? -2.262  -6.976  -1.918  1.000 15.596  0 126 ILE A O   1 ? 
ATOM   743  C  CB  . ILE A 1 87  ? -0.744  -9.380  -3.756  1.000 16.047  0 126 ILE A CB  1 ? 
ATOM   744  C  CG1 . ILE A 1 87  ? 0.132   -9.347  -5.013  1.000 18.339  0 126 ILE A CG1 1 ? 
ATOM   745  C  CG2 . ILE A 1 87  ? -2.250  -9.399  -4.064  1.000 16.534  0 126 ILE A CG2 1 ? 
ATOM   746  C  CD1 . ILE A 1 87  ? 0.188   -10.710 -5.743  1.000 19.071  0 126 ILE A CD1 1 ? 
ATOM   747  N  N   . GLN A 1 88  ? -1.291  -8.537  -0.620  1.000 15.063  0 127 GLN A N   1 ? 
ATOM   748  C  CA  . GLN A 1 88  ? -2.186  -8.305  0.498   1.000 16.376  0 127 GLN A CA  1 ? 
ATOM   749  C  C   . GLN A 1 88  ? -2.037  -6.863  0.980   1.000 14.847  0 127 GLN A C   1 ? 
ATOM   750  O  O   . GLN A 1 88  ? -3.049  -6.266  1.341   1.000 15.535  0 127 GLN A O   1 ? 
ATOM   751  C  CB  . GLN A 1 88  ? -1.914  -9.265  1.653   1.000 18.851  0 127 GLN A CB  1 ? 
ATOM   752  C  CG  . GLN A 1 88  ? -2.862  -9.052  2.831   1.000 23.992  0 127 GLN A CG  1 ? 
ATOM   753  C  CD  . GLN A 1 88  ? -4.318  -9.123  2.430   1.000 32.039  0 127 GLN A CD  1 ? 
ATOM   754  O  OE1 . GLN A 1 88  ? -5.039  -8.110  2.350   1.000 35.649  0 127 GLN A OE1 1 ? 
ATOM   755  N  NE2 . GLN A 1 88  ? -4.752  -10.339 2.138   1.000 37.408  0 127 GLN A NE2 1 ? 
ATOM   756  N  N   . ASP A 1 89  ? -0.814  -6.297  1.009   1.000 13.535  0 128 ASP A N   1 ? 
ATOM   757  C  CA  . ASP A 1 89  ? -0.634  -4.906  1.425   1.000 14.404  0 128 ASP A CA  1 ? 
ATOM   758  C  C   . ASP A 1 89  ? -1.335  -3.959  0.455   1.000 13.470  0 128 ASP A C   1 ? 
ATOM   759  O  O   . ASP A 1 89  ? -2.020  -3.049  0.907   1.000 13.308  0 128 ASP A O   1 ? 
ATOM   760  C  CB  . ASP A 1 89  ? 0.844   -4.533  1.522   1.000 14.322  0 128 ASP A CB  1 ? 
ATOM   761  C  CG  . ASP A 1 89  ? 1.536   -5.105  2.759   1.000 16.322  0 128 ASP A CG  1 ? 
ATOM   762  O  OD1 . ASP A 1 89  ? 0.839   -5.570  3.665   1.000 18.201  0 128 ASP A OD1 1 ? 
ATOM   763  O  OD2 . ASP A 1 89  ? 2.798   -5.084  2.747   1.000 18.596  0 128 ASP A OD2 1 ? 
ATOM   764  N  N   . PHE A 1 90  ? -1.224  -4.187  -0.857  1.000 14.549  0 129 PHE A N   1 ? 
ATOM   765  C  CA  . PHE A 1 90  ? -1.973  -3.359  -1.789  1.000 14.005  0 129 PHE A CA  1 ? 
ATOM   766  C  C   . PHE A 1 90  ? -3.482  -3.473  -1.526  1.000 14.148  0 129 PHE A C   1 ? 
ATOM   767  O  O   . PHE A 1 90  ? -4.201  -2.464  -1.456  1.000 14.248  0 129 PHE A O   1 ? 
ATOM   768  C  CB  . PHE A 1 90  ? -1.635  -3.730  -3.231  1.000 14.633  0 129 PHE A CB  1 ? 
ATOM   769  C  CG  . PHE A 1 90  ? -0.382  -3.084  -3.768  1.000 15.860  0 129 PHE A CG  1 ? 
ATOM   770  C  CD1 . PHE A 1 90  ? -0.377  -1.780  -4.247  1.000 16.660  0 129 PHE A CD1 1 ? 
ATOM   771  C  CD2 . PHE A 1 90  ? 0.776   -3.840  -3.900  1.000 15.460  0 129 PHE A CD2 1 ? 
ATOM   772  C  CE1 . PHE A 1 90  ? 0.790   -1.226  -4.765  1.000 17.959  0 129 PHE A CE1 1 ? 
ATOM   773  C  CE2 . PHE A 1 90  ? 1.949   -3.288  -4.428  1.000 16.496  0 129 PHE A CE2 1 ? 
ATOM   774  C  CZ  . PHE A 1 90  ? 1.931   -1.994  -4.907  1.000 17.032  0 129 PHE A CZ  1 ? 
ATOM   775  N  N   . ASN A 1 91  ? -3.965  -4.708  -1.353  1.000 14.885  0 130 ASN A N   1 ? 
ATOM   776  C  CA  . ASN A 1 91  ? -5.385  -4.936  -1.159  1.000 15.217  0 130 ASN A CA  1 ? 
ATOM   777  C  C   . ASN A 1 91  ? -5.863  -4.204  0.092   1.000 15.534  0 130 ASN A C   1 ? 
ATOM   778  O  O   . ASN A 1 91  ? -6.969  -3.649  0.112   1.000 17.066  0 130 ASN A O   1 ? 
ATOM   779  C  CB  . ASN A 1 91  ? -5.728  -6.418  -1.210  1.000 17.518  0 130 ASN A CB  1 ? 
ATOM   780  C  CG  . ASN A 1 91  ? -5.619  -6.966  -2.623  1.000 21.388  0 130 ASN A CG  1 ? 
ATOM   781  O  OD1 . ASN A 1 91  ? -5.810  -6.234  -3.590  1.000 28.978  0 130 ASN A OD1 1 ? 
ATOM   782  N  ND2 . ASN A 1 91  ? -5.375  -8.256  -2.702  1.000 28.273  0 130 ASN A ND2 1 ? 
ATOM   783  N  N   . THR A 1 92  ? -5.025  -4.246  1.132   1.000 14.316  0 131 THR A N   1 ? 
ATOM   784  C  CA  . THR A 1 92  ? -5.390  -3.604  2.393   1.000 14.699  0 131 THR A CA  1 ? 
ATOM   785  C  C   . THR A 1 92  ? -5.484  -2.090  2.177   1.000 13.694  0 131 THR A C   1 ? 
ATOM   786  O  O   . THR A 1 92  ? -6.398  -1.432  2.704   1.000 14.645  0 131 THR A O   1 ? 
ATOM   787  C  CB  . THR A 1 92  ? -4.381  -3.953  3.496   1.000 16.010  0 131 THR A CB  1 ? 
ATOM   788  O  OG1 . THR A 1 92  ? -4.494  -5.339  3.821   1.000 18.543  0 131 THR A OG1 1 ? 
ATOM   789  C  CG2 . THR A 1 92  ? -4.559  -3.203  4.800   1.000 17.618  0 131 THR A CG2 1 ? 
ATOM   790  N  N   . MET A 1 93  ? -4.511  -1.498  1.465   1.000 13.772  0 132 MET A N   1 ? 
ATOM   791  C  CA  . MET A 1 93  ? -4.571  -0.065  1.198   1.000 13.898  0 132 MET A CA  1 ? 
ATOM   792  C  C   . MET A 1 93  ? -5.885  0.305   0.505   1.000 13.741  0 132 MET A C   1 ? 
ATOM   793  O  O   . MET A 1 93  ? -6.559  1.280   0.907   1.000 13.957  0 132 MET A O   1 ? 
ATOM   794  C  CB  . MET A 1 93  ? -3.390  0.305   0.312   1.000 14.261  0 132 MET A CB  1 ? 
ATOM   795  C  CG  . MET A 1 93  ? -3.432  1.779   -0.135  1.000 14.580  0 132 MET A CG  1 ? 
ATOM   796  S  SD  . MET A 1 93  ? -1.970  2.111   -1.136  1.000 16.998  0 132 MET A SD  1 ? 
ATOM   797  C  CE  . MET A 1 93  ? -2.572  1.531   -2.719  1.000 21.316  0 132 MET A CE  1 ? 
ATOM   798  N  N   . PHE A 1 94  ? -6.267  -0.474  -0.510  1.000 14.423  0 133 PHE A N   1 ? 
ATOM   799  C  CA  . PHE A 1 94  ? -7.466  -0.112  -1.247  1.000 15.140  0 133 PHE A CA  1 ? 
ATOM   800  C  C   . PHE A 1 94  ? -8.698  -0.286  -0.365  1.000 13.794  0 133 PHE A C   1 ? 
ATOM   801  O  O   . PHE A 1 94  ? -9.545  0.617   -0.284  1.000 14.858  0 133 PHE A O   1 ? 
ATOM   802  C  CB  . PHE A 1 94  ? -7.651  -0.917  -2.531  1.000 14.190  0 133 PHE A CB  1 ? 
ATOM   803  C  CG  . PHE A 1 94  ? -6.598  -0.666  -3.587  1.000 15.726  0 133 PHE A CG  1 ? 
ATOM   804  C  CD1 . PHE A 1 94  ? -6.367  0.619   -4.039  1.000 19.882  0 133 PHE A CD1 1 ? 
ATOM   805  C  CD2 . PHE A 1 94  ? -5.813  -1.694  -4.112  1.000 16.504  0 133 PHE A CD2 1 ? 
ATOM   806  C  CE1 . PHE A 1 94  ? -5.393  0.873   -5.002  1.000 21.359  0 133 PHE A CE1 1 ? 
ATOM   807  C  CE2 . PHE A 1 94  ? -4.814  -1.433  -5.047  1.000 18.519  0 133 PHE A CE2 1 ? 
ATOM   808  C  CZ  . PHE A 1 94  ? -4.623  -0.146  -5.512  1.000 19.530  0 133 PHE A CZ  1 ? 
ATOM   809  N  N   . THR A 1 95  ? -8.755  -1.417  0.354   1.000 14.035  0 134 THR A N   1 ? 
ATOM   810  C  CA  A THR A 1 95  ? -9.955  -1.674  1.137   0.500 15.111  0 134 THR A CA  1 ? 
ATOM   811  C  CA  B THR A 1 95  ? -9.910  -1.725  1.192   0.500 14.308  0 134 THR A CA  1 ? 
ATOM   812  C  C   . THR A 1 95  ? -10.062 -0.658  2.272   1.000 13.729  0 134 THR A C   1 ? 
ATOM   813  O  O   . THR A 1 95  ? -11.171 -0.238  2.584   1.000 15.672  0 134 THR A O   1 ? 
ATOM   814  C  CB  A THR A 1 95  ? -10.049 -3.141  1.559   0.500 17.044  0 134 THR A CB  1 ? 
ATOM   815  C  CB  B THR A 1 95  ? -9.735  -3.066  1.910   0.500 14.082  0 134 THR A CB  1 ? 
ATOM   816  O  OG1 A THR A 1 95  ? -8.844  -3.456  2.248   0.500 22.361  0 134 THR A OG1 1 ? 
ATOM   817  O  OG1 B THR A 1 95  ? -9.669  -4.070  0.894   0.500 17.631  0 134 THR A OG1 1 ? 
ATOM   818  C  CG2 A THR A 1 95  ? -10.249 -4.053  0.367   0.500 17.347  0 134 THR A CG2 1 ? 
ATOM   819  C  CG2 B THR A 1 95  ? -10.870 -3.381  2.863   0.500 15.985  0 134 THR A CG2 1 ? 
ATOM   820  N  N   . ASN A 1 96  ? -8.940  -0.208  2.856   1.000 13.581  0 135 ASN A N   1 ? 
ATOM   821  C  CA  . ASN A 1 96  ? -9.060  0.793   3.907   1.000 14.547  0 135 ASN A CA  1 ? 
ATOM   822  C  C   . ASN A 1 96  ? -9.713  2.068   3.376   1.000 13.722  0 135 ASN A C   1 ? 
ATOM   823  O  O   . ASN A 1 96  ? -10.516 2.700   4.062   1.000 15.076  0 135 ASN A O   1 ? 
ATOM   824  C  CB  . ASN A 1 96  ? -7.696  1.170   4.462   1.000 14.495  0 135 ASN A CB  1 ? 
ATOM   825  C  CG  . ASN A 1 96  ? -7.067  0.098   5.333   1.000 15.152  0 135 ASN A CG  1 ? 
ATOM   826  O  OD1 . ASN A 1 96  ? -7.731  -0.820  5.828   1.000 19.245  0 135 ASN A OD1 1 ? 
ATOM   827  N  ND2 . ASN A 1 96  ? -5.777  0.267   5.505   1.000 18.012  0 135 ASN A ND2 1 ? 
ATOM   828  N  N   . CYS A 1 97  ? -9.372  2.441   2.142   1.000 12.810  0 136 CYS A N   1 ? 
ATOM   829  C  CA  . CYS A 1 97  ? -9.866  3.657   1.529   1.000 13.151  0 136 CYS A CA  1 ? 
ATOM   830  C  C   . CYS A 1 97  ? -11.386 3.532   1.336   1.000 13.078  0 136 CYS A C   1 ? 
ATOM   831  O  O   . CYS A 1 97  ? -12.141 4.463   1.630   1.000 13.660  0 136 CYS A O   1 ? 
ATOM   832  C  CB  . CYS A 1 97  ? -9.137  3.862   0.207   1.000 13.625  0 136 CYS A CB  1 ? 
ATOM   833  S  SG  . CYS A 1 97  ? -9.565  5.448   -0.552  1.000 17.626  0 136 CYS A SG  1 ? 
ATOM   834  N  N   . TYR A 1 98  ? -11.798 2.348   0.868   1.000 13.834  0 137 TYR A N   1 ? 
ATOM   835  C  CA  . TYR A 1 98  ? -13.200 2.157   0.559   1.000 15.710  0 137 TYR A CA  1 ? 
ATOM   836  C  C   . TYR A 1 98  ? -13.995 2.049   1.849   1.000 15.707  0 137 TYR A C   1 ? 
ATOM   837  O  O   . TYR A 1 98  ? -15.185 2.376   1.835   1.000 18.930  0 137 TYR A O   1 ? 
ATOM   838  C  CB  . TYR A 1 98  ? -13.392 0.898   -0.281  1.000 15.558  0 137 TYR A CB  1 ? 
ATOM   839  C  CG  . TYR A 1 98  ? -12.619 0.949   -1.566  1.000 15.588  0 137 TYR A CG  1 ? 
ATOM   840  C  CD1 . TYR A 1 98  ? -12.425 2.140   -2.233  1.000 16.796  0 137 TYR A CD1 1 ? 
ATOM   841  C  CD2 . TYR A 1 98  ? -12.084 -0.198  -2.112  1.000 16.014  0 137 TYR A CD2 1 ? 
ATOM   842  C  CE1 . TYR A 1 98  ? -11.709 2.184   -3.425  1.000 17.829  0 137 TYR A CE1 1 ? 
ATOM   843  C  CE2 . TYR A 1 98  ? -11.384 -0.198  -3.310  1.000 18.310  0 137 TYR A CE2 1 ? 
ATOM   844  C  CZ  . TYR A 1 98  ? -11.196 1.012   -3.965  1.000 17.706  0 137 TYR A CZ  1 ? 
ATOM   845  O  OH  . TYR A 1 98  ? -10.485 1.000   -5.144  1.000 22.379  0 137 TYR A OH  1 ? 
ATOM   846  N  N   . ILE A 1 99  ? -13.394 1.565   2.930   1.000 14.705  0 138 ILE A N   1 ? 
ATOM   847  C  CA  . ILE A 1 99  ? -14.126 1.502   4.198   1.000 15.965  0 138 ILE A CA  1 ? 
ATOM   848  C  C   . ILE A 1 99  ? -14.275 2.861   4.864   1.000 16.480  0 138 ILE A C   1 ? 
ATOM   849  O  O   . ILE A 1 99  ? -15.343 3.180   5.413   1.000 19.182  0 138 ILE A O   1 ? 
ATOM   850  C  CB  . ILE A 1 99  ? -13.441 0.505   5.142   1.000 19.432  0 138 ILE A CB  1 ? 
ATOM   851  C  CG1 . ILE A 1 99  ? -13.717 -0.919  4.668   1.000 22.140  0 138 ILE A CG1 1 ? 
ATOM   852  C  CG2 . ILE A 1 99  ? -13.888 0.721   6.584   1.000 19.618  0 138 ILE A CG2 1 ? 
ATOM   853  C  CD1 . ILE A 1 99  ? -12.911 -1.944  5.414   1.000 25.831  0 138 ILE A CD1 1 ? 
ATOM   854  N  N   . TYR A 1 100 ? -13.207 3.658   4.857   1.000 16.415  0 139 TYR A N   1 ? 
ATOM   855  C  CA  . TYR A 1 100 ? -13.206 4.897   5.619   1.000 15.613  0 139 TYR A CA  1 ? 
ATOM   856  C  C   . TYR A 1 100 ? -13.992 6.009   4.923   1.000 17.287  0 139 TYR A C   1 ? 
ATOM   857  O  O   . TYR A 1 100 ? -14.657 6.824   5.586   1.000 18.070  0 139 TYR A O   1 ? 
ATOM   858  C  CB  . TYR A 1 100 ? -11.770 5.371   5.891   1.000 15.391  0 139 TYR A CB  1 ? 
ATOM   859  C  CG  . TYR A 1 100 ? -11.774 6.611   6.748   1.000 15.334  0 139 TYR A CG  1 ? 
ATOM   860  C  CD1 . TYR A 1 100 ? -12.040 6.505   8.104   1.000 16.309  0 139 TYR A CD1 1 ? 
ATOM   861  C  CD2 . TYR A 1 100 ? -11.580 7.871   6.191   1.000 15.721  0 139 TYR A CD2 1 ? 
ATOM   862  C  CE1 . TYR A 1 100 ? -12.111 7.650   8.893   1.000 16.841  0 139 TYR A CE1 1 ? 
ATOM   863  C  CE2 . TYR A 1 100 ? -11.633 9.022   6.976   1.000 16.955  0 139 TYR A CE2 1 ? 
ATOM   864  C  CZ  . TYR A 1 100 ? -11.891 8.898   8.339   1.000 17.612  0 139 TYR A CZ  1 ? 
ATOM   865  O  OH  . TYR A 1 100 ? -11.979 10.031  9.138   1.000 20.633  0 139 TYR A OH  1 ? 
ATOM   866  N  N   . ASN A 1 101 ? -13.905 6.032   3.594   1.000 15.807  0 140 ASN A N   1 ? 
ATOM   867  C  CA  . ASN A 1 101 ? -14.412 7.150   2.801   1.000 16.078  0 140 ASN A CA  1 ? 
ATOM   868  C  C   . ASN A 1 101 ? -15.772 6.815   2.186   1.000 19.620  0 140 ASN A C   1 ? 
ATOM   869  O  O   . ASN A 1 101 ? -16.101 5.654   1.919   1.000 22.588  0 140 ASN A O   1 ? 
ATOM   870  C  CB  . ASN A 1 101 ? -13.385 7.578   1.743   1.000 15.800  0 140 ASN A CB  1 ? 
ATOM   871  C  CG  . ASN A 1 101 ? -12.080 7.987   2.393   1.000 15.448  0 140 ASN A CG  1 ? 
ATOM   872  O  OD1 . ASN A 1 101 ? -11.980 9.063   2.981   1.000 16.974  0 140 ASN A OD1 1 ? 
ATOM   873  N  ND2 . ASN A 1 101 ? -11.056 7.153   2.280   1.000 15.775  0 140 ASN A ND2 1 ? 
ATOM   874  N  N   . LYS A 1 102 ? -16.554 7.867   1.914   1.000 21.735  0 141 LYS A N   1 ? 
ATOM   875  C  CA  . LYS A 1 102 ? -17.848 7.682   1.259   1.000 22.835  0 141 LYS A CA  1 ? 
ATOM   876  C  C   . LYS A 1 102 ? -17.678 7.259   -0.201  1.000 21.080  0 141 LYS A C   1 ? 
ATOM   877  O  O   . LYS A 1 102 ? -16.824 7.768   -0.922  1.000 20.960  0 141 LYS A O   1 ? 
ATOM   878  C  CB  . LYS A 1 102 ? -18.635 8.994   1.309   1.000 24.009  0 141 LYS A CB  1 ? 
ATOM   879  C  CG  . LYS A 1 102 ? -18.825 9.579   2.703   1.000 32.884  0 141 LYS A CG  1 ? 
ATOM   880  C  CD  . LYS A 1 102 ? -20.126 9.176   3.375   0.500 34.394  0 141 LYS A CD  1 ? 
ATOM   881  C  CE  . LYS A 1 102 ? -20.547 10.108  4.493   0.500 39.124  0 141 LYS A CE  1 ? 
ATOM   882  N  NZ  . LYS A 1 102 ? -20.330 11.533  4.140   1.000 45.294  0 141 LYS A NZ  1 ? 
ATOM   883  N  N   . PRO A 1 103 ? -18.543 6.389   -0.760  1.000 21.141  0 142 PRO A N   1 ? 
ATOM   884  C  CA  . PRO A 1 103 ? -18.437 5.979   -2.161  1.000 22.668  0 142 PRO A CA  1 ? 
ATOM   885  C  C   . PRO A 1 103 ? -18.413 7.122   -3.178  1.000 24.919  0 142 PRO A C   1 ? 
ATOM   886  O  O   . PRO A 1 103 ? -17.768 6.989   -4.214  1.000 30.406  0 142 PRO A O   1 ? 
ATOM   887  C  CB  . PRO A 1 103 ? -19.629 5.036   -2.420  1.000 25.294  0 142 PRO A CB  1 ? 
ATOM   888  C  CG  . PRO A 1 103 ? -20.163 4.702   -1.058  1.000 27.515  0 142 PRO A CG  1 ? 
ATOM   889  C  CD  . PRO A 1 103 ? -19.668 5.739   -0.063  1.000 24.456  0 142 PRO A CD  1 ? 
ATOM   890  N  N   . GLY A 1 104 ? -19.066 8.252   -2.888  1.000 25.245  0 143 GLY A N   1 ? 
ATOM   891  C  CA  . GLY A 1 104 ? -18.917 9.391   -3.804  1.000 30.146  0 143 GLY A CA  1 ? 
ATOM   892  C  C   . GLY A 1 104 ? -17.499 9.976   -3.987  1.000 31.789  0 143 GLY A C   1 ? 
ATOM   893  O  O   . GLY A 1 104 ? -17.171 10.538  -5.043  1.000 30.854  0 143 GLY A O   1 ? 
ATOM   894  N  N   . ASP A 1 105 ? -16.659 9.833   -2.956  1.000 24.123  0 144 ASP A N   1 ? 
ATOM   895  C  CA  . ASP A 1 105 ? -15.629 10.799  -2.624  1.000 21.769  0 144 ASP A CA  1 ? 
ATOM   896  C  C   . ASP A 1 105 ? -14.496 10.770  -3.659  1.000 18.826  0 144 ASP A C   1 ? 
ATOM   897  O  O   . ASP A 1 105 ? -14.132 9.740   -4.232  1.000 19.152  0 144 ASP A O   1 ? 
ATOM   898  C  CB  . ASP A 1 105 ? -15.062 10.531  -1.227  1.000 25.062  0 144 ASP A CB  1 ? 
ATOM   899  C  CG  . ASP A 1 105 ? -15.906 10.965  -0.034  1.000 35.786  0 144 ASP A CG  1 ? 
ATOM   900  O  OD1 . ASP A 1 105 ? -16.976 11.541  -0.260  1.000 38.888  0 144 ASP A OD1 1 ? 
ATOM   901  O  OD2 . ASP A 1 105 ? -15.469 10.719  1.132   1.000 38.915  0 144 ASP A OD2 1 ? 
ATOM   902  N  N   . ASP A 1 106 ? -13.850 11.922  -3.848  1.000 18.909  0 145 ASP A N   1 ? 
ATOM   903  C  CA  . ASP A 1 106 ? -12.730 12.009  -4.767  1.000 16.703  0 145 ASP A CA  1 ? 
ATOM   904  C  C   . ASP A 1 106 ? -11.688 10.946  -4.434  1.000 16.893  0 145 ASP A C   1 ? 
ATOM   905  O  O   . ASP A 1 106 ? -11.128 10.330  -5.344  1.000 16.638  0 145 ASP A O   1 ? 
ATOM   906  C  CB  . ASP A 1 106 ? -12.059 13.379  -4.671  1.000 17.709  0 145 ASP A CB  1 ? 
ATOM   907  C  CG  . ASP A 1 106 ? -12.821 14.483  -5.400  1.000 21.517  0 145 ASP A CG  1 ? 
ATOM   908  O  OD1 . ASP A 1 106 ? -13.701 14.155  -6.223  1.000 21.222  0 145 ASP A OD1 1 ? 
ATOM   909  O  OD2 . ASP A 1 106 ? -12.502 15.671  -5.146  1.000 24.466  0 145 ASP A OD2 1 ? 
ATOM   910  N  N   . ILE A 1 107 ? -11.378 10.786  -3.137  1.000 15.119  0 146 ILE A N   1 ? 
ATOM   911  C  CA  . ILE A 1 107 ? -10.298 9.862   -2.783  1.000 16.048  0 146 ILE A CA  1 ? 
ATOM   912  C  C   . ILE A 1 107 ? -10.667 8.435   -3.220  1.000 15.772  0 146 ILE A C   1 ? 
ATOM   913  O  O   . ILE A 1 107 ? -9.798  7.646   -3.606  1.000 15.317  0 146 ILE A O   1 ? 
ATOM   914  C  CB  . ILE A 1 107 ? -9.965  9.980   -1.284  1.000 17.597  0 146 ILE A CB  1 ? 
ATOM   915  C  CG1 . ILE A 1 107 ? -8.716  9.184   -0.898  1.000 22.226  0 146 ILE A CG1 1 ? 
ATOM   916  C  CG2 . ILE A 1 107 ? -11.145 9.554   -0.405  1.000 18.552  0 146 ILE A CG2 1 ? 
ATOM   917  C  CD1 . ILE A 1 107 ? -7.436  9.795   -1.287  1.000 23.453  0 146 ILE A CD1 1 ? 
ATOM   918  N  N   . VAL A 1 108 ? -11.974 8.109   -3.198  1.000 15.322  0 147 VAL A N   1 ? 
ATOM   919  C  CA  . VAL A 1 108 ? -12.377 6.769   -3.603  1.000 15.168  0 147 VAL A CA  1 ? 
ATOM   920  C  C   . VAL A 1 108 ? -12.248 6.616   -5.120  1.000 15.251  0 147 VAL A C   1 ? 
ATOM   921  O  O   . VAL A 1 108 ? -11.786 5.568   -5.587  1.000 15.343  0 147 VAL A O   1 ? 
ATOM   922  C  CB  . VAL A 1 108 ? -13.803 6.489   -3.131  1.000 15.313  0 147 VAL A CB  1 ? 
ATOM   923  C  CG1 . VAL A 1 108 ? -14.318 5.179   -3.709  1.000 16.107  0 147 VAL A CG1 1 ? 
ATOM   924  C  CG2 . VAL A 1 108 ? -13.787 6.451   -1.628  1.000 15.931  0 147 VAL A CG2 1 ? 
ATOM   925  N  N   . LEU A 1 109 ? -12.575 7.670   -5.886  1.000 15.921  0 148 LEU A N   1 ? 
ATOM   926  C  CA  . LEU A 1 109 ? -12.383 7.573   -7.329  1.000 16.064  0 148 LEU A CA  1 ? 
ATOM   927  C  C   . LEU A 1 109 ? -10.902 7.439   -7.676  1.000 15.471  0 148 LEU A C   1 ? 
ATOM   928  O  O   . LEU A 1 109 ? -10.528 6.691   -8.596  1.000 17.050  0 148 LEU A O   1 ? 
ATOM   929  C  CB  . LEU A 1 109 ? -12.916 8.835   -8.021  1.000 18.736  0 148 LEU A CB  1 ? 
ATOM   930  C  CG  . LEU A 1 109 ? -14.406 9.109   -7.804  1.000 23.373  0 148 LEU A CG  1 ? 
ATOM   931  C  CD1 . LEU A 1 109 ? -14.769 10.415  -8.487  1.000 26.853  0 148 LEU A CD1 1 ? 
ATOM   932  C  CD2 . LEU A 1 109 ? -15.241 7.984   -8.381  1.000 26.939  0 148 LEU A CD2 1 ? 
ATOM   933  N  N   . MET A 1 110 ? -10.032 8.081   -6.881  1.000 16.123  0 149 MET A N   1 ? 
ATOM   934  C  CA  . MET A 1 110 ? -8.598  7.981   -7.099  1.000 14.605  0 149 MET A CA  1 ? 
ATOM   935  C  C   . MET A 1 110 ? -8.107  6.558   -6.820  1.000 14.190  0 149 MET A C   1 ? 
ATOM   936  O  O   . MET A 1 110 ? -7.380  5.963   -7.635  1.000 15.041  0 149 MET A O   1 ? 
ATOM   937  C  CB  . MET A 1 110 ? -7.839  8.986   -6.224  1.000 15.302  0 149 MET A CB  1 ? 
ATOM   938  C  CG  . MET A 1 110 ? -8.251  10.413  -6.642  1.000 16.889  0 149 MET A CG  1 ? 
ATOM   939  S  SD  . MET A 1 110 ? -7.735  11.683  -5.421  1.000 19.514  0 149 MET A SD  1 ? 
ATOM   940  C  CE  . MET A 1 110 ? -6.066  11.823  -5.973  1.000 17.341  0 149 MET A CE  1 ? 
ATOM   941  N  N   . ALA A 1 111 ? -8.558  6.006   -5.681  1.000 13.947  0 150 ALA A N   1 ? 
ATOM   942  C  CA  . ALA A 1 111 ? -8.166  4.634   -5.355  1.000 13.813  0 150 ALA A CA  1 ? 
ATOM   943  C  C   . ALA A 1 111 ? -8.698  3.672   -6.412  1.000 15.779  0 150 ALA A C   1 ? 
ATOM   944  O  O   . ALA A 1 111 ? -7.984  2.726   -6.775  1.000 15.504  0 150 ALA A O   1 ? 
ATOM   945  C  CB  . ALA A 1 111 ? -8.691  4.231   -3.988  1.000 14.661  0 150 ALA A CB  1 ? 
ATOM   946  N  N   . GLU A 1 112 ? -9.926  3.862   -6.900  1.000 15.267  0 151 GLU A N   1 ? 
ATOM   947  C  CA  . GLU A 1 112 ? -10.445 2.946   -7.900  1.000 17.239  0 151 GLU A CA  1 ? 
ATOM   948  C  C   . GLU A 1 112 ? -9.626  2.985   -9.182  1.000 15.601  0 151 GLU A C   1 ? 
ATOM   949  O  O   . GLU A 1 112 ? -9.427  1.932   -9.798  1.000 16.018  0 151 GLU A O   1 ? 
ATOM   950  C  CB  . GLU A 1 112 ? -11.889 3.263   -8.231  1.000 19.032  0 151 GLU A CB  1 ? 
ATOM   951  C  CG  . GLU A 1 112 ? -12.787 2.854   -7.087  1.000 23.813  0 151 GLU A CG  1 ? 
ATOM   952  C  CD  . GLU A 1 112 ? -14.237 3.300   -7.159  1.000 32.531  0 151 GLU A CD  1 ? 
ATOM   953  O  OE1 . GLU A 1 112 ? -14.539 4.274   -7.895  1.000 33.591  0 151 GLU A OE1 1 ? 
ATOM   954  O  OE2 . GLU A 1 112 ? -15.062 2.662   -6.476  1.000 38.113  0 151 GLU A OE2 1 ? 
ATOM   955  N  N   . ALA A 1 113 ? -9.138  4.169   -9.573  1.000 15.057  0 152 ALA A N   1 ? 
ATOM   956  C  CA  . ALA A 1 113 ? -8.301  4.222   -10.760 1.000 16.011  0 152 ALA A CA  1 ? 
ATOM   957  C  C   . ALA A 1 113 ? -7.002  3.430   -10.563 1.000 16.282  0 152 ALA A C   1 ? 
ATOM   958  O  O   . ALA A 1 113 ? -6.541  2.706   -11.460 1.000 17.256  0 152 ALA A O   1 ? 
ATOM   959  C  CB  . ALA A 1 113 ? -8.026  5.664   -11.110 1.000 17.233  0 152 ALA A CB  1 ? 
ATOM   960  N  N   . LEU A 1 114 ? -6.381  3.577   -9.378  1.000 15.306  0 153 LEU A N   1 ? 
ATOM   961  C  CA  . LEU A 1 114 ? -5.171  2.834   -9.093  1.000 16.024  0 153 LEU A CA  1 ? 
ATOM   962  C  C   . LEU A 1 114 ? -5.459  1.349   -8.994  1.000 14.873  0 153 LEU A C   1 ? 
ATOM   963  O  O   . LEU A 1 114 ? -4.641  0.565   -9.457  1.000 16.149  0 153 LEU A O   1 ? 
ATOM   964  C  CB  . LEU A 1 114 ? -4.580  3.309   -7.767  1.000 17.226  0 153 LEU A CB  1 ? 
ATOM   965  C  CG  . LEU A 1 114 ? -4.105  4.755   -7.775  1.000 22.125  0 153 LEU A CG  1 ? 
ATOM   966  C  CD1 . LEU A 1 114 ? -3.789  5.240   -6.365  1.000 25.121  0 153 LEU A CD1 1 ? 
ATOM   967  C  CD2 . LEU A 1 114 ? -2.913  4.910   -8.694  1.000 23.706  0 153 LEU A CD2 1 ? 
ATOM   968  N  N   . GLU A 1 115 ? -6.624  0.964   -8.468  1.000 15.463  0 154 GLU A N   1 ? 
ATOM   969  C  CA  . GLU A 1 115 ? -6.885  -0.456  -8.297  1.000 16.977  0 154 GLU A CA  1 ? 
ATOM   970  C  C   . GLU A 1 115 ? -7.128  -1.091  -9.658  1.000 16.010  0 154 GLU A C   1 ? 
ATOM   971  O  O   . GLU A 1 115 ? -6.754  -2.252  -9.856  1.000 15.992  0 154 GLU A O   1 ? 
ATOM   972  C  CB  . GLU A 1 115 ? -8.094  -0.654  -7.385  1.000 16.739  0 154 GLU A CB  1 ? 
ATOM   973  C  CG  . GLU A 1 115 ? -8.287  -2.135  -7.088  1.000 20.420  0 154 GLU A CG  1 ? 
ATOM   974  C  CD  . GLU A 1 115 ? -9.467  -2.422  -6.195  1.000 27.115  0 154 GLU A CD  1 ? 
ATOM   975  O  OE1 . GLU A 1 115 ? -10.371 -1.579  -6.135  1.000 26.355  0 154 GLU A OE1 1 ? 
ATOM   976  O  OE2 . GLU A 1 115 ? -9.471  -3.513  -5.570  1.000 33.653  0 154 GLU A OE2 1 ? 
ATOM   977  N  N   . LYS A 1 116 ? -7.739  -0.349  -10.588 1.000 14.234  0 155 LYS A N   1 ? 
ATOM   978  C  CA  . LYS A 1 116 ? -7.968  -0.890  -11.921 1.000 16.289  0 155 LYS A CA  1 ? 
ATOM   979  C  C   . LYS A 1 116 ? -6.624  -1.188  -12.588 1.000 14.549  0 155 LYS A C   1 ? 
ATOM   980  O  O   . LYS A 1 116 ? -6.449  -2.261  -13.190 1.000 17.743  0 155 LYS A O   1 ? 
ATOM   981  C  CB  . LYS A 1 116 ? -8.738  0.106   -12.780 1.000 17.679  0 155 LYS A CB  1 ? 
ATOM   982  C  CG  . LYS A 1 116 ? -8.951  -0.357  -14.211 1.000 22.685  0 155 LYS A CG  1 ? 
ATOM   983  C  CD  . LYS A 1 116 ? -9.929  0.554   -14.945 1.000 27.354  0 155 LYS A CD  1 ? 
ATOM   984  C  CE  . LYS A 1 116 ? -10.431 -0.073  -16.230 1.000 32.535  0 155 LYS A CE  1 ? 
ATOM   985  N  NZ  . LYS A 1 116 ? -11.335 0.852   -16.952 1.000 45.054  0 155 LYS A NZ  1 ? 
ATOM   986  N  N   . LEU A 1 117 ? -5.621  -0.305  -12.428 1.000 15.457  0 156 LEU A N   1 ? 
ATOM   987  C  CA  . LEU A 1 117 ? -4.305  -0.521  -13.009 1.000 16.589  0 156 LEU A CA  1 ? 
ATOM   988  C  C   . LEU A 1 117 ? -3.688  -1.721  -12.307 1.000 16.678  0 156 LEU A C   1 ? 
ATOM   989  O  O   . LEU A 1 117 ? -2.996  -2.541  -12.934 1.000 16.254  0 156 LEU A O   1 ? 
ATOM   990  C  CB  . LEU A 1 117 ? -3.445  0.730   -12.769 1.000 20.784  0 156 LEU A CB  1 ? 
ATOM   991  C  CG  . LEU A 1 117 ? -2.882  1.469   -13.983 1.000 37.694  0 156 LEU A CG  1 ? 
ATOM   992  C  CD1 . LEU A 1 117 ? -2.494  0.521   -15.106 1.000 33.578  0 156 LEU A CD1 1 ? 
ATOM   993  C  CD2 . LEU A 1 117 ? -3.841  2.536   -14.469 1.000 40.170  0 156 LEU A CD2 1 ? 
ATOM   994  N  N   . PHE A 1 118 ? -3.829  -1.735  -10.977 1.000 14.737  0 157 PHE A N   1 ? 
ATOM   995  C  CA  . PHE A 1 118 ? -3.257  -2.822  -10.196 1.000 16.296  0 157 PHE A CA  1 ? 
ATOM   996  C  C   . PHE A 1 118 ? -3.766  -4.168  -10.691 1.000 15.364  0 157 PHE A C   1 ? 
ATOM   997  O  O   . PHE A 1 118 ? -2.936  -5.070  -10.886 1.000 16.712  0 157 PHE A O   1 ? 
ATOM   998  C  CB  . PHE A 1 118 ? -3.541  -2.591  -8.701  1.000 16.777  0 157 PHE A CB  1 ? 
ATOM   999  C  CG  . PHE A 1 118 ? -3.073  -3.688  -7.770  1.000 17.218  0 157 PHE A CG  1 ? 
ATOM   1000 C  CD1 . PHE A 1 118 ? -1.745  -3.778  -7.395  1.000 17.828  0 157 PHE A CD1 1 ? 
ATOM   1001 C  CD2 . PHE A 1 118 ? -3.980  -4.624  -7.294  1.000 21.369  0 157 PHE A CD2 1 ? 
ATOM   1002 C  CE1 . PHE A 1 118 ? -1.315  -4.802  -6.554  1.000 19.310  0 157 PHE A CE1 1 ? 
ATOM   1003 C  CE2 . PHE A 1 118 ? -3.546  -5.620  -6.425  1.000 22.716  0 157 PHE A CE2 1 ? 
ATOM   1004 C  CZ  . PHE A 1 118 ? -2.235  -5.680  -6.051  1.000 22.285  0 157 PHE A CZ  1 ? 
ATOM   1005 N  N   . LEU A 1 119 ? -5.075  -4.323  -10.855 1.000 16.465  0 158 LEU A N   1 ? 
ATOM   1006 C  CA  . LEU A 1 119 ? -5.643  -5.615  -11.230 1.000 18.476  0 158 LEU A CA  1 ? 
ATOM   1007 C  C   . LEU A 1 119 ? -5.091  -6.043  -12.604 1.000 18.449  0 158 LEU A C   1 ? 
ATOM   1008 O  O   . LEU A 1 119 ? -4.783  -7.226  -12.799 1.000 18.568  0 158 LEU A O   1 ? 
ATOM   1009 C  CB  . LEU A 1 119 ? -7.171  -5.577  -11.169 1.000 20.675  0 158 LEU A CB  1 ? 
ATOM   1010 C  CG  . LEU A 1 119 ? -7.881  -6.890  -11.543 1.000 26.718  0 158 LEU A CG  1 ? 
ATOM   1011 C  CD1 . LEU A 1 119 ? -7.432  -8.008  -10.613 1.000 28.550  0 158 LEU A CD1 1 ? 
ATOM   1012 C  CD2 . LEU A 1 119 ? -9.394  -6.714  -11.493 1.000 30.644  0 158 LEU A CD2 1 ? 
ATOM   1013 N  N   . GLN A 1 120 ? -4.944  -5.091  -13.532 1.000 18.032  0 159 GLN A N   1 ? 
ATOM   1014 C  CA  . GLN A 1 120 ? -4.458  -5.420  -14.877 1.000 21.410  0 159 GLN A CA  1 ? 
ATOM   1015 C  C   . GLN A 1 120 ? -3.047  -6.001  -14.744 1.000 21.162  0 159 GLN A C   1 ? 
ATOM   1016 O  O   . GLN A 1 120 ? -2.722  -7.073  -15.297 1.000 20.708  0 159 GLN A O   1 ? 
ATOM   1017 C  CB  . GLN A 1 120 ? -4.346  -4.150  -15.725 1.000 23.289  0 159 GLN A CB  1 ? 
ATOM   1018 C  CG  . GLN A 1 120 ? -5.624  -3.465  -16.194 1.000 32.370  0 159 GLN A CG  1 ? 
ATOM   1019 C  CD  . GLN A 1 120 ? -5.363  -2.111  -16.828 0.500 32.080  0 159 GLN A CD  1 ? 
ATOM   1020 O  OE1 . GLN A 1 120 ? -4.249  -1.791  -17.256 0.500 35.107  0 159 GLN A OE1 1 ? 
ATOM   1021 N  NE2 . GLN A 1 120 ? -6.400  -1.287  -16.906 0.500 31.647  0 159 GLN A NE2 1 ? 
ATOM   1022 N  N   . LYS A 1 121 ? -2.223  -5.372  -13.903 1.000 19.094  0 160 LYS A N   1 ? 
ATOM   1023 C  CA  . LYS A 1 121 ? -0.842  -5.810  -13.745 1.000 19.583  0 160 LYS A CA  1 ? 
ATOM   1024 C  C   . LYS A 1 121 ? -0.775  -7.137  -12.987 1.000 19.472  0 160 LYS A C   1 ? 
ATOM   1025 O  O   . LYS A 1 121 ? 0.068   -8.005  -13.287 1.000 19.014  0 160 LYS A O   1 ? 
ATOM   1026 C  CB  . LYS A 1 121 ? 0.008   -4.733  -13.049 1.000 21.279  0 160 LYS A CB  1 ? 
ATOM   1027 C  CG  . LYS A 1 121 ? 0.113   -3.376  -13.721 1.000 25.808  0 160 LYS A CG  1 ? 
ATOM   1028 C  CD  . LYS A 1 121 ? 0.417   -3.486  -15.185 1.000 30.637  0 160 LYS A CD  1 ? 
ATOM   1029 C  CE  . LYS A 1 121 ? 0.951   -2.187  -15.735 1.000 36.366  0 160 LYS A CE  1 ? 
ATOM   1030 N  NZ  . LYS A 1 121 ? 1.281   -2.344  -17.169 1.000 37.897  0 160 LYS A NZ  1 ? 
ATOM   1031 N  N   . ILE A 1 122 ? -1.632  -7.341  -11.983 1.000 18.522  0 161 ILE A N   1 ? 
ATOM   1032 C  CA  . ILE A 1 122 ? -1.502  -8.541  -11.176 1.000 20.363  0 161 ILE A CA  1 ? 
ATOM   1033 C  C   . ILE A 1 122 ? -2.012  -9.766  -11.933 1.000 19.729  0 161 ILE A C   1 ? 
ATOM   1034 O  O   . ILE A 1 122 ? -1.569  -10.896 -11.676 1.000 20.167  0 161 ILE A O   1 ? 
ATOM   1035 C  CB  . ILE A 1 122 ? -2.130  -8.303  -9.798  1.000 23.049  0 161 ILE A CB  1 ? 
ATOM   1036 C  CG1 . ILE A 1 122 ? -1.255  -8.895  -8.698  1.000 28.671  0 161 ILE A CG1 1 ? 
ATOM   1037 C  CG2 . ILE A 1 122 ? -3.584  -8.667  -9.689  1.000 26.158  0 161 ILE A CG2 1 ? 
ATOM   1038 C  CD1 . ILE A 1 122 ? 0.006   -8.102  -8.545  1.000 27.029  0 161 ILE A CD1 1 ? 
ATOM   1039 N  N   . ASN A 1 123 ? -2.925  -9.541  -12.901 1.000 19.767  0 162 ASN A N   1 ? 
ATOM   1040 C  CA  . ASN A 1 123 ? -3.394  -10.646 -13.727 1.000 19.971  0 162 ASN A CA  1 ? 
ATOM   1041 C  C   . ASN A 1 123 ? -2.239  -11.222 -14.552 1.000 20.030  0 162 ASN A C   1 ? 
ATOM   1042 O  O   . ASN A 1 123 ? -2.282  -12.399 -14.917 1.000 21.555  0 162 ASN A O   1 ? 
ATOM   1043 C  CB  . ASN A 1 123 ? -4.562  -10.233 -14.626 1.000 21.474  0 162 ASN A CB  1 ? 
ATOM   1044 C  CG  . ASN A 1 123 ? -5.871  -10.197 -13.868 1.000 23.921  0 162 ASN A CG  1 ? 
ATOM   1045 O  OD1 . ASN A 1 123 ? -6.018  -10.805 -12.801 1.000 25.858  0 162 ASN A OD1 1 ? 
ATOM   1046 N  ND2 . ASN A 1 123 ? -6.836  -9.481  -14.410 1.000 26.199  0 162 ASN A ND2 1 ? 
ATOM   1047 N  N   . GLU A 1 124 ? -1.205  -10.406 -14.787 1.000 19.089  0 163 GLU A N   1 ? 
ATOM   1048 C  CA  . GLU A 1 124 ? -0.009  -10.762 -15.544 1.000 20.870  0 163 GLU A CA  1 ? 
ATOM   1049 C  C   . GLU A 1 124 ? 1.193   -11.070 -14.646 1.000 19.820  0 163 GLU A C   1 ? 
ATOM   1050 O  O   . GLU A 1 124 ? 2.311   -11.248 -15.134 1.000 22.063  0 163 GLU A O   1 ? 
ATOM   1051 C  CB  . GLU A 1 124 ? 0.329   -9.634  -16.527 1.000 23.863  0 163 GLU A CB  1 ? 
ATOM   1052 C  CG  . GLU A 1 124 ? -0.656  -9.563  -17.698 1.000 27.294  0 163 GLU A CG  1 ? 
ATOM   1053 C  CD  . GLU A 1 124 ? -0.586  -10.674 -18.746 1.000 31.336  0 163 GLU A CD  1 ? 
ATOM   1054 O  OE1 . GLU A 1 124 ? 0.181   -11.655 -18.560 1.000 32.914  0 163 GLU A OE1 1 ? 
ATOM   1055 O  OE2 . GLU A 1 124 ? -1.324  -10.567 -19.760 1.000 36.767  0 163 GLU A OE2 1 ? 
ATOM   1056 N  N   . LEU A 1 125 ? 0.977   -11.182 -13.332 1.000 18.059  0 164 LEU A N   1 ? 
ATOM   1057 C  CA  . LEU A 1 125 ? 2.075   -11.533 -12.449 1.000 18.978  0 164 LEU A CA  1 ? 
ATOM   1058 C  C   . LEU A 1 125 ? 2.709   -12.808 -13.004 1.000 19.602  0 164 LEU A C   1 ? 
ATOM   1059 O  O   . LEU A 1 125 ? 1.998   -13.781 -13.262 1.000 19.494  0 164 LEU A O   1 ? 
ATOM   1060 C  CB  . LEU A 1 125 ? 1.490   -11.756 -11.051 1.000 21.034  0 164 LEU A CB  1 ? 
ATOM   1061 C  CG  . LEU A 1 125 ? 2.504   -12.092 -9.957  1.000 19.829  0 164 LEU A CG  1 ? 
ATOM   1062 C  CD1 . LEU A 1 125 ? 3.231   -10.814 -9.547  1.000 20.563  0 164 LEU A CD1 1 ? 
ATOM   1063 C  CD2 . LEU A 1 125 ? 1.815   -12.769 -8.771  1.000 21.158  0 164 LEU A CD2 1 ? 
ATOM   1064 N  N   . PRO A 1 126 ? 4.036   -12.844 -13.223 1.000 19.189  0 165 PRO A N   1 ? 
ATOM   1065 C  CA  . PRO A 1 126 ? 4.668   -13.994 -13.851 1.000 20.268  0 165 PRO A CA  1 ? 
ATOM   1066 C  C   . PRO A 1 126 ? 4.693   -15.226 -12.969 1.000 20.631  0 165 PRO A C   1 ? 
ATOM   1067 O  O   . PRO A 1 126 ? 4.693   -15.192 -11.731 1.000 19.506  0 165 PRO A O   1 ? 
ATOM   1068 C  CB  . PRO A 1 126 ? 6.129   -13.562 -14.073 1.000 22.314  0 165 PRO A CB  1 ? 
ATOM   1069 C  CG  . PRO A 1 126 ? 6.351   -12.547 -12.992 1.000 25.433  0 165 PRO A CG  1 ? 
ATOM   1070 C  CD  . PRO A 1 126 ? 5.028   -11.796 -12.923 1.000 21.881  0 165 PRO A CD  1 ? 
ATOM   1071 N  N   . THR A 1 127 ? 4.690   -16.363 -13.678 1.000 22.262  0 166 THR A N   1 ? 
ATOM   1072 C  CA  . THR A 1 127 ? 4.881   -17.636 -13.021 1.000 22.303  0 166 THR A CA  1 ? 
ATOM   1073 C  C   . THR A 1 127 ? 6.145   -17.552 -12.167 1.000 23.184  0 166 THR A C   1 ? 
ATOM   1074 O  O   . THR A 1 127 ? 7.145   -16.993 -12.621 1.000 25.215  0 166 THR A O   1 ? 
ATOM   1075 C  CB  . THR A 1 127 ? 5.025   -18.746 -14.070 1.000 25.974  0 166 THR A CB  1 ? 
ATOM   1076 O  OG1 . THR A 1 127 ? 3.936   -18.582 -14.989 1.000 27.555  0 166 THR A OG1 1 ? 
ATOM   1077 C  CG2 . THR A 1 127 ? 4.983   -20.112 -13.423 1.000 28.729  0 166 THR A CG2 1 ? 
ATOM   1078 N  N   . GLU A 1 128 ? 6.038   -18.052 -10.931 1.000 24.482  0 167 GLU A N   1 ? 
ATOM   1079 C  CA  . GLU A 1 128 ? 7.208   -18.079 -10.067 1.000 28.508  0 167 GLU A CA  1 ? 
ATOM   1080 C  C   . GLU A 1 128 ? 8.280   -18.944 -10.726 1.000 34.127  0 167 GLU A C   1 ? 
ATOM   1081 O  O   . GLU A 1 128 ? 8.029   -20.090 -11.079 1.000 34.551  0 167 GLU A O   1 ? 
ATOM   1082 C  CB  . GLU A 1 128 ? 6.815   -18.570 -8.673  1.000 33.289  0 167 GLU A CB  1 ? 
ATOM   1083 C  CG  . GLU A 1 128 ? 7.995   -18.652 -7.725  1.000 40.159  0 167 GLU A CG  1 ? 
ATOM   1084 C  CD  . GLU A 1 128 ? 7.562   -18.577 -6.275  1.000 45.943  0 167 GLU A CD  1 ? 
ATOM   1085 O  OE1 . GLU A 1 128 ? 6.603   -19.287 -5.931  1.000 47.554  0 167 GLU A OE1 1 ? 
ATOM   1086 O  OE2 . GLU A 1 128 ? 8.157   -17.788 -5.504  1.000 50.926  0 167 GLU A OE2 1 ? 
ATOM   1087 N  N   . GLU A 1 129 ? 9.471   -18.363 -10.937 1.000 39.803  0 168 GLU A N   1 ? 
ATOM   1088 C  CA  . GLU A 1 129 ? 10.530  -19.096 -11.613 1.000 48.246  0 168 GLU A CA  1 ? 
ATOM   1089 C  C   . GLU A 1 129 ? 11.508  -19.607 -10.554 1.000 57.498  0 168 GLU A C   1 ? 
ATOM   1090 O  O   . GLU A 1 129 ? 11.456  -19.171 -9.399  1.000 59.917  0 168 GLU A O   1 ? 
ATOM   1091 C  CB  . GLU A 1 129 ? 11.216  -18.243 -12.684 1.000 52.801  0 168 GLU A CB  1 ? 
ATOM   1092 C  CG  . GLU A 1 129 ? 12.175  -17.215 -12.110 1.000 60.492  0 168 GLU A CG  1 ? 
ATOM   1093 C  CD  . GLU A 1 129 ? 12.939  -16.368 -13.113 1.000 65.782  0 168 GLU A CD  1 ? 
ATOM   1094 O  OE1 . GLU A 1 129 ? 12.309  -15.842 -14.054 1.000 69.925  0 168 GLU A OE1 1 ? 
ATOM   1095 O  OE2 . GLU A 1 129 ? 14.168  -16.217 -12.936 1.000 70.967  0 168 GLU A OE2 1 ? 
ATOM   1096 O  OXT . GLU A 1 129 ? 12.345  -20.459 -10.851 1.000 62.262  0 168 GLU A OXT 1 ? 
HETATM 1097 C  C1  . GOL B 2 .   ? -10.047 -1.878  9.406   1.000 35.334  0 301 GOL A C1  1 ? 
HETATM 1098 O  O1  . GOL B 2 .   ? -9.774  -1.962  10.796  1.000 30.843  0 301 GOL A O1  1 ? 
HETATM 1099 C  C2  . GOL B 2 .   ? -8.892  -2.435  8.616   1.000 37.649  0 301 GOL A C2  1 ? 
HETATM 1100 O  O2  . GOL B 2 .   ? -7.877  -1.440  8.475   1.000 27.384  0 301 GOL A O2  1 ? 
HETATM 1101 C  C3  . GOL B 2 .   ? -9.310  -2.961  7.260   1.000 47.542  0 301 GOL A C3  1 ? 
HETATM 1102 O  O3  . GOL B 2 .   ? -9.862  -1.926  6.446   1.000 59.207  0 301 GOL A O3  1 ? 
HETATM 1103 C  C4  . IJR C 3 .   ? -8.060  9.896   4.880   1.000 22.356  0 302 IJR A C4  1 ? 
HETATM 1104 C  C5  . IJR C 3 .   ? -8.390  11.279  2.806   1.000 32.005  0 302 IJR A C5  1 ? 
HETATM 1105 C  C6  . IJR C 3 .   ? -10.457 12.390  1.841   1.000 57.032  0 302 IJR A C6  1 ? 
HETATM 1106 C  C7  . IJR C 3 .   ? -11.595 13.112  2.638   1.000 78.137  0 302 IJR A C7  1 ? 
HETATM 1107 C  C8  . IJR C 3 .   ? -12.462 14.112  3.434   1.000 95.509  0 302 IJR A C8  1 ? 
HETATM 1108 N  N1  . IJR C 3 .   ? -7.012  9.195   2.764   1.000 22.557  0 302 IJR A N1  1 ? 
HETATM 1109 N  N2  . IJR C 3 .   ? -9.639  11.731  2.907   1.000 45.630  0 302 IJR A N2  1 ? 
HETATM 1110 C  C3  . IJR C 3 .   ? -8.160  9.870   3.359   1.000 25.038  0 302 IJR A C3  1 ? 
HETATM 1111 C  C1  . IJR C 3 .   ? -5.847  7.243   1.945   1.000 21.996  0 302 IJR A C1  1 ? 
HETATM 1112 C  C2  . IJR C 3 .   ? -7.081  7.894   2.498   1.000 22.789  0 302 IJR A C2  1 ? 
HETATM 1113 O  O1  . IJR C 3 .   ? -8.130  7.271   2.701   1.000 21.431  0 302 IJR A O1  1 ? 
HETATM 1114 O  O2  . IJR C 3 .   ? -7.471  11.907  2.300   1.000 34.412  0 302 IJR A O2  1 ? 
HETATM 1115 BR BR1 . IJR C 3 .   ? -13.394 13.709  5.201   1.000 135.925 0 302 IJR A BR1 1 ? 
HETATM 1116 O  O   . HOH D 4 .   ? 5.010   -13.214 4.431   1.000 31.079  0 401 HOH A O   1 ? 
HETATM 1117 O  O   . HOH D 4 .   ? -5.909  -9.807  0.456   1.000 36.965  0 402 HOH A O   1 ? 
HETATM 1118 O  O   . HOH D 4 .   ? 12.457  2.507   -0.294  1.000 41.761  0 403 HOH A O   1 ? 
HETATM 1119 O  O   . HOH D 4 .   ? 17.376  0.288   4.553   1.000 44.574  0 404 HOH A O   1 ? 
HETATM 1120 O  O   . HOH D 4 .   ? -8.703  -3.347  4.980   1.000 30.290  0 405 HOH A O   1 ? 
HETATM 1121 O  O   . HOH D 4 .   ? -4.605  -10.040 -1.383  1.000 38.237  0 406 HOH A O   1 ? 
HETATM 1122 O  O   . HOH D 4 .   ? 3.055   -16.315 -5.719  1.000 43.684  0 407 HOH A O   1 ? 
HETATM 1123 O  O   . HOH D 4 .   ? -15.376 8.963   9.860   1.000 31.201  0 408 HOH A O   1 ? 
HETATM 1124 O  O   . HOH D 4 .   ? -14.424 4.884   -10.311 1.000 45.930  0 409 HOH A O   1 ? 
HETATM 1125 O  O   . HOH D 4 .   ? 6.360   -17.461 -3.775  1.000 28.522  0 410 HOH A O   1 ? 
HETATM 1126 O  O   . HOH D 4 .   ? 6.969   5.212   -10.938 1.000 40.243  0 411 HOH A O   1 ? 
HETATM 1127 O  O   . HOH D 4 .   ? 9.042   -13.931 6.228   1.000 28.830  0 412 HOH A O   1 ? 
HETATM 1128 O  O   . HOH D 4 .   ? 6.269   5.990   3.659   1.000 43.437  0 413 HOH A O   1 ? 
HETATM 1129 O  O   . HOH D 4 .   ? 15.139  -2.702  12.237  1.000 43.069  0 414 HOH A O   1 ? 
HETATM 1130 O  O   . HOH D 4 .   ? -11.279 20.024  9.432   1.000 47.856  0 415 HOH A O   1 ? 
HETATM 1131 O  O   . HOH D 4 .   ? 8.135   -22.581 -11.760 1.000 55.542  0 416 HOH A O   1 ? 
HETATM 1132 O  O   . HOH D 4 .   ? -4.137  10.145  14.532  1.000 25.680  0 417 HOH A O   1 ? 
HETATM 1133 O  O   . HOH D 4 .   ? -15.016 15.812  -7.738  1.000 22.031  0 418 HOH A O   1 ? 
HETATM 1134 O  O   . HOH D 4 .   ? 2.447   10.569  6.571   1.000 24.389  0 419 HOH A O   1 ? 
HETATM 1135 O  O   . HOH D 4 .   ? 2.636   -6.893  -17.120 1.000 30.894  0 420 HOH A O   1 ? 
HETATM 1136 O  O   . HOH D 4 .   ? 3.176   -11.941 -17.504 1.000 39.120  0 421 HOH A O   1 ? 
HETATM 1137 O  O   . HOH D 4 .   ? -7.714  4.766   3.853   1.000 18.078  0 422 HOH A O   1 ? 
HETATM 1138 O  O   . HOH D 4 .   ? -3.394  20.712  9.305   1.000 31.527  0 423 HOH A O   1 ? 
HETATM 1139 O  O   . HOH D 4 .   ? -10.710 16.376  -3.308  1.000 36.221  0 424 HOH A O   1 ? 
HETATM 1140 O  O   . HOH D 4 .   ? 13.055  0.717   7.477   1.000 45.284  0 425 HOH A O   1 ? 
HETATM 1141 O  O   . HOH D 4 .   ? 8.130   -16.989 -15.104 1.000 35.104  0 426 HOH A O   1 ? 
HETATM 1142 O  O   . HOH D 4 .   ? -0.922  -1.674  9.583   1.000 28.585  0 427 HOH A O   1 ? 
HETATM 1143 O  O   . HOH D 4 .   ? 0.543   2.482   11.184  1.000 19.939  0 428 HOH A O   1 ? 
HETATM 1144 O  O   . HOH D 4 .   ? 7.350   -13.628 6.248   1.000 26.899  0 429 HOH A O   1 ? 
HETATM 1145 O  O   . HOH D 4 .   ? -3.339  4.540   2.436   1.000 23.936  0 430 HOH A O   1 ? 
HETATM 1146 O  O   . HOH D 4 .   ? -0.007  -13.904 -20.040 1.000 39.577  0 431 HOH A O   1 ? 
HETATM 1147 O  O   . HOH D 4 .   ? -16.454 3.751   -0.116  1.000 24.277  0 432 HOH A O   1 ? 
HETATM 1148 O  O   . HOH D 4 .   ? -6.629  19.746  7.499   1.000 39.033  0 433 HOH A O   1 ? 
HETATM 1149 O  O   . HOH D 4 .   ? 7.142   1.310   12.807  1.000 37.238  0 434 HOH A O   1 ? 
HETATM 1150 O  O   . HOH D 4 .   ? -16.172 3.682   7.964   1.000 31.143  0 435 HOH A O   1 ? 
HETATM 1151 O  O   . HOH D 4 .   ? -13.431 -0.398  10.477  1.000 43.458  0 436 HOH A O   1 ? 
HETATM 1152 O  O   . HOH D 4 .   ? 2.942   11.965  12.147  1.000 50.146  0 437 HOH A O   1 ? 
HETATM 1153 O  O   . HOH D 4 .   ? 2.906   12.515  -1.884  1.000 28.073  0 438 HOH A O   1 ? 
HETATM 1154 O  O   . HOH D 4 .   ? -13.453 0.873   15.368  1.000 45.825  0 439 HOH A O   1 ? 
HETATM 1155 O  O   . HOH D 4 .   ? -1.656  -5.773  4.807   1.000 30.745  0 440 HOH A O   1 ? 
HETATM 1156 O  O   . HOH D 4 .   ? -5.729  3.501   2.303   1.000 19.608  0 441 HOH A O   1 ? 
HETATM 1157 O  O   . HOH D 4 .   ? -4.415  3.234   5.277   1.000 23.321  0 442 HOH A O   1 ? 
HETATM 1158 O  O   . HOH D 4 .   ? 17.263  -13.515 14.602  1.000 40.989  0 443 HOH A O   1 ? 
HETATM 1159 O  O   . HOH D 4 .   ? -16.215 13.079  -5.868  1.000 35.211  0 444 HOH A O   1 ? 
HETATM 1160 O  O   . HOH D 4 .   ? 2.265   -20.760 -15.351 1.000 31.684  0 445 HOH A O   1 ? 
HETATM 1161 O  O   . HOH D 4 .   ? 6.565   -14.852 -4.813  1.000 19.119  0 446 HOH A O   1 ? 
HETATM 1162 O  O   . HOH D 4 .   ? 10.323  -10.429 -12.657 1.000 29.898  0 447 HOH A O   1 ? 
HETATM 1163 O  O   . HOH D 4 .   ? -8.258  -6.285  1.843   1.000 36.409  0 448 HOH A O   1 ? 
HETATM 1164 O  O   . HOH D 4 .   ? -17.586 3.837   3.446   1.000 42.054  0 449 HOH A O   1 ? 
HETATM 1165 O  O   . HOH D 4 .   ? -11.296 -0.152  -9.743  1.000 23.644  0 450 HOH A O   1 ? 
HETATM 1166 O  O   . HOH D 4 .   ? 4.138   8.108   12.922  1.000 37.430  0 451 HOH A O   1 ? 
HETATM 1167 O  O   . HOH D 4 .   ? 3.636   -19.146 -9.988  1.000 33.195  0 452 HOH A O   1 ? 
HETATM 1168 O  O   . HOH D 4 .   ? 8.512   1.708   9.090   1.000 33.141  0 453 HOH A O   1 ? 
HETATM 1169 O  O   . HOH D 4 .   ? -8.456  -3.858  -14.338 1.000 27.077  0 454 HOH A O   1 ? 
HETATM 1170 O  O   . HOH D 4 .   ? -1.276  10.160  3.074   1.000 25.630  0 455 HOH A O   1 ? 
HETATM 1171 O  O   . HOH D 4 .   ? 0.635   8.822   10.275  1.000 20.838  0 456 HOH A O   1 ? 
HETATM 1172 O  O   . HOH D 4 .   ? 2.357   10.450  -8.907  1.000 29.256  0 457 HOH A O   1 ? 
HETATM 1173 O  O   . HOH D 4 .   ? -4.192  10.349  2.318   1.000 24.147  0 458 HOH A O   1 ? 
HETATM 1174 O  O   . HOH D 4 .   ? -6.388  5.707   -14.725 1.000 43.644  0 459 HOH A O   1 ? 
HETATM 1175 O  O   . HOH D 4 .   ? -14.787 14.357  -2.751  1.000 33.151  0 460 HOH A O   1 ? 
HETATM 1176 O  O   . HOH D 4 .   ? 1.764   6.285   10.642  1.000 19.879  0 461 HOH A O   1 ? 
HETATM 1177 O  O   . HOH D 4 .   ? -2.216  6.875   2.342   1.000 19.960  0 462 HOH A O   1 ? 
HETATM 1178 O  O   . HOH D 4 .   ? 1.484   8.664   -15.184 1.000 30.893  0 463 HOH A O   1 ? 
HETATM 1179 O  O   . HOH D 4 .   ? 8.706   5.085   0.319   1.000 30.931  0 464 HOH A O   1 ? 
HETATM 1180 O  O   . HOH D 4 .   ? 3.987   11.201  -12.024 1.000 33.818  0 465 HOH A O   1 ? 
HETATM 1181 O  O   . HOH D 4 .   ? -6.520  14.397  14.140  1.000 29.913  0 466 HOH A O   1 ? 
HETATM 1182 O  O   . HOH D 4 .   ? -6.646  8.896   14.117  1.000 24.143  0 467 HOH A O   1 ? 
HETATM 1183 O  O   . HOH D 4 .   ? -12.654 12.388  12.584  1.000 31.794  0 468 HOH A O   1 ? 
HETATM 1184 O  O   . HOH D 4 .   ? 8.120   10.416  -5.918  1.000 43.978  0 469 HOH A O   1 ? 
HETATM 1185 O  O   . HOH D 4 .   ? 9.850   0.898   -8.984  1.000 35.653  0 470 HOH A O   1 ? 
HETATM 1186 O  O   . HOH D 4 .   ? 4.274   -8.954  5.451   1.000 32.125  0 471 HOH A O   1 ? 
HETATM 1187 O  O   . HOH D 4 .   ? -1.935  9.194   -14.593 1.000 27.738  0 472 HOH A O   1 ? 
HETATM 1188 O  O   . HOH D 4 .   ? 0.038   3.306   6.605   1.000 19.949  0 473 HOH A O   1 ? 
HETATM 1189 O  O   . HOH D 4 .   ? -12.066 5.878   -10.869 1.000 31.614  0 474 HOH A O   1 ? 
HETATM 1190 O  O   . HOH D 4 .   ? 13.183  -5.109  5.320   1.000 23.598  0 475 HOH A O   1 ? 
HETATM 1191 O  O   . HOH D 4 .   ? -7.136  3.394   -14.184 1.000 25.886  0 476 HOH A O   1 ? 
HETATM 1192 O  O   . HOH D 4 .   ? 1.881   -8.200  4.234   1.000 26.148  0 477 HOH A O   1 ? 
HETATM 1193 O  O   . HOH D 4 .   ? 15.817  -10.434 0.432   1.000 36.058  0 478 HOH A O   1 ? 
HETATM 1194 O  O   . HOH D 4 .   ? -2.474  -4.082  -17.319 1.000 36.169  0 479 HOH A O   1 ? 
HETATM 1195 O  O   . HOH D 4 .   ? 10.426  -0.804  10.667  1.000 29.104  0 480 HOH A O   1 ? 
HETATM 1196 O  O   . HOH D 4 .   ? 4.007   10.456  13.676  1.000 35.254  0 481 HOH A O   1 ? 
HETATM 1197 O  O   . HOH D 4 .   ? 1.859   -5.511  7.630   1.000 40.452  0 482 HOH A O   1 ? 
HETATM 1198 O  O   . HOH D 4 .   ? 4.848   11.232  -7.539  1.000 36.317  0 483 HOH A O   1 ? 
HETATM 1199 O  O   . HOH D 4 .   ? 7.721   -9.234  11.915  1.000 38.454  0 484 HOH A O   1 ? 
HETATM 1200 O  O   . HOH D 4 .   ? 0.381   -10.561 -22.154 1.000 56.368  0 485 HOH A O   1 ? 
HETATM 1201 O  O   . HOH D 4 .   ? 5.186   -18.422 -17.646 1.000 41.288  0 486 HOH A O   1 ? 
HETATM 1202 O  O   . HOH D 4 .   ? -1.962  4.979   5.970   1.000 24.947  0 487 HOH A O   1 ? 
HETATM 1203 O  O   . HOH D 4 .   ? 7.679   -20.529 0.520   1.000 21.263  0 488 HOH A O   1 ? 
HETATM 1204 O  O   . HOH D 4 .   ? -12.089 12.712  -0.992  1.000 23.769  0 489 HOH A O   1 ? 
HETATM 1205 O  O   . HOH D 4 .   ? 6.245   4.411   5.580   1.000 47.416  0 490 HOH A O   1 ? 
HETATM 1206 O  O   . HOH D 4 .   ? 9.506   -12.980 -14.134 1.000 37.439  0 491 HOH A O   1 ? 
HETATM 1207 O  O   . HOH D 4 .   ? 4.048   -12.875 6.710   1.000 45.670  0 492 HOH A O   1 ? 
HETATM 1208 O  O   . HOH D 4 .   ? 4.717   -8.651  8.192   1.000 36.392  0 493 HOH A O   1 ? 
HETATM 1209 O  O   . HOH D 4 .   ? 2.882   -0.360  13.173  1.000 21.626  0 494 HOH A O   1 ? 
HETATM 1210 O  O   . HOH D 4 .   ? 3.065   -15.646 -3.057  1.000 23.483  0 495 HOH A O   1 ? 
HETATM 1211 O  O   . HOH D 4 .   ? -7.072  10.939  17.518  1.000 34.481  0 496 HOH A O   1 ? 
HETATM 1212 O  O   . HOH D 4 .   ? 1.710   -16.020 2.155   1.000 29.972  0 497 HOH A O   1 ? 
HETATM 1213 O  O   . HOH D 4 .   ? 0.236   11.862  -7.847  1.000 23.832  0 498 HOH A O   1 ? 
HETATM 1214 O  O   . HOH D 4 .   ? 13.645  -6.795  15.547  1.000 36.801  0 499 HOH A O   1 ? 
HETATM 1215 O  O   . HOH D 4 .   ? 12.109  -16.486 -8.104  1.000 29.526  0 500 HOH A O   1 ? 
HETATM 1216 O  O   . HOH D 4 .   ? -9.757  -9.436  -13.572 1.000 40.655  0 501 HOH A O   1 ? 
HETATM 1217 O  O   . HOH D 4 .   ? -14.092 11.432  7.458   1.000 40.878  0 502 HOH A O   1 ? 
HETATM 1218 O  O   . HOH D 4 .   ? 3.924   -1.432  -18.367 1.000 32.683  0 503 HOH A O   1 ? 
HETATM 1219 O  O   . HOH D 4 .   ? -11.240 17.385  8.293   1.000 45.846  0 504 HOH A O   1 ? 
HETATM 1220 O  O   . HOH D 4 .   ? -1.711  12.113  4.685   1.000 27.332  0 505 HOH A O   1 ? 
HETATM 1221 O  O   . HOH D 4 .   ? 16.684  -14.472 -1.746  1.000 29.438  0 506 HOH A O   1 ? 
HETATM 1222 O  O   . HOH D 4 .   ? -5.495  -11.165 -3.718  1.000 38.753  0 507 HOH A O   1 ? 
HETATM 1223 O  O   . HOH D 4 .   ? -2.458  0.546   -18.282 1.000 35.720  0 508 HOH A O   1 ? 
HETATM 1224 O  O   . HOH D 4 .   ? 0.134   4.468   9.359   1.000 20.135  0 509 HOH A O   1 ? 
HETATM 1225 O  O   . HOH D 4 .   ? -6.461  1.813   -16.446 1.000 33.182  0 510 HOH A O   1 ? 
HETATM 1226 O  O   . HOH D 4 .   ? -5.612  -8.796  -5.795  1.000 30.721  0 511 HOH A O   1 ? 
HETATM 1227 O  O   . HOH D 4 .   ? -9.591  14.746  3.888   1.000 46.580  0 512 HOH A O   1 ? 
HETATM 1228 O  O   . HOH D 4 .   ? -8.820  -4.679  -2.325  1.000 42.056  0 513 HOH A O   1 ? 
HETATM 1229 O  O   . HOH D 4 .   ? -2.502  -12.678 2.112   1.000 39.771  0 514 HOH A O   1 ? 
HETATM 1230 O  O   . HOH D 4 .   ? -0.095  0.639   -17.131 1.000 47.222  0 515 HOH A O   1 ? 
HETATM 1231 O  O   . HOH D 4 .   ? 3.507   -3.964  10.546  1.000 32.156  0 516 HOH A O   1 ? 
HETATM 1232 O  O   . HOH D 4 .   ? 6.472   -3.081  14.126  1.000 26.517  0 517 HOH A O   1 ? 
HETATM 1233 O  O   . HOH D 4 .   ? -2.751  -5.925  -18.397 1.000 44.122  0 518 HOH A O   1 ? 
HETATM 1234 O  O   . HOH D 4 .   ? 3.510   -6.191  9.655   1.000 60.512  0 519 HOH A O   1 ? 
HETATM 1235 O  O   . HOH D 4 .   ? -1.841  15.510  -9.062  1.000 50.354  0 520 HOH A O   1 ? 
HETATM 1236 O  O   . HOH D 4 .   ? -9.287  16.193  5.135   1.000 27.263  0 521 HOH A O   1 ? 
HETATM 1237 O  O   . HOH D 4 .   ? 7.384   -20.857 -2.353  1.000 46.935  0 522 HOH A O   1 ? 
HETATM 1238 O  O   . HOH D 4 .   ? 11.214  3.637   6.726   1.000 59.502  0 523 HOH A O   1 ? 
HETATM 1239 O  O   . HOH D 4 .   ? -10.193 4.081   -16.867 1.000 40.717  0 524 HOH A O   1 ? 
HETATM 1240 O  O   . HOH D 4 .   ? -0.019  -13.397 2.236   1.000 43.224  0 525 HOH A O   1 ? 
HETATM 1241 O  O   . HOH D 4 .   ? -15.448 11.576  14.180  1.000 50.267  0 526 HOH A O   1 ? 
HETATM 1242 O  O   . HOH D 4 .   ? -8.061  -6.260  -15.121 1.000 37.620  0 527 HOH A O   1 ? 
HETATM 1243 O  O   . HOH D 4 .   ? 5.564   6.134   16.767  1.000 35.349  0 528 HOH A O   1 ? 
HETATM 1244 O  O   . HOH D 4 .   ? 3.266   7.208   19.215  1.000 48.907  0 529 HOH A O   1 ? 
HETATM 1245 O  O   . HOH D 4 .   ? -5.440  -5.004  13.984  1.000 49.347  0 530 HOH A O   1 ? 
HETATM 1246 O  O   . HOH D 4 .   ? 7.991   3.806   7.222   1.000 47.272  0 531 HOH A O   1 ? 
HETATM 1247 O  O   . HOH D 4 .   ? 17.207  -12.228 0.855   1.000 44.742  0 532 HOH A O   1 ? 
HETATM 1248 O  O   . HOH D 4 .   ? 9.599   -1.963  13.553  1.000 43.236  0 533 HOH A O   1 ? 
HETATM 1249 O  O   . HOH D 4 .   ? -11.308 3.710   -12.497 1.000 30.252  0 534 HOH A O   1 ? 
HETATM 1250 O  O   . HOH D 4 .   ? 11.837  1.242   10.361  1.000 49.348  0 535 HOH A O   1 ? 
HETATM 1251 O  O   . HOH D 4 .   ? 9.295   -21.794 -6.151  1.000 49.057  0 536 HOH A O   1 ? 
HETATM 1252 O  O   . HOH D 4 .   ? -10.563 -2.738  -10.459 1.000 27.371  0 537 HOH A O   1 ? 
HETATM 1253 O  O   . HOH D 4 .   ? 4.243   -18.747 -2.013  1.000 34.116  0 538 HOH A O   1 ? 
HETATM 1254 O  O   . HOH D 4 .   ? 2.399   14.317  2.509   1.000 46.881  0 539 HOH A O   1 ? 
HETATM 1255 O  O   . HOH D 4 .   ? 11.283  4.896   0.095   1.000 54.141  0 540 HOH A O   1 ? 
HETATM 1256 O  O   . HOH D 4 .   ? -12.678 0.910   -11.776 1.000 32.543  0 541 HOH A O   1 ? 
HETATM 1257 O  O   . HOH D 4 .   ? -5.443  12.471  15.729  1.000 28.780  0 542 HOH A O   1 ? 
HETATM 1258 O  O   . HOH D 4 .   ? -2.243  -8.905  5.222   1.000 50.168  0 543 HOH A O   1 ? 
HETATM 1259 O  O   . HOH D 4 .   ? -11.946 16.291  6.239   1.000 69.627  0 544 HOH A O   1 ? 
HETATM 1260 O  O   . HOH D 4 .   ? 4.089   7.665   9.903   1.000 31.308  0 545 HOH A O   1 ? 
HETATM 1261 O  O   . HOH D 4 .   ? 3.664   -9.152  -18.506 1.000 47.810  0 546 HOH A O   1 ? 
HETATM 1262 O  O   . HOH D 4 .   ? 2.578   10.311  9.269   1.000 29.349  0 547 HOH A O   1 ? 
HETATM 1263 O  O   . HOH D 4 .   ? -0.844  -5.247  7.504   1.000 40.530  0 548 HOH A O   1 ? 
HETATM 1264 O  O   . HOH D 4 .   ? 5.299   11.133  -14.375 1.000 30.070  0 549 HOH A O   1 ? 
HETATM 1265 O  O   . HOH D 4 .   ? 5.569   9.401   5.733   1.000 63.404  0 550 HOH A O   1 ? 
HETATM 1266 O  O   . HOH D 4 .   ? -9.745  4.246   -14.223 1.000 33.048  0 551 HOH A O   1 ? 
HETATM 1267 O  O   . HOH D 4 .   ? -3.037  13.507  1.819   1.000 14.232  0 552 HOH A O   1 ? 
HETATM 1268 O  O   . HOH D 4 .   ? -7.336  -4.831  -19.605 1.000 46.754  0 553 HOH A O   1 ? 
HETATM 1269 O  O   . HOH D 4 .   ? 8.591   4.063   -7.752  1.000 51.109  0 554 HOH A O   1 ? 
HETATM 1270 O  O   . HOH D 4 .   ? 1.105   -14.795 3.950   1.000 39.564  0 555 HOH A O   1 ? 
HETATM 1271 O  O   . HOH D 4 .   ? -12.098 10.189  -11.782 1.000 33.775  0 556 HOH A O   1 ? 
HETATM 1272 O  O   . HOH D 4 .   ? 6.113   7.264   8.448   1.000 39.425  0 557 HOH A O   1 ? 
HETATM 1273 O  O   . HOH D 4 .   ? -9.775  7.251   -13.874 1.000 36.789  0 558 HOH A O   1 ? 
# 
